data_2K0M
#
_entry.id   2K0M
#
_entity_poly.entity_id   1
_entity_poly.type   'polypeptide(L)'
_entity_poly.pdbx_seq_one_letter_code
;MAKAQPIEIAGHEFARKADALAFMKVMLNRYRPGDIVSTVDGAFLVEALKRHPDATSKIGPGVRNFEVRSADYGTQCFWI
LRTDGSEERFSYKKCVLEHHHHHH
;
_entity_poly.pdbx_strand_id   A
#
# COMPACT_ATOMS: atom_id res chain seq x y z
N MET A 1 7.03 2.32 25.04
CA MET A 1 5.72 2.99 24.85
C MET A 1 5.89 4.32 24.10
N ALA A 2 6.31 5.36 24.83
CA ALA A 2 6.56 6.67 24.23
C ALA A 2 7.95 6.74 23.59
N LYS A 3 8.11 6.06 22.46
CA LYS A 3 9.39 6.00 21.75
C LYS A 3 9.19 6.07 20.23
N ALA A 4 9.89 7.00 19.58
CA ALA A 4 9.83 7.12 18.11
C ALA A 4 10.66 6.01 17.44
N GLN A 5 10.02 4.88 17.17
CA GLN A 5 10.69 3.76 16.50
C GLN A 5 10.57 3.87 14.96
N PRO A 6 11.41 3.13 14.21
CA PRO A 6 11.32 3.09 12.74
C PRO A 6 10.00 2.48 12.24
N ILE A 7 9.61 2.84 11.02
CA ILE A 7 8.34 2.39 10.46
C ILE A 7 8.40 0.91 10.05
N GLU A 8 7.79 0.05 10.87
CA GLU A 8 7.78 -1.38 10.59
C GLU A 8 6.56 -1.80 9.76
N ILE A 9 6.81 -2.43 8.62
CA ILE A 9 5.76 -3.01 7.78
C ILE A 9 6.15 -4.44 7.35
N ALA A 10 5.40 -5.43 7.85
CA ALA A 10 5.66 -6.84 7.53
C ALA A 10 7.05 -7.29 7.98
N GLY A 11 7.57 -6.66 9.03
CA GLY A 11 8.91 -6.95 9.52
C GLY A 11 9.97 -5.99 9.00
N HIS A 12 9.68 -5.34 7.87
CA HIS A 12 10.63 -4.39 7.26
C HIS A 12 10.65 -3.08 8.05
N GLU A 13 11.81 -2.73 8.62
CA GLU A 13 11.95 -1.53 9.43
C GLU A 13 12.57 -0.37 8.63
N PHE A 14 11.73 0.59 8.24
CA PHE A 14 12.19 1.76 7.49
C PHE A 14 12.52 2.94 8.43
N ALA A 15 13.65 3.60 8.19
CA ALA A 15 14.12 4.66 9.08
C ALA A 15 13.40 6.01 8.84
N ARG A 16 12.38 6.01 7.98
CA ARG A 16 11.65 7.25 7.66
C ARG A 16 10.31 6.94 6.99
N LYS A 17 9.31 7.82 7.19
CA LYS A 17 8.01 7.68 6.52
C LYS A 17 8.16 7.70 4.99
N ALA A 18 8.97 8.64 4.48
CA ALA A 18 9.26 8.74 3.04
C ALA A 18 10.09 7.53 2.56
N ASP A 19 10.82 6.90 3.48
CA ASP A 19 11.62 5.71 3.16
C ASP A 19 10.72 4.51 2.85
N ALA A 20 9.66 4.35 3.64
CA ALA A 20 8.64 3.31 3.40
C ALA A 20 7.94 3.51 2.05
N LEU A 21 7.64 4.77 1.72
CA LEU A 21 7.02 5.12 0.44
C LEU A 21 7.94 4.76 -0.75
N ALA A 22 9.23 5.04 -0.59
CA ALA A 22 10.22 4.76 -1.63
C ALA A 22 10.17 3.29 -2.07
N PHE A 23 10.22 2.37 -1.10
CA PHE A 23 10.17 0.93 -1.38
C PHE A 23 8.96 0.57 -2.26
N MET A 24 7.78 1.07 -1.88
CA MET A 24 6.55 0.81 -2.62
C MET A 24 6.60 1.42 -4.03
N LYS A 25 7.13 2.64 -4.15
CA LYS A 25 7.24 3.30 -5.45
C LYS A 25 8.18 2.54 -6.41
N VAL A 26 9.27 1.99 -5.85
CA VAL A 26 10.24 1.22 -6.66
C VAL A 26 9.57 0.04 -7.38
N MET A 27 8.97 -0.86 -6.61
CA MET A 27 8.27 -2.01 -7.20
C MET A 27 7.09 -1.55 -8.08
N LEU A 28 6.35 -0.54 -7.61
CA LEU A 28 5.23 0.03 -8.38
C LEU A 28 5.66 0.42 -9.81
N ASN A 29 6.75 1.17 -9.89
CA ASN A 29 7.29 1.62 -11.19
C ASN A 29 7.83 0.44 -12.03
N ARG A 30 8.08 -0.69 -11.37
CA ARG A 30 8.59 -1.89 -12.04
C ARG A 30 7.45 -2.75 -12.63
N TYR A 31 6.20 -2.40 -12.32
CA TYR A 31 5.04 -3.07 -12.91
C TYR A 31 4.32 -2.17 -13.92
N ARG A 32 3.48 -2.76 -14.76
CA ARG A 32 2.71 -2.01 -15.77
C ARG A 32 1.23 -1.92 -15.34
N PRO A 33 0.43 -1.00 -15.94
CA PRO A 33 -0.98 -0.78 -15.54
C PRO A 33 -1.94 -1.97 -15.81
N GLY A 34 -1.39 -3.17 -16.00
CA GLY A 34 -2.24 -4.35 -16.20
C GLY A 34 -1.60 -5.64 -15.67
N ASP A 35 -0.54 -5.51 -14.88
CA ASP A 35 0.20 -6.67 -14.36
C ASP A 35 -0.10 -6.90 -12.87
N ILE A 36 -0.08 -8.18 -12.46
CA ILE A 36 -0.34 -8.56 -11.07
C ILE A 36 0.93 -8.50 -10.23
N VAL A 37 0.82 -7.93 -9.02
CA VAL A 37 1.96 -7.80 -8.12
C VAL A 37 2.40 -9.17 -7.56
N SER A 38 3.71 -9.36 -7.42
CA SER A 38 4.26 -10.61 -6.87
C SER A 38 3.76 -10.89 -5.44
N THR A 39 3.72 -12.16 -5.06
CA THR A 39 3.26 -12.56 -3.72
C THR A 39 4.12 -11.92 -2.62
N VAL A 40 5.42 -11.81 -2.86
CA VAL A 40 6.35 -11.20 -1.90
C VAL A 40 5.99 -9.73 -1.63
N ASP A 41 5.86 -8.94 -2.69
CA ASP A 41 5.47 -7.54 -2.59
C ASP A 41 4.04 -7.40 -2.05
N GLY A 42 3.15 -8.27 -2.53
CA GLY A 42 1.77 -8.30 -2.05
C GLY A 42 1.67 -8.50 -0.55
N ALA A 43 2.49 -9.40 -0.01
CA ALA A 43 2.53 -9.66 1.43
C ALA A 43 2.90 -8.39 2.21
N PHE A 44 3.75 -7.57 1.63
CA PHE A 44 4.11 -6.27 2.20
C PHE A 44 2.90 -5.31 2.15
N LEU A 45 2.26 -5.26 0.99
CA LEU A 45 1.08 -4.42 0.78
C LEU A 45 -0.06 -4.76 1.76
N VAL A 46 -0.27 -6.06 2.02
CA VAL A 46 -1.30 -6.50 2.96
C VAL A 46 -1.12 -5.84 4.34
N GLU A 47 0.09 -5.94 4.89
CA GLU A 47 0.38 -5.34 6.20
C GLU A 47 0.37 -3.81 6.13
N ALA A 48 0.83 -3.25 5.01
CA ALA A 48 0.77 -1.81 4.77
C ALA A 48 -0.69 -1.32 4.73
N LEU A 49 -1.58 -2.19 4.28
CA LEU A 49 -3.02 -1.91 4.27
C LEU A 49 -3.60 -2.02 5.69
N LYS A 50 -3.36 -3.16 6.34
CA LYS A 50 -3.88 -3.47 7.68
C LYS A 50 -3.55 -2.39 8.72
N ARG A 51 -2.48 -1.63 8.50
CA ARG A 51 -2.10 -0.55 9.43
C ARG A 51 -2.97 0.72 9.24
N HIS A 52 -4.08 0.58 8.50
CA HIS A 52 -5.04 1.67 8.32
C HIS A 52 -6.39 1.32 8.97
N PRO A 53 -7.05 2.30 9.62
CA PRO A 53 -8.35 2.08 10.29
C PRO A 53 -9.45 1.56 9.33
N ASP A 54 -9.28 1.84 8.04
CA ASP A 54 -10.25 1.41 7.01
C ASP A 54 -10.04 -0.06 6.60
N ALA A 55 -9.09 -0.74 7.23
CA ALA A 55 -8.72 -2.12 6.87
C ALA A 55 -9.94 -3.01 6.55
N THR A 56 -10.85 -3.14 7.51
CA THR A 56 -12.06 -3.97 7.33
C THR A 56 -12.85 -3.58 6.07
N SER A 57 -12.97 -2.27 5.82
CA SER A 57 -13.74 -1.75 4.68
C SER A 57 -13.04 -2.07 3.35
N LYS A 58 -11.72 -1.93 3.33
CA LYS A 58 -10.94 -2.15 2.10
C LYS A 58 -10.88 -3.65 1.73
N ILE A 59 -10.60 -4.49 2.74
CA ILE A 59 -10.40 -5.93 2.54
C ILE A 59 -11.72 -6.67 2.27
N GLY A 60 -12.72 -6.46 3.12
CA GLY A 60 -13.99 -7.19 3.00
C GLY A 60 -13.88 -8.63 3.49
N PRO A 61 -14.08 -9.63 2.61
CA PRO A 61 -13.97 -11.06 2.98
C PRO A 61 -12.51 -11.57 3.01
N GLY A 62 -11.62 -10.86 2.30
CA GLY A 62 -10.23 -11.28 2.22
C GLY A 62 -9.54 -10.81 0.94
N VAL A 63 -8.22 -10.64 1.01
CA VAL A 63 -7.44 -10.21 -0.14
C VAL A 63 -7.09 -11.40 -1.04
N ARG A 64 -7.44 -11.31 -2.32
CA ARG A 64 -7.13 -12.37 -3.29
C ARG A 64 -5.78 -12.08 -3.98
N ASN A 65 -5.61 -10.85 -4.46
CA ASN A 65 -4.35 -10.42 -5.07
C ASN A 65 -4.31 -8.88 -5.26
N PHE A 66 -3.17 -8.38 -5.73
CA PHE A 66 -3.00 -6.94 -6.00
C PHE A 66 -2.64 -6.69 -7.48
N GLU A 67 -3.28 -5.71 -8.09
CA GLU A 67 -2.97 -5.34 -9.48
C GLU A 67 -2.52 -3.86 -9.56
N VAL A 68 -1.49 -3.59 -10.35
CA VAL A 68 -1.03 -2.22 -10.58
C VAL A 68 -1.79 -1.59 -11.74
N ARG A 69 -2.57 -0.56 -11.45
CA ARG A 69 -3.36 0.14 -12.48
C ARG A 69 -3.26 1.66 -12.31
N SER A 70 -3.55 2.41 -13.38
CA SER A 70 -3.41 3.87 -13.35
C SER A 70 -4.35 4.52 -12.32
N ALA A 71 -3.83 5.49 -11.57
CA ALA A 71 -4.63 6.24 -10.60
C ALA A 71 -5.46 7.33 -11.31
N ASP A 72 -4.77 8.20 -12.04
CA ASP A 72 -5.42 9.27 -12.80
C ASP A 72 -4.83 9.41 -14.21
N TYR A 73 -3.61 9.94 -14.32
CA TYR A 73 -2.94 10.09 -15.62
C TYR A 73 -1.46 9.71 -15.51
N GLY A 74 -1.10 8.54 -16.03
CA GLY A 74 0.29 8.08 -15.96
C GLY A 74 0.66 7.50 -14.59
N THR A 75 0.14 8.11 -13.54
CA THR A 75 0.39 7.67 -12.15
C THR A 75 -0.10 6.23 -11.91
N GLN A 76 0.66 5.49 -11.12
CA GLN A 76 0.34 4.09 -10.81
C GLN A 76 -0.13 3.94 -9.35
N CYS A 77 -1.05 3.00 -9.11
CA CYS A 77 -1.49 2.68 -7.74
C CYS A 77 -1.86 1.21 -7.60
N PHE A 78 -1.85 0.70 -6.37
CA PHE A 78 -2.15 -0.71 -6.10
C PHE A 78 -3.65 -0.92 -5.85
N TRP A 79 -4.25 -1.83 -6.62
CA TRP A 79 -5.67 -2.18 -6.48
C TRP A 79 -5.86 -3.51 -5.75
N ILE A 80 -6.76 -3.51 -4.77
CA ILE A 80 -7.05 -4.70 -3.96
C ILE A 80 -8.16 -5.55 -4.60
N LEU A 81 -7.81 -6.72 -5.13
CA LEU A 81 -8.80 -7.65 -5.67
C LEU A 81 -9.31 -8.58 -4.56
N ARG A 82 -10.60 -8.46 -4.22
CA ARG A 82 -11.20 -9.24 -3.14
C ARG A 82 -11.55 -10.66 -3.59
N THR A 83 -11.60 -11.59 -2.63
CA THR A 83 -11.92 -12.99 -2.91
C THR A 83 -13.36 -13.16 -3.41
N ASP A 84 -14.22 -12.18 -3.14
CA ASP A 84 -15.61 -12.22 -3.62
C ASP A 84 -15.72 -11.82 -5.10
N GLY A 85 -14.59 -11.40 -5.70
CA GLY A 85 -14.57 -11.02 -7.10
C GLY A 85 -14.64 -9.51 -7.34
N SER A 86 -14.62 -8.74 -6.25
CA SER A 86 -14.67 -7.26 -6.35
C SER A 86 -13.26 -6.66 -6.29
N GLU A 87 -13.17 -5.32 -6.34
CA GLU A 87 -11.87 -4.64 -6.29
C GLU A 87 -11.96 -3.32 -5.50
N GLU A 88 -10.80 -2.84 -5.07
CA GLU A 88 -10.70 -1.56 -4.34
C GLU A 88 -9.35 -0.88 -4.62
N ARG A 89 -9.22 0.38 -4.21
CA ARG A 89 -7.96 1.13 -4.37
C ARG A 89 -7.57 1.85 -3.07
N PHE A 90 -6.27 1.89 -2.78
CA PHE A 90 -5.78 2.60 -1.59
C PHE A 90 -4.53 3.44 -1.91
N SER A 91 -4.48 4.65 -1.37
CA SER A 91 -3.35 5.56 -1.60
C SER A 91 -2.19 5.26 -0.64
N TYR A 92 -1.23 4.45 -1.10
CA TYR A 92 -0.06 4.04 -0.31
C TYR A 92 0.68 5.24 0.34
N LYS A 93 0.59 6.40 -0.31
CA LYS A 93 1.27 7.63 0.16
C LYS A 93 0.98 7.94 1.63
N LYS A 94 -0.20 7.53 2.11
CA LYS A 94 -0.59 7.76 3.51
C LYS A 94 -0.40 6.50 4.36
N CYS A 95 0.70 5.78 4.13
CA CYS A 95 1.00 4.54 4.86
C CYS A 95 1.25 4.81 6.35
N VAL A 96 1.87 5.95 6.64
CA VAL A 96 2.18 6.33 8.03
C VAL A 96 1.27 7.47 8.54
N LEU A 97 1.64 8.73 8.26
CA LEU A 97 0.89 9.90 8.72
C LEU A 97 1.03 11.11 7.78
N GLU A 98 0.11 12.06 7.88
CA GLU A 98 0.22 13.35 7.16
C GLU A 98 0.79 14.44 8.09
N HIS A 99 0.21 14.54 9.30
CA HIS A 99 0.72 15.45 10.34
C HIS A 99 0.83 16.91 9.84
N HIS A 100 -0.23 17.41 9.21
CA HIS A 100 -0.30 18.82 8.74
C HIS A 100 0.71 19.14 7.61
N HIS A 101 1.70 18.27 7.38
CA HIS A 101 2.76 18.56 6.41
C HIS A 101 2.26 18.42 4.95
N HIS A 102 1.00 18.04 4.79
CA HIS A 102 0.37 18.02 3.46
C HIS A 102 0.41 19.43 2.85
N HIS A 103 1.38 19.65 1.96
CA HIS A 103 1.66 21.00 1.45
C HIS A 103 0.69 21.44 0.35
N HIS A 104 0.11 22.63 0.51
CA HIS A 104 -0.75 23.24 -0.50
C HIS A 104 -0.28 24.68 -0.81
N MET A 1 10.40 2.16 23.86
CA MET A 1 11.45 2.94 23.14
C MET A 1 11.25 4.45 23.39
N ALA A 2 12.34 5.14 23.70
CA ALA A 2 12.29 6.59 23.95
C ALA A 2 11.91 7.39 22.69
N LYS A 3 12.58 7.11 21.58
CA LYS A 3 12.34 7.80 20.31
C LYS A 3 11.25 7.10 19.48
N ALA A 4 10.95 7.66 18.31
CA ALA A 4 9.91 7.14 17.42
C ALA A 4 10.19 5.70 16.96
N GLN A 5 9.15 4.88 16.88
CA GLN A 5 9.27 3.48 16.44
C GLN A 5 9.28 3.38 14.90
N PRO A 6 10.00 2.38 14.35
CA PRO A 6 10.06 2.16 12.88
C PRO A 6 8.80 1.46 12.32
N ILE A 7 8.57 1.63 11.02
CA ILE A 7 7.43 1.00 10.35
C ILE A 7 7.85 -0.32 9.68
N GLU A 8 7.50 -1.44 10.32
CA GLU A 8 7.84 -2.77 9.79
C GLU A 8 6.66 -3.37 9.00
N ILE A 9 6.88 -3.65 7.71
CA ILE A 9 5.85 -4.25 6.86
C ILE A 9 6.35 -5.56 6.23
N ALA A 10 5.79 -6.69 6.67
CA ALA A 10 6.09 -8.01 6.10
C ALA A 10 7.59 -8.32 6.10
N GLY A 11 8.25 -8.10 7.24
CA GLY A 11 9.68 -8.36 7.37
C GLY A 11 10.56 -7.23 6.82
N HIS A 12 9.94 -6.19 6.26
CA HIS A 12 10.68 -5.04 5.74
C HIS A 12 10.64 -3.86 6.73
N GLU A 13 11.76 -3.61 7.39
CA GLU A 13 11.87 -2.56 8.41
C GLU A 13 12.15 -1.19 7.79
N PHE A 14 11.16 -0.30 7.81
CA PHE A 14 11.34 1.08 7.34
C PHE A 14 11.47 2.04 8.52
N ALA A 15 12.70 2.47 8.82
CA ALA A 15 12.96 3.34 9.96
C ALA A 15 12.56 4.80 9.71
N ARG A 16 11.93 5.05 8.55
CA ARG A 16 11.53 6.40 8.18
C ARG A 16 10.33 6.38 7.22
N LYS A 17 9.41 7.33 7.39
CA LYS A 17 8.16 7.40 6.61
C LYS A 17 8.41 7.46 5.10
N ALA A 18 9.47 8.16 4.69
CA ALA A 18 9.82 8.28 3.27
C ALA A 18 10.33 6.94 2.70
N ASP A 19 11.02 6.16 3.54
CA ASP A 19 11.60 4.88 3.13
C ASP A 19 10.51 3.86 2.74
N ALA A 20 9.43 3.83 3.52
CA ALA A 20 8.28 2.96 3.22
C ALA A 20 7.72 3.25 1.81
N LEU A 21 7.50 4.52 1.51
CA LEU A 21 6.98 4.95 0.21
C LEU A 21 7.98 4.69 -0.92
N ALA A 22 9.28 4.83 -0.61
CA ALA A 22 10.34 4.56 -1.57
C ALA A 22 10.30 3.11 -2.06
N PHE A 23 10.17 2.17 -1.13
CA PHE A 23 10.06 0.75 -1.48
C PHE A 23 8.80 0.49 -2.32
N MET A 24 7.63 0.90 -1.80
CA MET A 24 6.36 0.80 -2.52
C MET A 24 6.48 1.38 -3.94
N LYS A 25 7.22 2.47 -4.10
CA LYS A 25 7.46 3.05 -5.42
C LYS A 25 8.21 2.08 -6.34
N VAL A 26 9.34 1.54 -5.85
CA VAL A 26 10.18 0.63 -6.64
C VAL A 26 9.39 -0.63 -7.08
N MET A 27 8.68 -1.25 -6.14
CA MET A 27 7.88 -2.45 -6.45
C MET A 27 6.71 -2.12 -7.40
N LEU A 28 6.07 -0.97 -7.18
CA LEU A 28 4.96 -0.52 -8.03
C LEU A 28 5.43 -0.24 -9.47
N ASN A 29 6.58 0.43 -9.59
CA ASN A 29 7.15 0.80 -10.90
C ASN A 29 7.73 -0.42 -11.64
N ARG A 30 7.65 -1.60 -11.03
CA ARG A 30 8.09 -2.85 -11.67
C ARG A 30 6.93 -3.51 -12.44
N TYR A 31 5.71 -3.19 -12.05
CA TYR A 31 4.50 -3.74 -12.70
C TYR A 31 3.78 -2.66 -13.50
N ARG A 32 3.27 -3.03 -14.67
CA ARG A 32 2.65 -2.07 -15.59
C ARG A 32 1.13 -2.01 -15.39
N PRO A 33 0.46 -0.96 -15.94
CA PRO A 33 -1.01 -0.83 -15.86
C PRO A 33 -1.74 -2.02 -16.50
N GLY A 34 -1.78 -3.11 -15.77
CA GLY A 34 -2.45 -4.33 -16.23
C GLY A 34 -1.84 -5.60 -15.68
N ASP A 35 -0.73 -5.48 -14.95
CA ASP A 35 -0.06 -6.65 -14.35
C ASP A 35 -0.61 -6.96 -12.95
N ILE A 36 -0.66 -8.25 -12.62
CA ILE A 36 -1.00 -8.70 -11.28
C ILE A 36 0.27 -8.77 -10.41
N VAL A 37 0.21 -8.16 -9.23
CA VAL A 37 1.36 -8.13 -8.31
C VAL A 37 1.78 -9.55 -7.88
N SER A 38 3.08 -9.83 -7.95
CA SER A 38 3.61 -11.16 -7.62
C SER A 38 3.33 -11.58 -6.16
N THR A 39 3.59 -12.85 -5.85
CA THR A 39 3.26 -13.42 -4.53
C THR A 39 3.94 -12.67 -3.38
N VAL A 40 5.28 -12.59 -3.40
CA VAL A 40 6.04 -11.93 -2.33
C VAL A 40 5.63 -10.46 -2.15
N ASP A 41 5.56 -9.73 -3.26
CA ASP A 41 5.16 -8.32 -3.24
C ASP A 41 3.70 -8.17 -2.73
N GLY A 42 2.85 -9.11 -3.13
CA GLY A 42 1.47 -9.12 -2.67
C GLY A 42 1.36 -9.29 -1.16
N ALA A 43 2.06 -10.29 -0.62
CA ALA A 43 2.10 -10.52 0.84
C ALA A 43 2.53 -9.25 1.60
N PHE A 44 3.47 -8.50 1.01
CA PHE A 44 3.88 -7.21 1.55
C PHE A 44 2.70 -6.23 1.57
N LEU A 45 2.00 -6.13 0.44
CA LEU A 45 0.83 -5.25 0.30
C LEU A 45 -0.27 -5.61 1.31
N VAL A 46 -0.46 -6.90 1.57
CA VAL A 46 -1.46 -7.36 2.53
C VAL A 46 -1.18 -6.78 3.94
N GLU A 47 0.08 -6.83 4.36
CA GLU A 47 0.49 -6.21 5.64
C GLU A 47 0.29 -4.69 5.59
N ALA A 48 0.83 -4.04 4.56
CA ALA A 48 0.69 -2.59 4.38
C ALA A 48 -0.78 -2.16 4.38
N LEU A 49 -1.64 -3.02 3.86
CA LEU A 49 -3.08 -2.80 3.82
C LEU A 49 -3.71 -2.97 5.22
N LYS A 50 -3.36 -4.07 5.89
CA LYS A 50 -3.91 -4.38 7.22
C LYS A 50 -3.43 -3.39 8.30
N ARG A 51 -2.50 -2.51 7.95
CA ARG A 51 -2.06 -1.45 8.86
C ARG A 51 -3.04 -0.27 8.86
N HIS A 52 -4.05 -0.33 7.99
CA HIS A 52 -5.10 0.70 7.92
C HIS A 52 -6.34 0.27 8.74
N PRO A 53 -6.94 1.20 9.49
CA PRO A 53 -8.20 0.91 10.23
C PRO A 53 -9.37 0.62 9.28
N ASP A 54 -9.26 1.11 8.05
CA ASP A 54 -10.28 0.87 7.00
C ASP A 54 -10.03 -0.46 6.28
N ALA A 55 -9.39 -1.40 6.97
CA ALA A 55 -8.99 -2.70 6.38
C ALA A 55 -10.17 -3.43 5.72
N THR A 56 -11.17 -3.83 6.51
CA THR A 56 -12.33 -4.60 5.97
C THR A 56 -13.02 -3.87 4.81
N SER A 57 -13.01 -2.54 4.84
CA SER A 57 -13.59 -1.73 3.75
C SER A 57 -12.97 -2.07 2.40
N LYS A 58 -11.69 -2.42 2.40
CA LYS A 58 -10.97 -2.73 1.16
C LYS A 58 -10.78 -4.24 0.95
N ILE A 59 -10.62 -4.97 2.05
CA ILE A 59 -10.39 -6.42 2.02
C ILE A 59 -11.69 -7.22 1.83
N GLY A 60 -12.70 -6.90 2.63
CA GLY A 60 -13.91 -7.71 2.68
C GLY A 60 -13.66 -9.05 3.36
N PRO A 61 -14.05 -10.18 2.73
CA PRO A 61 -13.78 -11.53 3.28
C PRO A 61 -12.29 -11.92 3.18
N GLY A 62 -11.66 -11.60 2.05
CA GLY A 62 -10.26 -11.95 1.85
C GLY A 62 -9.67 -11.37 0.55
N VAL A 63 -8.35 -11.25 0.50
CA VAL A 63 -7.67 -10.73 -0.68
C VAL A 63 -7.19 -11.87 -1.60
N ARG A 64 -7.57 -11.82 -2.88
CA ARG A 64 -7.16 -12.85 -3.84
C ARG A 64 -5.86 -12.43 -4.57
N ASN A 65 -5.90 -11.29 -5.25
CA ASN A 65 -4.72 -10.78 -5.96
C ASN A 65 -4.75 -9.25 -6.10
N PHE A 66 -3.57 -8.64 -6.18
CA PHE A 66 -3.46 -7.19 -6.38
C PHE A 66 -3.19 -6.86 -7.87
N GLU A 67 -3.76 -5.77 -8.34
CA GLU A 67 -3.55 -5.31 -9.72
C GLU A 67 -2.95 -3.90 -9.74
N VAL A 68 -2.08 -3.64 -10.71
CA VAL A 68 -1.50 -2.31 -10.91
C VAL A 68 -2.19 -1.58 -12.07
N ARG A 69 -2.92 -0.51 -11.75
CA ARG A 69 -3.66 0.27 -12.75
C ARG A 69 -3.37 1.77 -12.60
N SER A 70 -3.43 2.51 -13.71
CA SER A 70 -3.13 3.95 -13.72
C SER A 70 -4.31 4.79 -13.19
N ALA A 71 -4.07 5.55 -12.12
CA ALA A 71 -5.10 6.45 -11.55
C ALA A 71 -4.68 7.92 -11.65
N ASP A 72 -3.55 8.17 -12.30
CA ASP A 72 -2.99 9.52 -12.44
C ASP A 72 -2.25 9.66 -13.79
N TYR A 73 -1.83 10.87 -14.12
CA TYR A 73 -1.13 11.16 -15.39
C TYR A 73 0.10 10.26 -15.59
N GLY A 74 0.99 10.22 -14.59
CA GLY A 74 2.22 9.45 -14.71
C GLY A 74 2.53 8.61 -13.48
N THR A 75 1.52 8.33 -12.66
CA THR A 75 1.70 7.48 -11.46
C THR A 75 0.61 6.40 -11.38
N GLN A 76 0.92 5.34 -10.64
CA GLN A 76 0.08 4.13 -10.60
C GLN A 76 -0.71 4.02 -9.28
N CYS A 77 -1.57 3.01 -9.18
CA CYS A 77 -2.33 2.74 -7.95
C CYS A 77 -2.56 1.24 -7.76
N PHE A 78 -2.51 0.78 -6.51
CA PHE A 78 -2.76 -0.63 -6.19
C PHE A 78 -4.26 -0.92 -6.03
N TRP A 79 -4.80 -1.77 -6.91
CA TRP A 79 -6.19 -2.19 -6.83
C TRP A 79 -6.31 -3.61 -6.25
N ILE A 80 -7.24 -3.81 -5.33
CA ILE A 80 -7.42 -5.09 -4.66
C ILE A 80 -8.54 -5.94 -5.30
N LEU A 81 -8.15 -7.03 -5.96
CA LEU A 81 -9.13 -8.01 -6.45
C LEU A 81 -9.44 -9.01 -5.32
N ARG A 82 -10.57 -8.79 -4.67
CA ARG A 82 -10.99 -9.56 -3.50
C ARG A 82 -11.53 -10.95 -3.87
N THR A 83 -11.42 -11.90 -2.94
CA THR A 83 -12.05 -13.22 -3.09
C THR A 83 -13.57 -13.06 -3.20
N ASP A 84 -14.05 -11.92 -2.71
CA ASP A 84 -15.45 -11.52 -2.82
C ASP A 84 -15.89 -11.40 -4.29
N GLY A 85 -14.94 -11.11 -5.18
CA GLY A 85 -15.24 -10.93 -6.60
C GLY A 85 -15.18 -9.48 -7.05
N SER A 86 -15.18 -8.56 -6.09
CA SER A 86 -15.16 -7.11 -6.37
C SER A 86 -13.74 -6.52 -6.26
N GLU A 87 -13.56 -5.34 -6.83
CA GLU A 87 -12.26 -4.63 -6.81
C GLU A 87 -12.36 -3.30 -6.04
N GLU A 88 -11.31 -2.96 -5.32
CA GLU A 88 -11.23 -1.66 -4.62
C GLU A 88 -9.77 -1.27 -4.33
N ARG A 89 -9.46 0.02 -4.47
CA ARG A 89 -8.08 0.51 -4.31
C ARG A 89 -7.82 1.04 -2.88
N PHE A 90 -6.55 1.12 -2.52
CA PHE A 90 -6.15 1.64 -1.20
C PHE A 90 -4.95 2.61 -1.32
N SER A 91 -4.95 3.65 -0.48
CA SER A 91 -3.90 4.66 -0.52
C SER A 91 -2.62 4.19 0.19
N TYR A 92 -1.66 3.66 -0.59
CA TYR A 92 -0.39 3.19 -0.03
C TYR A 92 0.43 4.35 0.57
N LYS A 93 0.24 5.56 0.05
CA LYS A 93 0.95 6.74 0.57
C LYS A 93 0.46 7.13 1.98
N LYS A 94 -0.65 6.53 2.42
CA LYS A 94 -1.20 6.77 3.75
C LYS A 94 -0.98 5.55 4.67
N CYS A 95 0.08 4.79 4.41
CA CYS A 95 0.42 3.62 5.21
C CYS A 95 1.09 3.99 6.54
N VAL A 96 1.66 5.19 6.61
CA VAL A 96 2.34 5.65 7.82
C VAL A 96 1.52 6.72 8.58
N LEU A 97 1.80 8.01 8.32
CA LEU A 97 1.15 9.12 9.04
C LEU A 97 1.20 10.43 8.24
N GLU A 98 0.42 11.42 8.68
CA GLU A 98 0.48 12.79 8.13
C GLU A 98 1.58 13.60 8.81
N HIS A 99 1.53 14.93 8.63
CA HIS A 99 2.39 15.85 9.39
C HIS A 99 1.59 17.07 9.84
N HIS A 100 1.99 17.70 10.94
CA HIS A 100 1.26 18.85 11.48
C HIS A 100 1.11 19.98 10.45
N HIS A 101 -0.08 20.58 10.41
CA HIS A 101 -0.42 21.58 9.40
C HIS A 101 -1.46 22.58 9.94
N HIS A 102 -1.65 23.69 9.21
CA HIS A 102 -2.57 24.75 9.63
C HIS A 102 -4.03 24.28 9.64
N HIS A 103 -4.49 23.73 8.52
CA HIS A 103 -5.87 23.24 8.40
C HIS A 103 -6.11 22.52 7.06
N HIS A 104 -6.48 21.23 7.13
CA HIS A 104 -6.78 20.45 5.92
C HIS A 104 -8.27 20.58 5.53
N MET A 1 -0.92 6.70 16.38
CA MET A 1 -0.51 5.31 16.72
C MET A 1 1.00 5.08 16.48
N ALA A 2 1.49 5.50 15.33
CA ALA A 2 2.89 5.24 14.95
C ALA A 2 3.88 6.08 15.78
N LYS A 3 4.39 5.50 16.87
CA LYS A 3 5.41 6.15 17.71
C LYS A 3 6.49 5.15 18.15
N ALA A 4 7.74 5.59 18.18
CA ALA A 4 8.87 4.77 18.65
C ALA A 4 9.04 3.48 17.83
N GLN A 5 8.59 3.49 16.58
CA GLN A 5 8.70 2.31 15.71
C GLN A 5 9.10 2.70 14.27
N PRO A 6 9.88 1.85 13.60
CA PRO A 6 10.21 2.03 12.18
C PRO A 6 9.12 1.43 11.26
N ILE A 7 9.26 1.64 9.95
CA ILE A 7 8.33 1.06 8.98
C ILE A 7 8.78 -0.36 8.59
N GLU A 8 8.55 -1.31 9.49
CA GLU A 8 8.86 -2.72 9.21
C GLU A 8 7.64 -3.45 8.66
N ILE A 9 7.68 -3.83 7.38
CA ILE A 9 6.54 -4.49 6.74
C ILE A 9 6.91 -5.85 6.14
N ALA A 10 6.32 -6.92 6.67
CA ALA A 10 6.51 -8.29 6.13
C ALA A 10 7.99 -8.72 6.12
N GLY A 11 8.78 -8.16 7.03
CA GLY A 11 10.21 -8.48 7.09
C GLY A 11 11.08 -7.37 6.49
N HIS A 12 10.47 -6.54 5.65
CA HIS A 12 11.19 -5.44 5.01
C HIS A 12 11.21 -4.21 5.93
N GLU A 13 12.36 -3.98 6.56
CA GLU A 13 12.50 -2.93 7.58
C GLU A 13 12.97 -1.59 7.00
N PHE A 14 12.17 -0.54 7.21
CA PHE A 14 12.53 0.81 6.77
C PHE A 14 12.55 1.79 7.97
N ALA A 15 13.62 2.57 8.10
CA ALA A 15 13.73 3.53 9.20
C ALA A 15 13.08 4.88 8.84
N ARG A 16 12.69 5.04 7.59
CA ARG A 16 12.11 6.31 7.10
C ARG A 16 10.99 6.06 6.08
N LYS A 17 9.97 6.92 6.08
CA LYS A 17 8.82 6.80 5.16
C LYS A 17 9.25 6.85 3.68
N ALA A 18 10.18 7.74 3.35
CA ALA A 18 10.69 7.84 1.97
C ALA A 18 11.17 6.48 1.45
N ASP A 19 11.69 5.66 2.35
CA ASP A 19 12.15 4.31 2.03
C ASP A 19 10.99 3.37 1.71
N ALA A 20 9.96 3.40 2.57
CA ALA A 20 8.73 2.63 2.32
C ALA A 20 8.13 3.00 0.95
N LEU A 21 8.18 4.29 0.63
CA LEU A 21 7.75 4.78 -0.67
C LEU A 21 8.63 4.22 -1.79
N ALA A 22 9.95 4.26 -1.59
CA ALA A 22 10.92 3.77 -2.58
C ALA A 22 10.65 2.30 -2.96
N PHE A 23 10.41 1.45 -1.97
CA PHE A 23 10.09 0.04 -2.20
C PHE A 23 8.85 -0.11 -3.10
N MET A 24 7.74 0.48 -2.66
CA MET A 24 6.48 0.43 -3.43
C MET A 24 6.59 1.22 -4.75
N LYS A 25 7.52 2.16 -4.81
CA LYS A 25 7.77 2.95 -6.03
C LYS A 25 8.35 2.07 -7.14
N VAL A 26 9.47 1.40 -6.85
CA VAL A 26 10.16 0.56 -7.84
C VAL A 26 9.25 -0.57 -8.36
N MET A 27 8.70 -1.38 -7.45
CA MET A 27 7.89 -2.54 -7.85
C MET A 27 6.60 -2.11 -8.60
N LEU A 28 6.02 -0.97 -8.21
CA LEU A 28 4.84 -0.45 -8.90
C LEU A 28 5.14 -0.18 -10.38
N ASN A 29 6.23 0.53 -10.64
CA ASN A 29 6.67 0.84 -12.01
C ASN A 29 7.22 -0.41 -12.73
N ARG A 30 7.54 -1.45 -11.98
CA ARG A 30 7.95 -2.74 -12.54
C ARG A 30 6.78 -3.42 -13.28
N TYR A 31 5.59 -3.35 -12.68
CA TYR A 31 4.39 -3.97 -13.27
C TYR A 31 3.64 -2.99 -14.19
N ARG A 32 2.83 -3.55 -15.09
CA ARG A 32 2.09 -2.75 -16.09
C ARG A 32 0.60 -2.71 -15.73
N PRO A 33 -0.17 -1.73 -16.29
CA PRO A 33 -1.62 -1.65 -16.08
C PRO A 33 -2.35 -2.92 -16.51
N GLY A 34 -2.24 -3.94 -15.68
CA GLY A 34 -2.87 -5.23 -15.94
C GLY A 34 -2.19 -6.38 -15.21
N ASP A 35 -0.90 -6.23 -14.89
CA ASP A 35 -0.15 -7.26 -14.15
C ASP A 35 -0.66 -7.41 -12.70
N ILE A 36 -0.78 -8.66 -12.25
CA ILE A 36 -1.10 -8.95 -10.86
C ILE A 36 0.19 -8.92 -10.01
N VAL A 37 0.09 -8.37 -8.81
CA VAL A 37 1.23 -8.28 -7.89
C VAL A 37 1.71 -9.67 -7.44
N SER A 38 3.02 -9.83 -7.28
CA SER A 38 3.62 -11.14 -6.94
C SER A 38 3.19 -11.64 -5.56
N THR A 39 3.44 -12.93 -5.32
CA THR A 39 3.15 -13.54 -4.00
C THR A 39 3.96 -12.86 -2.89
N VAL A 40 5.13 -12.31 -3.25
CA VAL A 40 6.01 -11.64 -2.29
C VAL A 40 5.52 -10.21 -2.01
N ASP A 41 5.45 -9.38 -3.05
CA ASP A 41 5.02 -7.98 -2.92
C ASP A 41 3.57 -7.89 -2.41
N GLY A 42 2.75 -8.86 -2.80
CA GLY A 42 1.37 -8.92 -2.33
C GLY A 42 1.28 -8.99 -0.81
N ALA A 43 2.07 -9.88 -0.21
CA ALA A 43 2.12 -10.02 1.26
C ALA A 43 2.54 -8.71 1.93
N PHE A 44 3.44 -7.98 1.27
CA PHE A 44 3.87 -6.66 1.74
C PHE A 44 2.67 -5.69 1.78
N LEU A 45 1.90 -5.67 0.70
CA LEU A 45 0.72 -4.81 0.58
C LEU A 45 -0.35 -5.17 1.64
N VAL A 46 -0.52 -6.47 1.91
CA VAL A 46 -1.48 -6.93 2.92
C VAL A 46 -1.15 -6.33 4.30
N GLU A 47 0.11 -6.42 4.70
CA GLU A 47 0.57 -5.81 5.97
C GLU A 47 0.37 -4.30 5.96
N ALA A 48 0.66 -3.65 4.82
CA ALA A 48 0.46 -2.20 4.66
C ALA A 48 -1.04 -1.83 4.75
N LEU A 49 -1.91 -2.79 4.41
CA LEU A 49 -3.36 -2.60 4.50
C LEU A 49 -3.85 -2.72 5.96
N LYS A 50 -3.34 -3.74 6.68
CA LYS A 50 -3.76 -4.02 8.06
C LYS A 50 -3.63 -2.81 9.00
N ARG A 51 -2.81 -1.83 8.61
CA ARG A 51 -2.54 -0.65 9.45
C ARG A 51 -3.56 0.47 9.24
N HIS A 52 -4.70 0.13 8.64
CA HIS A 52 -5.79 1.09 8.43
C HIS A 52 -7.00 0.73 9.31
N PRO A 53 -7.65 1.71 9.95
CA PRO A 53 -8.93 1.48 10.65
C PRO A 53 -10.00 0.99 9.65
N ASP A 54 -9.80 1.37 8.40
CA ASP A 54 -10.64 0.96 7.27
C ASP A 54 -10.35 -0.50 6.84
N ALA A 55 -9.17 -1.02 7.23
CA ALA A 55 -8.71 -2.34 6.78
C ALA A 55 -9.75 -3.44 7.00
N THR A 56 -10.30 -3.51 8.22
CA THR A 56 -11.32 -4.52 8.56
C THR A 56 -12.44 -4.58 7.49
N SER A 57 -12.81 -3.42 6.95
CA SER A 57 -13.82 -3.34 5.88
C SER A 57 -13.22 -3.82 4.54
N LYS A 58 -12.06 -3.28 4.16
CA LYS A 58 -11.40 -3.67 2.91
C LYS A 58 -10.61 -4.98 3.05
N ILE A 59 -10.91 -5.76 4.09
CA ILE A 59 -10.50 -7.15 4.16
C ILE A 59 -11.73 -8.05 4.04
N GLY A 60 -12.76 -7.73 4.83
CA GLY A 60 -14.03 -8.44 4.75
C GLY A 60 -13.90 -9.96 4.88
N PRO A 61 -14.29 -10.72 3.83
CA PRO A 61 -14.22 -12.20 3.85
C PRO A 61 -12.79 -12.75 3.66
N GLY A 62 -11.89 -11.92 3.13
CA GLY A 62 -10.51 -12.37 2.91
C GLY A 62 -9.81 -11.68 1.74
N VAL A 63 -8.51 -11.97 1.60
CA VAL A 63 -7.68 -11.37 0.54
C VAL A 63 -7.68 -12.22 -0.73
N ARG A 64 -8.04 -11.61 -1.87
CA ARG A 64 -8.01 -12.31 -3.17
C ARG A 64 -6.65 -12.09 -3.85
N ASN A 65 -6.37 -10.86 -4.25
CA ASN A 65 -5.07 -10.48 -4.82
C ASN A 65 -4.92 -8.94 -4.92
N PHE A 66 -3.83 -8.50 -5.53
CA PHE A 66 -3.60 -7.07 -5.79
C PHE A 66 -3.23 -6.85 -7.27
N GLU A 67 -3.71 -5.76 -7.86
CA GLU A 67 -3.45 -5.48 -9.28
C GLU A 67 -2.87 -4.07 -9.48
N VAL A 68 -2.00 -3.93 -10.48
CA VAL A 68 -1.36 -2.64 -10.78
C VAL A 68 -2.01 -1.91 -11.97
N ARG A 69 -2.55 -0.72 -11.72
CA ARG A 69 -3.11 0.14 -12.77
C ARG A 69 -2.58 1.57 -12.66
N SER A 70 -2.65 2.34 -13.74
CA SER A 70 -2.18 3.74 -13.73
C SER A 70 -3.15 4.65 -12.96
N ALA A 71 -2.63 5.74 -12.41
CA ALA A 71 -3.46 6.70 -11.68
C ALA A 71 -3.52 8.05 -12.41
N ASP A 72 -2.50 8.88 -12.23
CA ASP A 72 -2.46 10.21 -12.86
C ASP A 72 -1.89 10.11 -14.29
N TYR A 73 -0.56 10.11 -14.42
CA TYR A 73 0.09 10.07 -15.74
C TYR A 73 1.26 9.07 -15.73
N GLY A 74 2.29 9.37 -14.96
CA GLY A 74 3.42 8.45 -14.80
C GLY A 74 3.33 7.66 -13.50
N THR A 75 2.42 8.07 -12.62
CA THR A 75 2.21 7.39 -11.33
C THR A 75 1.04 6.39 -11.40
N GLN A 76 1.26 5.20 -10.87
CA GLN A 76 0.26 4.13 -10.82
C GLN A 76 -0.35 3.99 -9.41
N CYS A 77 -1.16 2.97 -9.20
CA CYS A 77 -1.77 2.69 -7.89
C CYS A 77 -1.98 1.19 -7.67
N PHE A 78 -1.91 0.75 -6.42
CA PHE A 78 -2.16 -0.65 -6.06
C PHE A 78 -3.66 -0.87 -5.78
N TRP A 79 -4.28 -1.74 -6.57
CA TRP A 79 -5.71 -2.06 -6.41
C TRP A 79 -5.91 -3.30 -5.53
N ILE A 80 -6.75 -3.15 -4.51
CA ILE A 80 -7.03 -4.22 -3.55
C ILE A 80 -8.23 -5.08 -4.00
N LEU A 81 -7.96 -6.30 -4.46
CA LEU A 81 -9.02 -7.23 -4.85
C LEU A 81 -9.44 -8.11 -3.65
N ARG A 82 -10.74 -8.16 -3.37
CA ARG A 82 -11.28 -8.98 -2.27
C ARG A 82 -11.94 -10.26 -2.82
N THR A 83 -11.95 -11.32 -2.00
CA THR A 83 -12.61 -12.58 -2.38
C THR A 83 -14.11 -12.34 -2.64
N ASP A 84 -14.65 -11.33 -1.96
CA ASP A 84 -16.02 -10.86 -2.18
C ASP A 84 -16.28 -10.50 -3.67
N GLY A 85 -15.25 -9.97 -4.33
CA GLY A 85 -15.41 -9.49 -5.70
C GLY A 85 -15.18 -8.00 -5.83
N SER A 86 -15.49 -7.25 -4.76
CA SER A 86 -15.29 -5.80 -4.74
C SER A 86 -13.81 -5.42 -4.86
N GLU A 87 -13.54 -4.24 -5.45
CA GLU A 87 -12.18 -3.72 -5.58
C GLU A 87 -12.08 -2.27 -5.09
N GLU A 88 -10.84 -1.79 -4.91
CA GLU A 88 -10.57 -0.42 -4.45
C GLU A 88 -9.08 -0.09 -4.64
N ARG A 89 -8.71 1.19 -4.52
CA ARG A 89 -7.30 1.62 -4.62
C ARG A 89 -6.89 2.48 -3.43
N PHE A 90 -5.59 2.47 -3.10
CA PHE A 90 -5.08 3.32 -2.01
C PHE A 90 -3.74 3.98 -2.39
N SER A 91 -3.60 5.27 -2.08
CA SER A 91 -2.39 6.03 -2.40
C SER A 91 -1.32 5.88 -1.32
N TYR A 92 -0.38 4.94 -1.54
CA TYR A 92 0.74 4.72 -0.61
C TYR A 92 1.54 6.01 -0.36
N LYS A 93 1.55 6.90 -1.36
CA LYS A 93 2.25 8.19 -1.26
C LYS A 93 1.57 9.15 -0.26
N LYS A 94 0.26 9.31 -0.36
CA LYS A 94 -0.47 10.24 0.51
C LYS A 94 -0.70 9.65 1.91
N CYS A 95 0.36 9.60 2.71
CA CYS A 95 0.30 9.09 4.08
C CYS A 95 1.68 9.16 4.76
N VAL A 96 2.24 10.37 4.83
CA VAL A 96 3.53 10.59 5.50
C VAL A 96 3.33 11.24 6.88
N LEU A 97 2.93 12.51 6.87
CA LEU A 97 2.64 13.26 8.10
C LEU A 97 1.35 14.07 7.95
N GLU A 98 0.67 14.30 9.06
CA GLU A 98 -0.57 15.09 9.06
C GLU A 98 -0.30 16.55 9.44
N HIS A 99 -1.29 17.41 9.22
CA HIS A 99 -1.23 18.81 9.65
C HIS A 99 -1.95 18.97 11.00
N HIS A 100 -2.34 17.85 11.59
CA HIS A 100 -3.21 17.81 12.77
C HIS A 100 -2.62 18.56 13.98
N HIS A 101 -1.30 18.43 14.18
CA HIS A 101 -0.63 19.11 15.32
C HIS A 101 -0.35 20.60 15.02
N HIS A 102 -0.52 21.02 13.77
CA HIS A 102 -0.29 22.42 13.38
C HIS A 102 -1.25 22.83 12.23
N HIS A 103 -2.37 23.46 12.59
CA HIS A 103 -3.41 23.80 11.63
C HIS A 103 -4.24 25.00 12.10
N HIS A 104 -4.21 26.09 11.33
CA HIS A 104 -5.01 27.29 11.61
C HIS A 104 -5.52 27.94 10.31
N MET A 1 15.89 9.19 23.38
CA MET A 1 15.27 10.53 23.25
C MET A 1 14.08 10.51 22.29
N ALA A 2 14.27 9.97 21.09
CA ALA A 2 13.21 9.92 20.08
C ALA A 2 12.20 8.79 20.36
N LYS A 3 10.95 9.16 20.60
CA LYS A 3 9.88 8.19 20.89
C LYS A 3 9.49 7.39 19.63
N ALA A 4 9.79 7.93 18.46
CA ALA A 4 9.40 7.33 17.18
C ALA A 4 10.12 5.99 16.90
N GLN A 5 9.43 5.08 16.21
CA GLN A 5 9.95 3.75 15.88
C GLN A 5 10.13 3.57 14.36
N PRO A 6 11.08 2.72 13.93
CA PRO A 6 11.25 2.36 12.49
C PRO A 6 10.03 1.61 11.93
N ILE A 7 9.79 1.77 10.62
CA ILE A 7 8.60 1.20 9.97
C ILE A 7 8.82 -0.26 9.55
N GLU A 8 8.11 -1.19 10.20
CA GLU A 8 8.21 -2.62 9.87
C GLU A 8 6.97 -3.10 9.11
N ILE A 9 7.16 -3.54 7.86
CA ILE A 9 6.05 -4.02 7.02
C ILE A 9 6.39 -5.35 6.33
N ALA A 10 5.71 -6.43 6.75
CA ALA A 10 5.85 -7.75 6.11
C ALA A 10 7.32 -8.25 6.11
N GLY A 11 8.06 -7.93 7.15
CA GLY A 11 9.46 -8.35 7.24
C GLY A 11 10.44 -7.35 6.63
N HIS A 12 9.91 -6.26 6.10
CA HIS A 12 10.73 -5.20 5.52
C HIS A 12 10.85 -4.02 6.50
N GLU A 13 12.05 -3.79 7.02
CA GLU A 13 12.27 -2.71 8.01
C GLU A 13 12.81 -1.45 7.34
N PHE A 14 12.12 -0.34 7.55
CA PHE A 14 12.51 0.95 6.98
C PHE A 14 12.88 1.96 8.08
N ALA A 15 14.13 2.41 8.08
CA ALA A 15 14.62 3.34 9.10
C ALA A 15 14.11 4.78 8.89
N ARG A 16 13.24 4.97 7.91
CA ARG A 16 12.63 6.29 7.63
C ARG A 16 11.40 6.15 6.71
N LYS A 17 10.47 7.09 6.83
CA LYS A 17 9.21 7.05 6.07
C LYS A 17 9.45 7.11 4.55
N ALA A 18 10.40 7.93 4.12
CA ALA A 18 10.71 8.07 2.69
C ALA A 18 11.20 6.74 2.09
N ASP A 19 11.92 5.96 2.89
CA ASP A 19 12.45 4.66 2.47
C ASP A 19 11.31 3.71 2.09
N ALA A 20 10.25 3.68 2.91
CA ALA A 20 9.07 2.87 2.63
C ALA A 20 8.35 3.32 1.34
N LEU A 21 8.16 4.63 1.21
CA LEU A 21 7.50 5.21 0.02
C LEU A 21 8.31 4.95 -1.26
N ALA A 22 9.64 5.00 -1.14
CA ALA A 22 10.52 4.73 -2.28
C ALA A 22 10.48 3.26 -2.68
N PHE A 23 10.59 2.37 -1.69
CA PHE A 23 10.49 0.92 -1.90
C PHE A 23 9.23 0.56 -2.70
N MET A 24 8.10 1.14 -2.32
CA MET A 24 6.84 0.93 -3.03
C MET A 24 6.84 1.60 -4.41
N LYS A 25 7.39 2.82 -4.49
CA LYS A 25 7.41 3.57 -5.76
C LYS A 25 8.21 2.81 -6.85
N VAL A 26 9.38 2.29 -6.47
CA VAL A 26 10.23 1.55 -7.41
C VAL A 26 9.53 0.30 -7.96
N MET A 27 9.07 -0.59 -7.06
CA MET A 27 8.38 -1.81 -7.49
C MET A 27 7.07 -1.48 -8.24
N LEU A 28 6.48 -0.33 -7.91
CA LEU A 28 5.29 0.15 -8.61
C LEU A 28 5.58 0.43 -10.10
N ASN A 29 6.72 1.08 -10.36
CA ASN A 29 7.16 1.31 -11.75
C ASN A 29 7.73 0.03 -12.38
N ARG A 30 8.18 -0.90 -11.53
CA ARG A 30 8.68 -2.20 -12.00
C ARG A 30 7.55 -3.02 -12.63
N TYR A 31 6.40 -3.07 -11.94
CA TYR A 31 5.22 -3.74 -12.47
C TYR A 31 4.46 -2.83 -13.44
N ARG A 32 4.15 -3.34 -14.61
CA ARG A 32 3.50 -2.56 -15.67
C ARG A 32 2.07 -2.14 -15.28
N PRO A 33 1.62 -0.95 -15.72
CA PRO A 33 0.28 -0.40 -15.39
C PRO A 33 -0.91 -1.21 -15.95
N GLY A 34 -0.71 -2.50 -16.21
CA GLY A 34 -1.80 -3.37 -16.61
C GLY A 34 -1.61 -4.82 -16.15
N ASP A 35 -0.62 -5.05 -15.30
CA ASP A 35 -0.26 -6.40 -14.85
C ASP A 35 -0.55 -6.64 -13.36
N ILE A 36 -0.39 -7.89 -12.93
CA ILE A 36 -0.66 -8.28 -11.54
C ILE A 36 0.62 -8.26 -10.68
N VAL A 37 0.48 -7.95 -9.40
CA VAL A 37 1.61 -7.92 -8.46
C VAL A 37 1.91 -9.34 -7.91
N SER A 38 3.19 -9.64 -7.68
CA SER A 38 3.61 -10.95 -7.15
C SER A 38 3.12 -11.16 -5.70
N THR A 39 3.15 -12.42 -5.26
CA THR A 39 2.64 -12.79 -3.93
C THR A 39 3.36 -12.07 -2.78
N VAL A 40 4.69 -12.13 -2.76
CA VAL A 40 5.48 -11.46 -1.70
C VAL A 40 5.26 -9.94 -1.69
N ASP A 41 5.39 -9.31 -2.85
CA ASP A 41 5.16 -7.87 -2.99
C ASP A 41 3.72 -7.50 -2.57
N GLY A 42 2.76 -8.38 -2.90
CA GLY A 42 1.38 -8.19 -2.49
C GLY A 42 1.17 -8.28 -0.99
N ALA A 43 1.80 -9.28 -0.36
CA ALA A 43 1.74 -9.44 1.10
C ALA A 43 2.20 -8.16 1.82
N PHE A 44 3.19 -7.50 1.24
CA PHE A 44 3.66 -6.20 1.74
C PHE A 44 2.51 -5.18 1.70
N LEU A 45 1.85 -5.08 0.55
CA LEU A 45 0.72 -4.16 0.37
C LEU A 45 -0.41 -4.43 1.37
N VAL A 46 -0.66 -5.71 1.66
CA VAL A 46 -1.67 -6.10 2.64
C VAL A 46 -1.35 -5.51 4.03
N GLU A 47 -0.10 -5.64 4.48
CA GLU A 47 0.33 -5.08 5.76
C GLU A 47 0.26 -3.54 5.75
N ALA A 48 0.74 -2.94 4.66
CA ALA A 48 0.67 -1.48 4.48
C ALA A 48 -0.79 -1.00 4.51
N LEU A 49 -1.69 -1.85 4.05
CA LEU A 49 -3.13 -1.58 4.12
C LEU A 49 -3.66 -1.74 5.55
N LYS A 50 -3.24 -2.81 6.22
CA LYS A 50 -3.72 -3.15 7.58
C LYS A 50 -3.57 -1.99 8.58
N ARG A 51 -2.49 -1.22 8.46
CA ARG A 51 -2.25 -0.09 9.37
C ARG A 51 -3.12 1.14 9.01
N HIS A 52 -4.12 0.93 8.17
CA HIS A 52 -5.15 1.94 7.87
C HIS A 52 -6.49 1.52 8.50
N PRO A 53 -7.16 2.41 9.26
CA PRO A 53 -8.48 2.09 9.87
C PRO A 53 -9.55 1.76 8.81
N ASP A 54 -9.32 2.22 7.58
CA ASP A 54 -10.24 1.99 6.46
C ASP A 54 -10.05 0.58 5.86
N ALA A 55 -8.98 -0.11 6.25
CA ALA A 55 -8.61 -1.41 5.67
C ALA A 55 -9.79 -2.38 5.57
N THR A 56 -10.50 -2.57 6.69
CA THR A 56 -11.60 -3.54 6.77
C THR A 56 -12.63 -3.38 5.63
N SER A 57 -12.89 -2.14 5.21
CA SER A 57 -13.88 -1.86 4.16
C SER A 57 -13.33 -2.20 2.76
N LYS A 58 -12.02 -2.06 2.59
CA LYS A 58 -11.37 -2.38 1.31
C LYS A 58 -11.06 -3.88 1.19
N ILE A 59 -10.83 -4.53 2.33
CA ILE A 59 -10.57 -5.98 2.36
C ILE A 59 -11.86 -6.79 2.22
N GLY A 60 -12.91 -6.36 2.93
CA GLY A 60 -14.17 -7.11 2.94
C GLY A 60 -14.00 -8.53 3.48
N PRO A 61 -14.51 -9.55 2.78
CA PRO A 61 -14.36 -10.96 3.19
C PRO A 61 -12.95 -11.52 2.92
N GLY A 62 -12.16 -10.84 2.07
CA GLY A 62 -10.82 -11.31 1.77
C GLY A 62 -10.22 -10.68 0.51
N VAL A 63 -8.88 -10.56 0.49
CA VAL A 63 -8.15 -10.00 -0.65
C VAL A 63 -7.80 -11.08 -1.67
N ARG A 64 -8.25 -10.92 -2.92
CA ARG A 64 -7.96 -11.88 -3.99
C ARG A 64 -6.53 -11.70 -4.54
N ASN A 65 -6.23 -10.50 -5.04
CA ASN A 65 -4.88 -10.16 -5.52
C ASN A 65 -4.73 -8.64 -5.72
N PHE A 66 -3.57 -8.21 -6.20
CA PHE A 66 -3.30 -6.79 -6.46
C PHE A 66 -2.97 -6.54 -7.95
N GLU A 67 -3.59 -5.52 -8.54
CA GLU A 67 -3.35 -5.15 -9.94
C GLU A 67 -2.81 -3.71 -10.04
N VAL A 68 -1.93 -3.47 -11.00
CA VAL A 68 -1.30 -2.15 -11.14
C VAL A 68 -1.92 -1.34 -12.30
N ARG A 69 -2.14 -0.04 -12.06
CA ARG A 69 -2.58 0.90 -13.11
C ARG A 69 -1.91 2.26 -12.91
N SER A 70 -2.26 3.22 -13.77
CA SER A 70 -1.81 4.62 -13.60
C SER A 70 -2.83 5.40 -12.77
N ALA A 71 -2.51 6.66 -12.46
CA ALA A 71 -3.42 7.51 -11.66
C ALA A 71 -3.46 8.95 -12.19
N ASP A 72 -2.41 9.71 -11.92
CA ASP A 72 -2.31 11.10 -12.36
C ASP A 72 -1.49 11.23 -13.66
N TYR A 73 -1.09 12.46 -13.98
CA TYR A 73 -0.36 12.74 -15.23
C TYR A 73 0.94 11.92 -15.33
N GLY A 74 1.53 11.59 -14.19
CA GLY A 74 2.78 10.81 -14.18
C GLY A 74 2.93 9.94 -12.94
N THR A 75 1.87 9.25 -12.55
CA THR A 75 1.90 8.37 -11.36
C THR A 75 1.16 7.05 -11.59
N GLN A 76 1.53 6.04 -10.81
CA GLN A 76 0.83 4.74 -10.82
C GLN A 76 0.14 4.50 -9.47
N CYS A 77 -0.60 3.39 -9.36
CA CYS A 77 -1.32 3.06 -8.13
C CYS A 77 -1.61 1.55 -8.02
N PHE A 78 -1.72 1.07 -6.78
CA PHE A 78 -2.03 -0.34 -6.51
C PHE A 78 -3.55 -0.54 -6.28
N TRP A 79 -4.15 -1.42 -7.07
CA TRP A 79 -5.59 -1.73 -6.96
C TRP A 79 -5.81 -3.07 -6.25
N ILE A 80 -6.75 -3.08 -5.31
CA ILE A 80 -7.07 -4.28 -4.53
C ILE A 80 -8.26 -5.06 -5.14
N LEU A 81 -7.99 -6.27 -5.59
CA LEU A 81 -9.04 -7.15 -6.12
C LEU A 81 -9.72 -7.91 -4.98
N ARG A 82 -10.99 -7.59 -4.72
CA ARG A 82 -11.75 -8.24 -3.63
C ARG A 82 -12.36 -9.57 -4.09
N THR A 83 -12.47 -10.53 -3.19
CA THR A 83 -13.07 -11.84 -3.50
C THR A 83 -14.56 -11.69 -3.84
N ASP A 84 -15.16 -10.56 -3.48
CA ASP A 84 -16.53 -10.22 -3.86
C ASP A 84 -16.71 -10.21 -5.39
N GLY A 85 -15.63 -9.91 -6.10
CA GLY A 85 -15.67 -9.79 -7.57
C GLY A 85 -15.54 -8.35 -8.05
N SER A 86 -14.97 -7.49 -7.20
CA SER A 86 -14.80 -6.07 -7.52
C SER A 86 -13.38 -5.57 -7.17
N GLU A 87 -13.12 -4.29 -7.40
CA GLU A 87 -11.78 -3.71 -7.18
C GLU A 87 -11.84 -2.28 -6.63
N GLU A 88 -10.82 -1.91 -5.85
CA GLU A 88 -10.64 -0.52 -5.39
C GLU A 88 -9.19 -0.27 -4.95
N ARG A 89 -8.71 0.95 -5.16
CA ARG A 89 -7.31 1.32 -4.89
C ARG A 89 -7.13 1.94 -3.50
N PHE A 90 -5.87 2.11 -3.09
CA PHE A 90 -5.55 2.80 -1.84
C PHE A 90 -4.34 3.73 -2.00
N SER A 91 -4.35 4.87 -1.30
CA SER A 91 -3.27 5.85 -1.40
C SER A 91 -2.07 5.50 -0.50
N TYR A 92 -1.17 4.66 -1.00
CA TYR A 92 0.01 4.23 -0.24
C TYR A 92 0.88 5.43 0.20
N LYS A 93 0.80 6.54 -0.55
CA LYS A 93 1.58 7.75 -0.23
C LYS A 93 1.15 8.35 1.11
N LYS A 94 -0.08 8.08 1.54
CA LYS A 94 -0.56 8.51 2.85
C LYS A 94 -0.75 7.31 3.78
N CYS A 95 0.35 6.82 4.36
CA CYS A 95 0.32 5.64 5.22
C CYS A 95 0.96 5.93 6.60
N VAL A 96 2.23 6.34 6.60
CA VAL A 96 2.92 6.68 7.84
C VAL A 96 2.42 8.02 8.41
N LEU A 97 1.37 7.96 9.23
CA LEU A 97 0.76 9.15 9.82
C LEU A 97 0.33 8.88 11.27
N GLU A 98 0.65 9.82 12.15
CA GLU A 98 0.34 9.68 13.57
C GLU A 98 -0.98 10.41 13.90
N HIS A 99 -0.96 11.74 13.78
CA HIS A 99 -2.19 12.54 13.89
C HIS A 99 -2.33 13.47 12.68
N HIS A 100 -1.68 14.64 12.71
CA HIS A 100 -1.71 15.57 11.57
C HIS A 100 -0.44 16.44 11.47
N HIS A 101 0.22 16.36 10.32
CA HIS A 101 1.29 17.29 9.93
C HIS A 101 1.05 17.77 8.49
N HIS A 102 1.02 19.09 8.29
CA HIS A 102 0.53 19.70 7.04
C HIS A 102 -1.00 19.58 6.96
N HIS A 103 -1.72 20.53 7.54
CA HIS A 103 -3.19 20.45 7.66
C HIS A 103 -3.90 21.51 6.82
N HIS A 104 -5.22 21.35 6.71
CA HIS A 104 -6.10 22.38 6.13
C HIS A 104 -7.10 22.89 7.18
N MET A 1 -1.13 4.26 15.27
CA MET A 1 -0.03 3.27 15.04
C MET A 1 1.30 3.76 15.64
N ALA A 2 2.33 2.92 15.55
CA ALA A 2 3.62 3.21 16.18
C ALA A 2 4.47 4.20 15.35
N LYS A 3 4.70 5.38 15.92
CA LYS A 3 5.58 6.39 15.30
C LYS A 3 7.02 6.26 15.83
N ALA A 4 7.45 5.02 16.03
CA ALA A 4 8.80 4.72 16.53
C ALA A 4 9.36 3.44 15.87
N GLN A 5 10.67 3.22 16.04
CA GLN A 5 11.35 2.04 15.45
C GLN A 5 11.38 2.08 13.91
N PRO A 6 12.35 1.37 13.27
CA PRO A 6 12.40 1.24 11.81
C PRO A 6 11.13 0.57 11.23
N ILE A 7 10.73 0.98 10.03
CA ILE A 7 9.50 0.48 9.42
C ILE A 7 9.71 -0.94 8.84
N GLU A 8 9.36 -1.96 9.63
CA GLU A 8 9.47 -3.36 9.18
C GLU A 8 8.10 -3.93 8.78
N ILE A 9 7.97 -4.31 7.51
CA ILE A 9 6.71 -4.86 6.99
C ILE A 9 6.93 -6.23 6.32
N ALA A 10 6.16 -7.24 6.77
CA ALA A 10 6.23 -8.59 6.20
C ALA A 10 7.64 -9.20 6.31
N GLY A 11 8.35 -8.85 7.39
CA GLY A 11 9.73 -9.33 7.56
C GLY A 11 10.77 -8.48 6.83
N HIS A 12 10.30 -7.57 5.98
CA HIS A 12 11.19 -6.66 5.24
C HIS A 12 11.40 -5.37 6.04
N GLU A 13 12.60 -5.18 6.58
CA GLU A 13 12.89 -4.01 7.43
C GLU A 13 13.35 -2.79 6.61
N PHE A 14 12.80 -1.63 6.93
CA PHE A 14 13.21 -0.36 6.32
C PHE A 14 13.58 0.67 7.41
N ALA A 15 14.83 1.12 7.38
CA ALA A 15 15.31 2.09 8.39
C ALA A 15 14.52 3.40 8.35
N ARG A 16 13.90 3.69 7.21
CA ARG A 16 13.16 4.94 7.02
C ARG A 16 11.92 4.72 6.13
N LYS A 17 10.84 5.43 6.42
CA LYS A 17 9.60 5.32 5.64
C LYS A 17 9.84 5.66 4.15
N ALA A 18 10.73 6.61 3.88
CA ALA A 18 11.11 6.95 2.51
C ALA A 18 11.61 5.70 1.75
N ASP A 19 12.50 4.94 2.39
CA ASP A 19 13.03 3.70 1.80
C ASP A 19 11.91 2.69 1.53
N ALA A 20 10.92 2.65 2.43
CA ALA A 20 9.75 1.79 2.27
C ALA A 20 8.94 2.16 1.02
N LEU A 21 8.76 3.45 0.76
CA LEU A 21 8.06 3.92 -0.44
C LEU A 21 8.89 3.65 -1.70
N ALA A 22 10.21 3.79 -1.58
CA ALA A 22 11.11 3.46 -2.68
C ALA A 22 10.96 1.99 -3.11
N PHE A 23 10.93 1.10 -2.12
CA PHE A 23 10.72 -0.33 -2.37
C PHE A 23 9.39 -0.57 -3.10
N MET A 24 8.31 0.04 -2.59
CA MET A 24 6.99 -0.05 -3.21
C MET A 24 7.03 0.44 -4.67
N LYS A 25 7.62 1.62 -4.87
CA LYS A 25 7.71 2.22 -6.20
C LYS A 25 8.47 1.32 -7.19
N VAL A 26 9.67 0.88 -6.80
CA VAL A 26 10.50 0.02 -7.67
C VAL A 26 9.74 -1.25 -8.10
N MET A 27 9.33 -2.06 -7.13
CA MET A 27 8.63 -3.32 -7.44
C MET A 27 7.34 -3.06 -8.25
N LEU A 28 6.72 -1.90 -8.02
CA LEU A 28 5.56 -1.46 -8.79
C LEU A 28 5.92 -1.17 -10.25
N ASN A 29 7.00 -0.42 -10.45
CA ASN A 29 7.47 -0.07 -11.80
C ASN A 29 7.94 -1.31 -12.58
N ARG A 30 8.24 -2.39 -11.86
CA ARG A 30 8.59 -3.67 -12.50
C ARG A 30 7.36 -4.29 -13.21
N TYR A 31 6.17 -3.90 -12.76
CA TYR A 31 4.93 -4.30 -13.43
C TYR A 31 4.48 -3.25 -14.45
N ARG A 32 3.52 -3.59 -15.28
CA ARG A 32 2.91 -2.65 -16.22
C ARG A 32 1.55 -2.18 -15.69
N PRO A 33 0.98 -1.09 -16.26
CA PRO A 33 -0.34 -0.56 -15.82
C PRO A 33 -1.54 -1.49 -16.15
N GLY A 34 -1.33 -2.81 -16.07
CA GLY A 34 -2.42 -3.76 -16.31
C GLY A 34 -2.05 -5.20 -15.97
N ASP A 35 -1.18 -5.40 -14.97
CA ASP A 35 -0.76 -6.74 -14.54
C ASP A 35 -1.26 -7.10 -13.13
N ILE A 36 -1.05 -8.36 -12.75
CA ILE A 36 -1.38 -8.85 -11.40
C ILE A 36 -0.11 -8.90 -10.52
N VAL A 37 -0.25 -8.49 -9.26
CA VAL A 37 0.88 -8.48 -8.32
C VAL A 37 1.30 -9.91 -7.91
N SER A 38 2.61 -10.11 -7.69
CA SER A 38 3.16 -11.44 -7.35
C SER A 38 2.98 -11.80 -5.87
N THR A 39 3.52 -12.95 -5.48
CA THR A 39 3.38 -13.50 -4.12
C THR A 39 3.93 -12.56 -3.03
N VAL A 40 5.26 -12.40 -3.01
CA VAL A 40 5.93 -11.58 -1.98
C VAL A 40 5.44 -10.13 -2.03
N ASP A 41 5.35 -9.58 -3.23
CA ASP A 41 4.88 -8.22 -3.45
C ASP A 41 3.48 -8.01 -2.86
N GLY A 42 2.58 -8.97 -3.11
CA GLY A 42 1.22 -8.90 -2.57
C GLY A 42 1.17 -9.07 -1.06
N ALA A 43 1.93 -10.03 -0.55
CA ALA A 43 2.01 -10.27 0.90
C ALA A 43 2.48 -9.00 1.64
N PHE A 44 3.50 -8.36 1.09
CA PHE A 44 4.01 -7.08 1.62
C PHE A 44 2.88 -6.03 1.69
N LEU A 45 2.10 -5.94 0.63
CA LEU A 45 0.97 -5.00 0.56
C LEU A 45 -0.07 -5.27 1.66
N VAL A 46 -0.40 -6.55 1.87
CA VAL A 46 -1.35 -6.94 2.92
C VAL A 46 -0.88 -6.46 4.30
N GLU A 47 0.40 -6.70 4.60
CA GLU A 47 1.00 -6.27 5.87
C GLU A 47 1.08 -4.73 5.95
N ALA A 48 1.32 -4.09 4.81
CA ALA A 48 1.35 -2.63 4.74
C ALA A 48 -0.06 -2.02 4.86
N LEU A 49 -1.07 -2.81 4.50
CA LEU A 49 -2.47 -2.38 4.59
C LEU A 49 -3.00 -2.47 6.03
N LYS A 50 -2.78 -3.62 6.68
CA LYS A 50 -3.32 -3.88 8.02
C LYS A 50 -2.91 -2.82 9.07
N ARG A 51 -1.78 -2.15 8.84
CA ARG A 51 -1.33 -1.08 9.76
C ARG A 51 -2.05 0.27 9.47
N HIS A 52 -3.19 0.20 8.79
CA HIS A 52 -4.08 1.36 8.63
C HIS A 52 -5.41 1.12 9.34
N PRO A 53 -5.99 2.13 10.01
CA PRO A 53 -7.28 1.97 10.72
C PRO A 53 -8.42 1.58 9.76
N ASP A 54 -8.26 1.98 8.50
CA ASP A 54 -9.25 1.67 7.45
C ASP A 54 -9.20 0.20 7.03
N ALA A 55 -8.11 -0.49 7.39
CA ALA A 55 -7.86 -1.88 6.95
C ALA A 55 -9.06 -2.80 7.23
N THR A 56 -9.67 -2.66 8.41
CA THR A 56 -10.83 -3.50 8.78
C THR A 56 -11.90 -3.52 7.67
N SER A 57 -12.13 -2.38 7.04
CA SER A 57 -13.10 -2.26 5.95
C SER A 57 -12.50 -2.70 4.60
N LYS A 58 -11.21 -2.44 4.42
CA LYS A 58 -10.54 -2.73 3.15
C LYS A 58 -10.07 -4.18 3.04
N ILE A 59 -10.19 -4.94 4.14
CA ILE A 59 -9.89 -6.38 4.14
C ILE A 59 -11.18 -7.21 4.29
N GLY A 60 -11.92 -6.95 5.38
CA GLY A 60 -13.17 -7.66 5.63
C GLY A 60 -12.99 -9.18 5.76
N PRO A 61 -13.59 -9.98 4.86
CA PRO A 61 -13.48 -11.45 4.88
C PRO A 61 -12.12 -11.97 4.40
N GLY A 62 -11.39 -11.15 3.64
CA GLY A 62 -10.10 -11.57 3.11
C GLY A 62 -9.71 -10.86 1.81
N VAL A 63 -8.49 -11.10 1.35
CA VAL A 63 -7.96 -10.45 0.14
C VAL A 63 -7.71 -11.47 -0.98
N ARG A 64 -8.37 -11.28 -2.13
CA ARG A 64 -8.23 -12.19 -3.26
C ARG A 64 -6.87 -12.00 -3.95
N ASN A 65 -6.55 -10.75 -4.30
CA ASN A 65 -5.24 -10.39 -4.86
C ASN A 65 -5.08 -8.86 -4.99
N PHE A 66 -3.94 -8.45 -5.54
CA PHE A 66 -3.70 -7.03 -5.86
C PHE A 66 -3.44 -6.86 -7.35
N GLU A 67 -3.92 -5.75 -7.92
CA GLU A 67 -3.78 -5.49 -9.36
C GLU A 67 -3.10 -4.13 -9.62
N VAL A 68 -2.24 -4.08 -10.63
CA VAL A 68 -1.48 -2.86 -10.95
C VAL A 68 -2.09 -2.10 -12.14
N ARG A 69 -2.48 -0.85 -11.90
CA ARG A 69 -3.02 0.02 -12.96
C ARG A 69 -2.37 1.40 -12.92
N SER A 70 -2.54 2.17 -14.00
CA SER A 70 -2.15 3.59 -14.00
C SER A 70 -3.24 4.39 -13.27
N ALA A 71 -3.12 4.46 -11.95
CA ALA A 71 -4.17 5.04 -11.10
C ALA A 71 -4.45 6.50 -11.43
N ASP A 72 -3.51 7.38 -11.12
CA ASP A 72 -3.69 8.81 -11.31
C ASP A 72 -2.35 9.55 -11.53
N TYR A 73 -2.43 10.73 -12.13
CA TYR A 73 -1.25 11.58 -12.40
C TYR A 73 -0.18 10.86 -13.24
N GLY A 74 -0.60 9.86 -14.00
CA GLY A 74 0.34 9.10 -14.84
C GLY A 74 1.29 8.23 -14.01
N THR A 75 0.88 7.89 -12.80
CA THR A 75 1.69 7.03 -11.92
C THR A 75 0.94 5.76 -11.53
N GLN A 76 1.63 4.62 -11.58
CA GLN A 76 1.07 3.33 -11.20
C GLN A 76 0.72 3.28 -9.71
N CYS A 77 -0.27 2.47 -9.35
CA CYS A 77 -0.63 2.24 -7.94
C CYS A 77 -1.26 0.85 -7.77
N PHE A 78 -1.29 0.37 -6.53
CA PHE A 78 -1.83 -0.96 -6.23
C PHE A 78 -3.33 -0.91 -5.90
N TRP A 79 -4.09 -1.81 -6.53
CA TRP A 79 -5.53 -1.95 -6.26
C TRP A 79 -5.80 -3.17 -5.38
N ILE A 80 -6.59 -2.98 -4.31
CA ILE A 80 -6.92 -4.06 -3.38
C ILE A 80 -8.17 -4.83 -3.83
N LEU A 81 -7.98 -6.06 -4.32
CA LEU A 81 -9.11 -6.93 -4.69
C LEU A 81 -9.45 -7.89 -3.53
N ARG A 82 -10.57 -7.64 -2.85
CA ARG A 82 -10.97 -8.48 -1.71
C ARG A 82 -11.72 -9.73 -2.18
N THR A 83 -11.73 -10.77 -1.34
CA THR A 83 -12.49 -12.00 -1.64
C THR A 83 -13.99 -11.69 -1.79
N ASP A 84 -14.44 -10.64 -1.11
CA ASP A 84 -15.80 -10.14 -1.24
C ASP A 84 -16.12 -9.71 -2.69
N GLY A 85 -15.08 -9.35 -3.45
CA GLY A 85 -15.26 -8.88 -4.82
C GLY A 85 -15.01 -7.38 -4.96
N SER A 86 -15.33 -6.63 -3.91
CA SER A 86 -15.11 -5.18 -3.86
C SER A 86 -13.63 -4.82 -4.04
N GLU A 87 -13.37 -3.72 -4.76
CA GLU A 87 -12.00 -3.22 -4.98
C GLU A 87 -11.78 -1.86 -4.31
N GLU A 88 -10.51 -1.53 -4.04
CA GLU A 88 -10.15 -0.20 -3.55
C GLU A 88 -8.69 0.16 -3.88
N ARG A 89 -8.52 1.20 -4.70
CA ARG A 89 -7.21 1.83 -4.91
C ARG A 89 -6.75 2.54 -3.63
N PHE A 90 -5.56 2.21 -3.14
CA PHE A 90 -5.01 2.90 -1.96
C PHE A 90 -3.68 3.59 -2.29
N SER A 91 -3.62 4.89 -2.00
CA SER A 91 -2.41 5.68 -2.27
C SER A 91 -1.30 5.35 -1.27
N TYR A 92 -0.48 4.35 -1.60
CA TYR A 92 0.70 4.01 -0.79
C TYR A 92 1.61 5.23 -0.62
N LYS A 93 1.61 6.08 -1.65
CA LYS A 93 2.38 7.34 -1.66
C LYS A 93 1.97 8.28 -0.52
N LYS A 94 0.76 8.08 0.04
CA LYS A 94 0.28 8.89 1.17
C LYS A 94 0.13 8.05 2.45
N CYS A 95 0.83 6.92 2.50
CA CYS A 95 0.87 6.10 3.72
C CYS A 95 1.94 6.61 4.69
N VAL A 96 2.07 7.94 4.77
CA VAL A 96 3.03 8.61 5.66
C VAL A 96 2.31 9.62 6.57
N LEU A 97 1.75 10.65 5.94
CA LEU A 97 0.96 11.67 6.65
C LEU A 97 -0.38 11.90 5.93
N GLU A 98 -1.33 12.52 6.64
CA GLU A 98 -2.68 12.70 6.12
C GLU A 98 -2.78 13.86 5.09
N HIS A 99 -4.00 14.21 4.72
CA HIS A 99 -4.26 15.20 3.67
C HIS A 99 -3.79 16.63 4.03
N HIS A 100 -4.25 17.14 5.18
CA HIS A 100 -4.02 18.54 5.56
C HIS A 100 -4.61 18.84 6.95
N HIS A 101 -3.76 18.80 7.98
CA HIS A 101 -4.20 19.13 9.35
C HIS A 101 -4.75 20.55 9.46
N HIS A 102 -5.69 20.74 10.40
CA HIS A 102 -6.36 22.02 10.59
C HIS A 102 -6.37 22.42 12.08
N HIS A 103 -6.33 23.72 12.34
CA HIS A 103 -6.35 24.24 13.71
C HIS A 103 -7.76 24.17 14.31
N HIS A 104 -8.76 24.53 13.50
CA HIS A 104 -10.17 24.45 13.90
C HIS A 104 -11.00 23.73 12.82
N MET A 1 -1.40 4.40 19.39
CA MET A 1 -0.43 5.51 19.27
C MET A 1 0.98 4.96 18.96
N ALA A 2 1.49 5.25 17.76
CA ALA A 2 2.81 4.77 17.34
C ALA A 2 3.67 5.90 16.78
N LYS A 3 4.57 6.44 17.60
CA LYS A 3 5.56 7.44 17.17
C LYS A 3 6.98 6.86 17.19
N ALA A 4 7.07 5.54 17.36
CA ALA A 4 8.37 4.86 17.47
C ALA A 4 8.57 3.81 16.37
N GLN A 5 9.81 3.33 16.22
CA GLN A 5 10.17 2.31 15.22
C GLN A 5 10.12 2.87 13.78
N PRO A 6 10.97 2.34 12.88
CA PRO A 6 10.96 2.72 11.45
C PRO A 6 9.71 2.21 10.71
N ILE A 7 9.57 2.59 9.44
CA ILE A 7 8.45 2.14 8.63
C ILE A 7 8.60 0.65 8.29
N GLU A 8 8.10 -0.22 9.17
CA GLU A 8 8.16 -1.67 8.94
C GLU A 8 6.93 -2.16 8.17
N ILE A 9 7.16 -2.94 7.12
CA ILE A 9 6.08 -3.53 6.33
C ILE A 9 6.42 -5.00 5.97
N ALA A 10 5.65 -5.94 6.52
CA ALA A 10 5.84 -7.38 6.24
C ALA A 10 7.25 -7.87 6.68
N GLY A 11 7.83 -7.18 7.66
CA GLY A 11 9.17 -7.51 8.13
C GLY A 11 10.27 -6.68 7.47
N HIS A 12 9.91 -5.94 6.41
CA HIS A 12 10.87 -5.08 5.71
C HIS A 12 10.99 -3.72 6.43
N GLU A 13 12.19 -3.42 6.92
CA GLU A 13 12.42 -2.19 7.70
C GLU A 13 12.87 -1.02 6.81
N PHE A 14 12.10 0.07 6.84
CA PHE A 14 12.48 1.30 6.15
C PHE A 14 12.73 2.44 7.15
N ALA A 15 14.00 2.84 7.29
CA ALA A 15 14.39 3.89 8.24
C ALA A 15 13.84 5.28 7.87
N ARG A 16 13.17 5.37 6.73
CA ARG A 16 12.59 6.63 6.26
C ARG A 16 11.38 6.37 5.36
N LYS A 17 10.32 7.16 5.52
CA LYS A 17 9.09 6.99 4.72
C LYS A 17 9.37 7.11 3.21
N ALA A 18 10.18 8.10 2.84
CA ALA A 18 10.59 8.29 1.44
C ALA A 18 11.28 7.03 0.87
N ASP A 19 11.99 6.29 1.72
CA ASP A 19 12.65 5.04 1.31
C ASP A 19 11.60 3.97 0.96
N ALA A 20 10.58 3.86 1.82
CA ALA A 20 9.47 2.94 1.60
C ALA A 20 8.71 3.25 0.31
N LEU A 21 8.38 4.54 0.10
CA LEU A 21 7.69 4.98 -1.11
C LEU A 21 8.53 4.67 -2.36
N ALA A 22 9.83 4.95 -2.28
CA ALA A 22 10.76 4.66 -3.38
C ALA A 22 10.75 3.16 -3.71
N PHE A 23 10.87 2.32 -2.69
CA PHE A 23 10.87 0.87 -2.86
C PHE A 23 9.59 0.38 -3.56
N MET A 24 8.43 0.77 -3.01
CA MET A 24 7.14 0.37 -3.57
C MET A 24 6.96 0.94 -4.99
N LYS A 25 7.46 2.14 -5.23
CA LYS A 25 7.43 2.77 -6.55
C LYS A 25 8.23 1.92 -7.56
N VAL A 26 9.47 1.57 -7.18
CA VAL A 26 10.34 0.78 -8.05
C VAL A 26 9.69 -0.55 -8.44
N MET A 27 9.30 -1.37 -7.45
CA MET A 27 8.67 -2.67 -7.74
C MET A 27 7.41 -2.50 -8.59
N LEU A 28 6.62 -1.45 -8.30
CA LEU A 28 5.43 -1.11 -9.09
C LEU A 28 5.77 -0.88 -10.57
N ASN A 29 6.90 -0.19 -10.80
CA ASN A 29 7.35 0.13 -12.16
C ASN A 29 8.06 -1.06 -12.84
N ARG A 30 8.00 -2.24 -12.22
CA ARG A 30 8.48 -3.48 -12.85
C ARG A 30 7.29 -4.33 -13.35
N TYR A 31 6.08 -3.91 -13.02
CA TYR A 31 4.86 -4.54 -13.54
C TYR A 31 4.19 -3.62 -14.56
N ARG A 32 3.40 -4.20 -15.45
CA ARG A 32 2.64 -3.40 -16.43
C ARG A 32 1.34 -2.88 -15.79
N PRO A 33 0.77 -1.77 -16.30
CA PRO A 33 -0.42 -1.12 -15.68
C PRO A 33 -1.73 -1.95 -15.76
N GLY A 34 -1.61 -3.28 -15.83
CA GLY A 34 -2.79 -4.14 -15.83
C GLY A 34 -2.47 -5.61 -15.61
N ASP A 35 -1.43 -5.90 -14.83
CA ASP A 35 -1.02 -7.29 -14.56
C ASP A 35 -1.02 -7.63 -13.06
N ILE A 36 -0.81 -8.90 -12.76
CA ILE A 36 -0.84 -9.42 -11.39
C ILE A 36 0.41 -9.03 -10.58
N VAL A 37 0.22 -8.66 -9.33
CA VAL A 37 1.32 -8.42 -8.40
C VAL A 37 1.82 -9.74 -7.80
N SER A 38 3.11 -9.81 -7.46
CA SER A 38 3.72 -11.07 -6.98
C SER A 38 3.19 -11.48 -5.59
N THR A 39 3.55 -12.69 -5.16
CA THR A 39 3.12 -13.21 -3.86
C THR A 39 3.69 -12.38 -2.69
N VAL A 40 4.99 -12.11 -2.75
CA VAL A 40 5.67 -11.33 -1.72
C VAL A 40 5.17 -9.87 -1.69
N ASP A 41 5.21 -9.22 -2.86
CA ASP A 41 4.71 -7.85 -2.99
C ASP A 41 3.26 -7.73 -2.50
N GLY A 42 2.44 -8.73 -2.82
CA GLY A 42 1.06 -8.76 -2.35
C GLY A 42 0.95 -8.75 -0.83
N ALA A 43 1.64 -9.69 -0.17
CA ALA A 43 1.66 -9.76 1.29
C ALA A 43 2.22 -8.45 1.91
N PHE A 44 3.20 -7.87 1.22
CA PHE A 44 3.78 -6.58 1.61
C PHE A 44 2.70 -5.49 1.66
N LEU A 45 1.93 -5.38 0.57
CA LEU A 45 0.86 -4.39 0.47
C LEU A 45 -0.21 -4.58 1.56
N VAL A 46 -0.48 -5.84 1.93
CA VAL A 46 -1.44 -6.14 3.00
C VAL A 46 -1.06 -5.44 4.32
N GLU A 47 0.19 -5.63 4.75
CA GLU A 47 0.67 -5.00 5.98
C GLU A 47 0.65 -3.47 5.88
N ALA A 48 1.04 -2.94 4.72
CA ALA A 48 0.98 -1.49 4.48
C ALA A 48 -0.47 -0.98 4.55
N LEU A 49 -1.40 -1.80 4.10
CA LEU A 49 -2.84 -1.49 4.16
C LEU A 49 -3.35 -1.46 5.62
N LYS A 50 -2.86 -2.38 6.44
CA LYS A 50 -3.31 -2.49 7.85
C LYS A 50 -3.06 -1.20 8.67
N ARG A 51 -2.25 -0.30 8.14
CA ARG A 51 -2.01 1.00 8.79
C ARG A 51 -3.03 2.06 8.33
N HIS A 52 -4.09 1.60 7.67
CA HIS A 52 -5.19 2.47 7.22
C HIS A 52 -6.42 2.34 8.13
N PRO A 53 -7.07 3.46 8.50
CA PRO A 53 -8.37 3.42 9.18
C PRO A 53 -9.47 2.87 8.25
N ASP A 54 -9.22 2.96 6.95
CA ASP A 54 -10.14 2.44 5.93
C ASP A 54 -9.86 0.97 5.57
N ALA A 55 -8.81 0.40 6.17
CA ALA A 55 -8.40 -0.99 5.87
C ALA A 55 -9.54 -2.00 6.07
N THR A 56 -10.27 -1.88 7.18
CA THR A 56 -11.40 -2.77 7.47
C THR A 56 -12.45 -2.75 6.35
N SER A 57 -12.50 -1.64 5.61
CA SER A 57 -13.42 -1.50 4.46
C SER A 57 -12.78 -1.98 3.16
N LYS A 58 -11.47 -1.77 3.02
CA LYS A 58 -10.72 -2.18 1.82
C LYS A 58 -10.53 -3.71 1.76
N ILE A 59 -10.42 -4.33 2.93
CA ILE A 59 -10.28 -5.79 3.01
C ILE A 59 -11.65 -6.49 2.87
N GLY A 60 -12.67 -5.95 3.55
CA GLY A 60 -14.01 -6.52 3.49
C GLY A 60 -14.08 -7.96 4.00
N PRO A 61 -14.38 -8.93 3.11
CA PRO A 61 -14.38 -10.37 3.48
C PRO A 61 -12.98 -10.99 3.50
N GLY A 62 -12.03 -10.36 2.81
CA GLY A 62 -10.67 -10.88 2.73
C GLY A 62 -9.94 -10.47 1.47
N VAL A 63 -8.62 -10.35 1.55
CA VAL A 63 -7.79 -9.96 0.40
C VAL A 63 -7.37 -11.19 -0.43
N ARG A 64 -7.84 -11.25 -1.67
CA ARG A 64 -7.53 -12.37 -2.57
C ARG A 64 -6.16 -12.17 -3.24
N ASN A 65 -5.99 -11.04 -3.92
CA ASN A 65 -4.73 -10.70 -4.57
C ASN A 65 -4.65 -9.20 -4.90
N PHE A 66 -3.58 -8.78 -5.56
CA PHE A 66 -3.40 -7.39 -5.99
C PHE A 66 -3.09 -7.30 -7.49
N GLU A 67 -3.60 -6.26 -8.14
CA GLU A 67 -3.30 -6.00 -9.55
C GLU A 67 -2.85 -4.56 -9.77
N VAL A 68 -2.03 -4.34 -10.79
CA VAL A 68 -1.52 -3.00 -11.10
C VAL A 68 -2.44 -2.25 -12.08
N ARG A 69 -2.51 -0.93 -11.92
CA ARG A 69 -3.31 -0.08 -12.80
C ARG A 69 -2.59 1.24 -13.10
N SER A 70 -3.03 1.97 -14.13
CA SER A 70 -2.46 3.28 -14.44
C SER A 70 -2.92 4.34 -13.43
N ALA A 71 -2.18 5.44 -13.33
CA ALA A 71 -2.52 6.53 -12.39
C ALA A 71 -2.18 7.91 -12.94
N ASP A 72 -2.41 8.94 -12.12
CA ASP A 72 -2.19 10.33 -12.52
C ASP A 72 -0.72 10.62 -12.87
N TYR A 73 -0.49 11.66 -13.68
CA TYR A 73 0.86 12.05 -14.12
C TYR A 73 1.52 10.92 -14.94
N GLY A 74 0.71 9.98 -15.44
CA GLY A 74 1.24 8.86 -16.20
C GLY A 74 1.99 7.86 -15.32
N THR A 75 1.58 7.74 -14.06
CA THR A 75 2.20 6.80 -13.12
C THR A 75 1.36 5.52 -12.98
N GLN A 76 1.61 4.75 -11.92
CA GLN A 76 0.90 3.48 -11.69
C GLN A 76 0.33 3.42 -10.26
N CYS A 77 -0.55 2.44 -10.01
CA CYS A 77 -1.18 2.27 -8.69
C CYS A 77 -1.51 0.79 -8.41
N PHE A 78 -1.63 0.45 -7.12
CA PHE A 78 -1.99 -0.91 -6.70
C PHE A 78 -3.48 -1.01 -6.33
N TRP A 79 -4.15 -2.06 -6.83
CA TRP A 79 -5.58 -2.30 -6.51
C TRP A 79 -5.76 -3.60 -5.72
N ILE A 80 -6.64 -3.55 -4.72
CA ILE A 80 -6.93 -4.69 -3.85
C ILE A 80 -8.07 -5.55 -4.40
N LEU A 81 -7.77 -6.78 -4.80
CA LEU A 81 -8.79 -7.72 -5.25
C LEU A 81 -9.38 -8.50 -4.07
N ARG A 82 -10.58 -8.10 -3.67
CA ARG A 82 -11.28 -8.73 -2.53
C ARG A 82 -11.95 -10.05 -2.94
N THR A 83 -12.03 -10.99 -2.00
CA THR A 83 -12.74 -12.27 -2.24
C THR A 83 -14.21 -12.02 -2.59
N ASP A 84 -14.70 -10.84 -2.22
CA ASP A 84 -16.01 -10.35 -2.63
C ASP A 84 -16.20 -10.41 -4.17
N GLY A 85 -15.18 -10.00 -4.91
CA GLY A 85 -15.26 -9.98 -6.36
C GLY A 85 -15.00 -8.62 -6.98
N SER A 86 -15.16 -7.55 -6.18
CA SER A 86 -14.89 -6.19 -6.66
C SER A 86 -13.57 -5.63 -6.11
N GLU A 87 -12.81 -4.99 -6.99
CA GLU A 87 -11.51 -4.40 -6.63
C GLU A 87 -11.66 -2.99 -6.01
N GLU A 88 -10.69 -2.59 -5.20
CA GLU A 88 -10.65 -1.26 -4.60
C GLU A 88 -9.21 -0.85 -4.26
N ARG A 89 -8.86 0.42 -4.48
CA ARG A 89 -7.48 0.87 -4.29
C ARG A 89 -7.23 1.51 -2.91
N PHE A 90 -5.96 1.74 -2.60
CA PHE A 90 -5.58 2.43 -1.35
C PHE A 90 -4.37 3.34 -1.59
N SER A 91 -4.45 4.58 -1.12
CA SER A 91 -3.34 5.54 -1.27
C SER A 91 -2.16 5.16 -0.37
N TYR A 92 -1.18 4.48 -0.96
CA TYR A 92 -0.01 3.99 -0.20
C TYR A 92 0.85 5.15 0.35
N LYS A 93 1.00 6.21 -0.44
CA LYS A 93 1.90 7.33 -0.06
C LYS A 93 1.32 8.19 1.07
N LYS A 94 0.08 7.90 1.49
CA LYS A 94 -0.53 8.58 2.64
C LYS A 94 -0.39 7.72 3.92
N CYS A 95 0.22 6.55 3.79
CA CYS A 95 0.41 5.63 4.91
C CYS A 95 1.74 5.89 5.61
N VAL A 96 1.95 7.16 5.99
CA VAL A 96 3.21 7.62 6.58
C VAL A 96 3.32 7.26 8.07
N LEU A 97 2.60 8.03 8.91
CA LEU A 97 2.72 7.91 10.37
C LEU A 97 1.81 8.95 11.04
N GLU A 98 1.33 8.65 12.25
CA GLU A 98 0.47 9.60 13.00
C GLU A 98 1.17 10.96 13.19
N HIS A 99 0.63 12.00 12.57
CA HIS A 99 1.18 13.36 12.70
C HIS A 99 0.08 14.37 13.05
N HIS A 100 0.45 15.40 13.83
CA HIS A 100 -0.49 16.44 14.29
C HIS A 100 -1.20 17.16 13.12
N HIS A 101 -2.28 17.87 13.45
CA HIS A 101 -3.06 18.61 12.44
C HIS A 101 -2.34 19.88 11.96
N HIS A 102 -2.92 20.55 10.96
CA HIS A 102 -2.38 21.81 10.43
C HIS A 102 -2.86 23.01 11.26
N HIS A 103 -2.03 24.06 11.34
CA HIS A 103 -2.38 25.28 12.07
C HIS A 103 -1.86 26.56 11.38
N HIS A 104 -1.47 26.42 10.11
CA HIS A 104 -1.03 27.57 9.30
C HIS A 104 -0.93 27.19 7.81
N MET A 1 4.64 1.78 25.23
CA MET A 1 5.70 1.46 24.23
C MET A 1 5.45 2.13 22.88
N ALA A 2 4.20 2.53 22.62
CA ALA A 2 3.83 3.19 21.35
C ALA A 2 4.49 4.59 21.23
N LYS A 3 5.44 4.69 20.30
CA LYS A 3 6.21 5.93 20.11
C LYS A 3 6.68 6.06 18.65
N ALA A 4 7.69 6.90 18.41
CA ALA A 4 8.34 6.98 17.10
C ALA A 4 9.12 5.67 16.83
N GLN A 5 8.44 4.69 16.24
CA GLN A 5 9.03 3.36 15.99
C GLN A 5 9.12 3.06 14.49
N PRO A 6 10.11 2.25 14.07
CA PRO A 6 10.26 1.84 12.66
C PRO A 6 9.09 0.99 12.14
N ILE A 7 8.69 1.24 10.90
CA ILE A 7 7.54 0.55 10.29
C ILE A 7 7.92 -0.85 9.79
N GLU A 8 7.55 -1.89 10.56
CA GLU A 8 7.86 -3.27 10.20
C GLU A 8 6.73 -3.89 9.37
N ILE A 9 7.02 -4.22 8.12
CA ILE A 9 6.03 -4.85 7.23
C ILE A 9 6.58 -6.14 6.60
N ALA A 10 6.05 -7.29 7.01
CA ALA A 10 6.44 -8.59 6.46
C ALA A 10 7.96 -8.84 6.62
N GLY A 11 8.53 -8.33 7.70
CA GLY A 11 9.97 -8.47 7.96
C GLY A 11 10.79 -7.27 7.49
N HIS A 12 10.23 -6.52 6.55
CA HIS A 12 10.90 -5.33 6.01
C HIS A 12 10.78 -4.14 6.99
N GLU A 13 11.87 -3.83 7.69
CA GLU A 13 11.89 -2.77 8.70
C GLU A 13 12.24 -1.41 8.09
N PHE A 14 11.26 -0.51 8.05
CA PHE A 14 11.48 0.85 7.54
C PHE A 14 11.80 1.84 8.68
N ALA A 15 12.94 2.51 8.56
CA ALA A 15 13.40 3.45 9.61
C ALA A 15 12.43 4.62 9.82
N ARG A 16 11.91 5.16 8.73
CA ARG A 16 10.98 6.29 8.78
C ARG A 16 9.73 6.02 7.92
N LYS A 17 8.68 6.81 8.12
CA LYS A 17 7.43 6.64 7.37
C LYS A 17 7.66 6.87 5.87
N ALA A 18 8.50 7.86 5.56
CA ALA A 18 8.86 8.19 4.18
C ALA A 18 9.46 6.99 3.42
N ASP A 19 10.09 6.08 4.17
CA ASP A 19 10.65 4.84 3.58
C ASP A 19 9.55 3.97 2.97
N ALA A 20 8.48 3.76 3.73
CA ALA A 20 7.36 2.93 3.27
C ALA A 20 6.73 3.47 1.97
N LEU A 21 6.48 4.77 1.94
CA LEU A 21 5.89 5.42 0.77
C LEU A 21 6.83 5.35 -0.46
N ALA A 22 8.10 5.68 -0.24
CA ALA A 22 9.12 5.64 -1.30
C ALA A 22 9.27 4.22 -1.88
N PHE A 23 9.50 3.25 -0.99
CA PHE A 23 9.66 1.84 -1.38
C PHE A 23 8.50 1.36 -2.26
N MET A 24 7.29 1.37 -1.70
CA MET A 24 6.10 0.90 -2.42
C MET A 24 5.86 1.67 -3.73
N LYS A 25 6.23 2.95 -3.79
CA LYS A 25 6.10 3.73 -5.03
C LYS A 25 7.09 3.23 -6.10
N VAL A 26 8.35 3.05 -5.71
CA VAL A 26 9.40 2.58 -6.64
C VAL A 26 8.97 1.26 -7.32
N MET A 27 8.69 0.23 -6.52
CA MET A 27 8.22 -1.06 -7.04
C MET A 27 6.93 -0.89 -7.88
N LEU A 28 6.02 -0.05 -7.41
CA LEU A 28 4.78 0.24 -8.13
C LEU A 28 5.05 0.79 -9.54
N ASN A 29 6.04 1.67 -9.65
CA ASN A 29 6.41 2.27 -10.94
C ASN A 29 7.02 1.23 -11.90
N ARG A 30 7.53 0.13 -11.36
CA ARG A 30 8.05 -0.98 -12.19
C ARG A 30 6.89 -1.80 -12.80
N TYR A 31 5.68 -1.56 -12.31
CA TYR A 31 4.47 -2.11 -12.92
C TYR A 31 3.72 -1.01 -13.68
N ARG A 32 2.83 -1.40 -14.57
CA ARG A 32 2.00 -0.44 -15.30
C ARG A 32 0.55 -0.46 -14.79
N PRO A 33 -0.24 0.63 -15.03
CA PRO A 33 -1.66 0.70 -14.60
C PRO A 33 -2.60 -0.32 -15.30
N GLY A 34 -2.04 -1.45 -15.74
CA GLY A 34 -2.83 -2.52 -16.33
C GLY A 34 -2.13 -3.88 -16.22
N ASP A 35 -1.39 -4.08 -15.13
CA ASP A 35 -0.66 -5.35 -14.91
C ASP A 35 -0.82 -5.84 -13.46
N ILE A 36 -0.51 -7.12 -13.22
CA ILE A 36 -0.60 -7.73 -11.89
C ILE A 36 0.73 -7.61 -11.11
N VAL A 37 0.63 -7.44 -9.80
CA VAL A 37 1.81 -7.36 -8.93
C VAL A 37 2.31 -8.75 -8.54
N SER A 38 3.64 -8.92 -8.49
CA SER A 38 4.24 -10.22 -8.12
C SER A 38 3.74 -10.73 -6.76
N THR A 39 3.57 -12.05 -6.65
CA THR A 39 3.02 -12.67 -5.44
C THR A 39 3.85 -12.34 -4.18
N VAL A 40 5.18 -12.31 -4.33
CA VAL A 40 6.07 -11.92 -3.21
C VAL A 40 5.73 -10.50 -2.72
N ASP A 41 5.76 -9.53 -3.64
CA ASP A 41 5.37 -8.16 -3.33
C ASP A 41 3.94 -8.09 -2.78
N GLY A 42 3.08 -8.98 -3.27
CA GLY A 42 1.70 -9.07 -2.78
C GLY A 42 1.63 -9.41 -1.30
N ALA A 43 2.42 -10.41 -0.87
CA ALA A 43 2.50 -10.80 0.54
C ALA A 43 2.88 -9.61 1.43
N PHE A 44 3.81 -8.79 0.93
CA PHE A 44 4.20 -7.53 1.60
C PHE A 44 2.98 -6.60 1.73
N LEU A 45 2.28 -6.39 0.62
CA LEU A 45 1.11 -5.52 0.58
C LEU A 45 0.00 -6.00 1.55
N VAL A 46 -0.15 -7.32 1.68
CA VAL A 46 -1.11 -7.90 2.64
C VAL A 46 -0.83 -7.40 4.07
N GLU A 47 0.44 -7.49 4.49
CA GLU A 47 0.84 -7.00 5.82
C GLU A 47 0.73 -5.47 5.89
N ALA A 48 1.10 -4.80 4.80
CA ALA A 48 0.96 -3.34 4.70
C ALA A 48 -0.51 -2.90 4.85
N LEU A 49 -1.42 -3.75 4.39
CA LEU A 49 -2.85 -3.52 4.55
C LEU A 49 -3.29 -3.75 6.01
N LYS A 50 -2.76 -4.79 6.63
CA LYS A 50 -3.05 -5.09 8.05
C LYS A 50 -2.60 -3.94 8.96
N ARG A 51 -1.62 -3.15 8.49
CA ARG A 51 -1.17 -1.96 9.22
C ARG A 51 -2.30 -0.92 9.36
N HIS A 52 -3.38 -1.09 8.58
CA HIS A 52 -4.54 -0.19 8.62
C HIS A 52 -5.69 -0.80 9.44
N PRO A 53 -6.45 0.01 10.17
CA PRO A 53 -7.66 -0.46 10.89
C PRO A 53 -8.79 -0.83 9.90
N ASP A 54 -8.65 -0.36 8.66
CA ASP A 54 -9.64 -0.62 7.61
C ASP A 54 -9.49 -2.03 7.02
N ALA A 55 -8.40 -2.72 7.39
CA ALA A 55 -8.05 -4.02 6.81
C ALA A 55 -9.22 -5.00 6.76
N THR A 56 -9.91 -5.20 7.89
CA THR A 56 -11.03 -6.15 7.97
C THR A 56 -12.08 -5.89 6.87
N SER A 57 -12.28 -4.61 6.53
CA SER A 57 -13.26 -4.22 5.50
C SER A 57 -12.67 -4.38 4.08
N LYS A 58 -11.41 -4.00 3.92
CA LYS A 58 -10.73 -4.03 2.61
C LYS A 58 -10.33 -5.47 2.21
N ILE A 59 -10.24 -6.37 3.19
CA ILE A 59 -9.92 -7.78 2.91
C ILE A 59 -11.20 -8.61 2.72
N GLY A 60 -12.09 -8.56 3.72
CA GLY A 60 -13.34 -9.30 3.64
C GLY A 60 -13.16 -10.80 3.53
N PRO A 61 -13.57 -11.44 2.40
CA PRO A 61 -13.43 -12.89 2.20
C PRO A 61 -11.97 -13.34 2.03
N GLY A 62 -11.10 -12.42 1.60
CA GLY A 62 -9.70 -12.75 1.39
C GLY A 62 -9.07 -12.00 0.21
N VAL A 63 -7.75 -12.04 0.11
CA VAL A 63 -7.02 -11.37 -0.98
C VAL A 63 -6.60 -12.36 -2.08
N ARG A 64 -7.10 -12.14 -3.29
CA ARG A 64 -6.78 -13.00 -4.44
C ARG A 64 -5.48 -12.56 -5.12
N ASN A 65 -5.35 -11.26 -5.37
CA ASN A 65 -4.15 -10.68 -5.98
C ASN A 65 -4.19 -9.14 -5.93
N PHE A 66 -3.11 -8.52 -6.40
CA PHE A 66 -3.04 -7.05 -6.48
C PHE A 66 -2.83 -6.60 -7.93
N GLU A 67 -3.62 -5.62 -8.37
CA GLU A 67 -3.51 -5.08 -9.73
C GLU A 67 -3.24 -3.57 -9.68
N VAL A 68 -2.36 -3.09 -10.55
CA VAL A 68 -1.98 -1.67 -10.55
C VAL A 68 -2.92 -0.85 -11.44
N ARG A 69 -3.35 0.30 -10.92
CA ARG A 69 -4.19 1.23 -11.70
C ARG A 69 -3.79 2.69 -11.39
N SER A 70 -4.54 3.64 -11.94
CA SER A 70 -4.22 5.07 -11.77
C SER A 70 -4.59 5.60 -10.38
N ALA A 71 -4.10 6.79 -10.05
CA ALA A 71 -4.42 7.46 -8.79
C ALA A 71 -4.66 8.97 -8.98
N ASP A 72 -3.58 9.72 -9.13
CA ASP A 72 -3.67 11.16 -9.43
C ASP A 72 -3.76 11.39 -10.95
N TYR A 73 -3.45 12.62 -11.39
CA TYR A 73 -3.48 12.96 -12.81
C TYR A 73 -2.59 12.05 -13.66
N GLY A 74 -1.49 11.57 -13.09
CA GLY A 74 -0.60 10.66 -13.81
C GLY A 74 0.18 9.70 -12.92
N THR A 75 -0.40 9.32 -11.78
CA THR A 75 0.27 8.40 -10.85
C THR A 75 -0.48 7.06 -10.72
N GLN A 76 0.06 6.16 -9.88
CA GLN A 76 -0.47 4.79 -9.75
C GLN A 76 -0.90 4.47 -8.31
N CYS A 77 -1.60 3.35 -8.14
CA CYS A 77 -1.98 2.82 -6.81
C CYS A 77 -2.18 1.31 -6.86
N PHE A 78 -1.98 0.66 -5.70
CA PHE A 78 -2.22 -0.79 -5.58
C PHE A 78 -3.70 -1.10 -5.35
N TRP A 79 -4.31 -1.85 -6.26
CA TRP A 79 -5.71 -2.26 -6.11
C TRP A 79 -5.84 -3.71 -5.62
N ILE A 80 -6.60 -3.88 -4.55
CA ILE A 80 -6.79 -5.19 -3.90
C ILE A 80 -7.88 -6.02 -4.59
N LEU A 81 -7.48 -7.00 -5.39
CA LEU A 81 -8.43 -7.94 -5.98
C LEU A 81 -8.82 -9.01 -4.94
N ARG A 82 -10.03 -8.88 -4.40
CA ARG A 82 -10.51 -9.77 -3.34
C ARG A 82 -11.05 -11.09 -3.91
N THR A 83 -10.95 -12.16 -3.11
CA THR A 83 -11.43 -13.48 -3.51
C THR A 83 -12.93 -13.48 -3.83
N ASP A 84 -13.62 -12.44 -3.36
CA ASP A 84 -15.02 -12.19 -3.73
C ASP A 84 -15.19 -12.13 -5.26
N GLY A 85 -14.21 -11.50 -5.92
CA GLY A 85 -14.28 -11.29 -7.36
C GLY A 85 -14.04 -9.82 -7.73
N SER A 86 -14.50 -8.91 -6.87
CA SER A 86 -14.35 -7.47 -7.10
C SER A 86 -13.03 -6.93 -6.54
N GLU A 87 -12.69 -5.71 -6.93
CA GLU A 87 -11.43 -5.07 -6.52
C GLU A 87 -11.65 -4.00 -5.44
N GLU A 88 -10.56 -3.42 -4.98
CA GLU A 88 -10.57 -2.40 -3.92
C GLU A 88 -9.28 -1.57 -4.00
N ARG A 89 -9.20 -0.45 -3.28
CA ARG A 89 -8.00 0.38 -3.29
C ARG A 89 -7.67 0.94 -1.89
N PHE A 90 -6.38 1.20 -1.66
CA PHE A 90 -5.94 1.88 -0.44
C PHE A 90 -4.84 2.91 -0.79
N SER A 91 -5.16 4.19 -0.68
CA SER A 91 -4.20 5.26 -1.00
C SER A 91 -3.16 5.43 0.10
N TYR A 92 -2.22 4.48 0.17
CA TYR A 92 -1.16 4.48 1.20
C TYR A 92 -0.41 5.82 1.28
N LYS A 93 -0.29 6.51 0.14
CA LYS A 93 0.45 7.77 0.04
C LYS A 93 -0.03 8.83 1.06
N LYS A 94 -1.31 8.79 1.44
CA LYS A 94 -1.87 9.79 2.36
C LYS A 94 -2.23 9.16 3.73
N CYS A 95 -1.59 8.03 4.04
CA CYS A 95 -1.82 7.34 5.31
C CYS A 95 -0.67 7.63 6.30
N VAL A 96 -0.26 8.89 6.35
CA VAL A 96 0.87 9.30 7.20
C VAL A 96 0.37 9.91 8.52
N LEU A 97 -0.08 11.15 8.46
CA LEU A 97 -0.50 11.91 9.64
C LEU A 97 -1.16 13.23 9.20
N GLU A 98 -2.12 13.72 9.98
CA GLU A 98 -2.78 15.01 9.69
C GLU A 98 -1.76 16.12 9.34
N HIS A 99 -1.87 16.63 8.12
CA HIS A 99 -0.87 17.56 7.54
C HIS A 99 -0.50 18.74 8.46
N HIS A 100 0.77 19.15 8.41
CA HIS A 100 1.24 20.35 9.13
C HIS A 100 1.98 21.30 8.18
N HIS A 101 1.84 21.05 6.88
CA HIS A 101 2.46 21.87 5.83
C HIS A 101 1.85 21.51 4.46
N HIS A 102 1.71 22.50 3.58
CA HIS A 102 1.12 22.27 2.26
C HIS A 102 1.62 23.27 1.21
N HIS A 103 2.34 22.79 0.20
CA HIS A 103 2.77 23.62 -0.93
C HIS A 103 1.59 23.92 -1.87
N HIS A 104 1.56 25.14 -2.42
CA HIS A 104 0.52 25.52 -3.38
C HIS A 104 0.94 25.14 -4.82
N MET A 1 12.24 4.82 24.07
CA MET A 1 10.89 5.16 24.60
C MET A 1 10.31 6.39 23.88
N ALA A 2 9.58 6.15 22.80
CA ALA A 2 8.97 7.25 22.02
C ALA A 2 7.90 6.74 21.05
N LYS A 3 7.08 7.67 20.54
CA LYS A 3 6.05 7.33 19.56
C LYS A 3 6.64 7.15 18.15
N ALA A 4 7.88 7.63 17.96
CA ALA A 4 8.58 7.47 16.68
C ALA A 4 9.15 6.05 16.53
N GLN A 5 8.39 5.19 15.86
CA GLN A 5 8.82 3.81 15.59
C GLN A 5 9.02 3.57 14.09
N PRO A 6 9.88 2.59 13.72
CA PRO A 6 10.11 2.23 12.30
C PRO A 6 8.86 1.63 11.63
N ILE A 7 8.66 1.96 10.37
CA ILE A 7 7.50 1.45 9.61
C ILE A 7 7.70 -0.03 9.28
N GLU A 8 7.17 -0.90 10.13
CA GLU A 8 7.32 -2.35 9.96
C GLU A 8 6.19 -2.93 9.08
N ILE A 9 6.56 -3.37 7.88
CA ILE A 9 5.62 -4.01 6.97
C ILE A 9 6.13 -5.40 6.54
N ALA A 10 5.34 -6.44 6.83
CA ALA A 10 5.70 -7.82 6.45
C ALA A 10 7.08 -8.23 7.01
N GLY A 11 7.40 -7.73 8.20
CA GLY A 11 8.69 -8.02 8.81
C GLY A 11 9.76 -6.96 8.52
N HIS A 12 9.61 -6.26 7.39
CA HIS A 12 10.57 -5.24 6.97
C HIS A 12 10.41 -3.94 7.79
N GLU A 13 11.43 -3.59 8.56
CA GLU A 13 11.39 -2.37 9.38
C GLU A 13 12.04 -1.18 8.64
N PHE A 14 11.20 -0.26 8.17
CA PHE A 14 11.69 0.91 7.43
C PHE A 14 11.96 2.11 8.35
N ALA A 15 13.06 2.82 8.08
CA ALA A 15 13.46 3.98 8.90
C ALA A 15 12.40 5.08 8.92
N ARG A 16 11.70 5.25 7.79
CA ARG A 16 10.62 6.25 7.68
C ARG A 16 9.67 5.88 6.54
N LYS A 17 8.55 6.61 6.42
CA LYS A 17 7.57 6.33 5.37
C LYS A 17 8.21 6.41 3.97
N ALA A 18 9.08 7.40 3.77
CA ALA A 18 9.81 7.55 2.50
C ALA A 18 10.68 6.32 2.21
N ASP A 19 11.25 5.73 3.27
CA ASP A 19 12.07 4.52 3.16
C ASP A 19 11.20 3.33 2.71
N ALA A 20 9.97 3.28 3.25
CA ALA A 20 8.98 2.28 2.83
C ALA A 20 8.52 2.54 1.38
N LEU A 21 8.40 3.81 1.01
CA LEU A 21 8.04 4.19 -0.35
C LEU A 21 9.14 3.77 -1.34
N ALA A 22 10.38 3.78 -0.87
CA ALA A 22 11.51 3.33 -1.70
C ALA A 22 11.39 1.86 -2.10
N PHE A 23 10.62 1.10 -1.32
CA PHE A 23 10.32 -0.30 -1.66
C PHE A 23 9.02 -0.39 -2.49
N MET A 24 7.94 0.15 -1.93
CA MET A 24 6.61 0.08 -2.57
C MET A 24 6.58 0.75 -3.95
N LYS A 25 7.14 1.96 -4.07
CA LYS A 25 7.10 2.68 -5.35
C LYS A 25 7.87 1.93 -6.43
N VAL A 26 9.04 1.38 -6.08
CA VAL A 26 9.84 0.62 -7.06
C VAL A 26 9.10 -0.63 -7.54
N MET A 27 8.39 -1.31 -6.63
CA MET A 27 7.54 -2.43 -7.04
C MET A 27 6.47 -1.95 -8.03
N LEU A 28 5.80 -0.86 -7.68
CA LEU A 28 4.79 -0.23 -8.54
C LEU A 28 5.38 0.06 -9.94
N ASN A 29 6.56 0.67 -9.97
CA ASN A 29 7.26 1.01 -11.22
C ASN A 29 7.81 -0.24 -11.92
N ARG A 30 8.06 -1.29 -11.14
CA ARG A 30 8.55 -2.57 -11.69
C ARG A 30 7.49 -3.25 -12.56
N TYR A 31 6.23 -3.08 -12.18
CA TYR A 31 5.10 -3.57 -12.98
C TYR A 31 4.51 -2.44 -13.83
N ARG A 32 3.85 -2.80 -14.93
CA ARG A 32 3.22 -1.81 -15.80
C ARG A 32 1.82 -1.44 -15.28
N PRO A 33 1.23 -0.32 -15.74
CA PRO A 33 -0.12 0.12 -15.32
C PRO A 33 -1.27 -0.83 -15.75
N GLY A 34 -1.00 -2.14 -15.85
CA GLY A 34 -2.04 -3.10 -16.20
C GLY A 34 -1.64 -4.54 -15.94
N ASP A 35 -0.85 -4.78 -14.89
CA ASP A 35 -0.41 -6.15 -14.53
C ASP A 35 -0.74 -6.50 -13.08
N ILE A 36 -0.74 -7.81 -12.78
CA ILE A 36 -1.02 -8.31 -11.43
C ILE A 36 0.23 -8.27 -10.54
N VAL A 37 0.02 -8.07 -9.25
CA VAL A 37 1.10 -8.06 -8.26
C VAL A 37 1.45 -9.49 -7.80
N SER A 38 2.74 -9.74 -7.52
CA SER A 38 3.22 -11.09 -7.16
C SER A 38 2.76 -11.51 -5.75
N THR A 39 3.09 -12.75 -5.37
CA THR A 39 2.78 -13.28 -4.05
C THR A 39 3.45 -12.46 -2.93
N VAL A 40 4.77 -12.31 -3.03
CA VAL A 40 5.55 -11.58 -2.02
C VAL A 40 5.13 -10.09 -1.95
N ASP A 41 5.18 -9.42 -3.10
CA ASP A 41 4.75 -8.02 -3.20
C ASP A 41 3.31 -7.84 -2.65
N GLY A 42 2.43 -8.77 -3.02
CA GLY A 42 1.04 -8.73 -2.56
C GLY A 42 0.92 -8.88 -1.04
N ALA A 43 1.57 -9.90 -0.49
CA ALA A 43 1.56 -10.13 0.97
C ALA A 43 2.09 -8.90 1.73
N PHE A 44 3.10 -8.25 1.15
CA PHE A 44 3.65 -7.01 1.70
C PHE A 44 2.56 -5.92 1.75
N LEU A 45 1.85 -5.75 0.63
CA LEU A 45 0.74 -4.79 0.54
C LEU A 45 -0.37 -5.10 1.57
N VAL A 46 -0.64 -6.39 1.79
CA VAL A 46 -1.61 -6.80 2.81
C VAL A 46 -1.23 -6.26 4.19
N GLU A 47 0.05 -6.40 4.56
CA GLU A 47 0.56 -5.87 5.83
C GLU A 47 0.49 -4.34 5.85
N ALA A 48 0.98 -3.70 4.78
CA ALA A 48 0.94 -2.24 4.67
C ALA A 48 -0.49 -1.71 4.88
N LEU A 49 -1.45 -2.43 4.31
CA LEU A 49 -2.87 -2.11 4.51
C LEU A 49 -3.28 -2.29 5.98
N LYS A 50 -3.05 -3.50 6.51
CA LYS A 50 -3.47 -3.85 7.88
C LYS A 50 -2.87 -2.92 8.97
N ARG A 51 -1.78 -2.24 8.65
CA ARG A 51 -1.19 -1.26 9.58
C ARG A 51 -2.20 -0.15 9.94
N HIS A 52 -3.24 -0.03 9.12
CA HIS A 52 -4.28 1.00 9.32
C HIS A 52 -5.51 0.42 10.07
N PRO A 53 -6.13 1.20 10.97
CA PRO A 53 -7.29 0.74 11.77
C PRO A 53 -8.52 0.40 10.90
N ASP A 54 -8.71 1.16 9.82
CA ASP A 54 -9.87 0.95 8.93
C ASP A 54 -9.58 -0.09 7.84
N ALA A 55 -8.40 -0.71 7.88
CA ALA A 55 -8.00 -1.69 6.86
C ALA A 55 -8.96 -2.86 6.78
N THR A 56 -9.27 -3.48 7.93
CA THR A 56 -10.19 -4.62 8.00
C THR A 56 -11.47 -4.39 7.20
N SER A 57 -11.93 -3.14 7.15
CA SER A 57 -13.14 -2.76 6.39
C SER A 57 -12.97 -3.07 4.90
N LYS A 58 -11.82 -2.67 4.34
CA LYS A 58 -11.54 -2.88 2.92
C LYS A 58 -10.83 -4.22 2.67
N ILE A 59 -10.74 -5.05 3.72
CA ILE A 59 -10.25 -6.42 3.57
C ILE A 59 -11.44 -7.40 3.45
N GLY A 60 -12.34 -7.36 4.44
CA GLY A 60 -13.53 -8.18 4.41
C GLY A 60 -13.26 -9.68 4.53
N PRO A 61 -13.80 -10.50 3.60
CA PRO A 61 -13.67 -11.97 3.65
C PRO A 61 -12.24 -12.47 3.33
N GLY A 62 -11.46 -11.67 2.62
CA GLY A 62 -10.09 -12.06 2.27
C GLY A 62 -9.53 -11.32 1.06
N VAL A 63 -8.26 -11.57 0.77
CA VAL A 63 -7.58 -10.92 -0.36
C VAL A 63 -7.56 -11.81 -1.61
N ARG A 64 -8.26 -11.36 -2.66
CA ARG A 64 -8.27 -12.08 -3.94
C ARG A 64 -6.94 -11.86 -4.67
N ASN A 65 -6.59 -10.58 -4.90
CA ASN A 65 -5.28 -10.23 -5.48
C ASN A 65 -5.05 -8.71 -5.42
N PHE A 66 -3.87 -8.29 -5.85
CA PHE A 66 -3.55 -6.86 -6.06
C PHE A 66 -3.18 -6.63 -7.53
N GLU A 67 -3.47 -5.44 -8.04
CA GLU A 67 -3.17 -5.11 -9.45
C GLU A 67 -2.56 -3.72 -9.58
N VAL A 68 -1.49 -3.61 -10.37
CA VAL A 68 -0.89 -2.32 -10.69
C VAL A 68 -1.56 -1.70 -11.92
N ARG A 69 -2.41 -0.71 -11.70
CA ARG A 69 -3.18 -0.09 -12.78
C ARG A 69 -2.93 1.43 -12.82
N SER A 70 -3.12 2.03 -14.00
CA SER A 70 -2.80 3.46 -14.23
C SER A 70 -3.54 4.42 -13.29
N ALA A 71 -3.01 5.63 -13.15
CA ALA A 71 -3.61 6.67 -12.32
C ALA A 71 -3.38 8.06 -12.92
N ASP A 72 -3.84 9.10 -12.22
CA ASP A 72 -3.69 10.48 -12.71
C ASP A 72 -2.23 10.95 -12.61
N TYR A 73 -1.93 12.10 -13.23
CA TYR A 73 -0.56 12.64 -13.29
C TYR A 73 0.41 11.65 -14.00
N GLY A 74 -0.16 10.71 -14.75
CA GLY A 74 0.63 9.68 -15.41
C GLY A 74 1.28 8.70 -14.44
N THR A 75 0.65 8.48 -13.28
CA THR A 75 1.19 7.58 -12.25
C THR A 75 0.46 6.23 -12.25
N GLN A 76 0.72 5.42 -11.22
CA GLN A 76 0.11 4.09 -11.08
C GLN A 76 -0.55 3.95 -9.69
N CYS A 77 -1.30 2.87 -9.48
CA CYS A 77 -1.95 2.61 -8.18
C CYS A 77 -2.00 1.12 -7.85
N PHE A 78 -1.85 0.79 -6.56
CA PHE A 78 -2.06 -0.58 -6.08
C PHE A 78 -3.55 -0.83 -5.81
N TRP A 79 -4.18 -1.63 -6.66
CA TRP A 79 -5.61 -1.94 -6.52
C TRP A 79 -5.87 -3.14 -5.60
N ILE A 80 -6.71 -2.93 -4.61
CA ILE A 80 -7.11 -3.98 -3.66
C ILE A 80 -8.31 -4.78 -4.18
N LEU A 81 -8.06 -5.91 -4.84
CA LEU A 81 -9.13 -6.76 -5.33
C LEU A 81 -9.69 -7.66 -4.22
N ARG A 82 -11.00 -7.57 -3.99
CA ARG A 82 -11.67 -8.34 -2.95
C ARG A 82 -12.25 -9.65 -3.51
N THR A 83 -12.26 -10.70 -2.69
CA THR A 83 -12.82 -12.00 -3.08
C THR A 83 -14.31 -11.89 -3.41
N ASP A 84 -14.97 -10.86 -2.88
CA ASP A 84 -16.38 -10.58 -3.21
C ASP A 84 -16.56 -10.26 -4.70
N GLY A 85 -15.48 -9.77 -5.33
CA GLY A 85 -15.56 -9.27 -6.69
C GLY A 85 -15.38 -7.75 -6.75
N SER A 86 -15.33 -7.12 -5.57
CA SER A 86 -15.17 -5.66 -5.47
C SER A 86 -13.69 -5.23 -5.56
N GLU A 87 -13.44 -3.93 -5.55
CA GLU A 87 -12.09 -3.38 -5.71
C GLU A 87 -11.87 -2.09 -4.89
N GLU A 88 -10.64 -1.58 -4.96
CA GLU A 88 -10.24 -0.34 -4.27
C GLU A 88 -8.86 0.13 -4.75
N ARG A 89 -8.58 1.42 -4.62
CA ARG A 89 -7.25 1.97 -4.95
C ARG A 89 -6.77 2.91 -3.83
N PHE A 90 -5.72 2.51 -3.11
CA PHE A 90 -5.20 3.32 -2.00
C PHE A 90 -3.88 4.03 -2.38
N SER A 91 -3.78 5.30 -2.00
CA SER A 91 -2.56 6.08 -2.25
C SER A 91 -1.46 5.72 -1.24
N TYR A 92 -0.67 4.70 -1.59
CA TYR A 92 0.41 4.21 -0.71
C TYR A 92 1.30 5.35 -0.17
N LYS A 93 1.63 6.32 -1.02
CA LYS A 93 2.45 7.46 -0.60
C LYS A 93 1.69 8.35 0.41
N LYS A 94 0.59 8.95 -0.05
CA LYS A 94 -0.24 9.82 0.80
C LYS A 94 -1.18 8.98 1.68
N CYS A 95 -0.60 8.34 2.69
CA CYS A 95 -1.37 7.53 3.65
C CYS A 95 -0.68 7.52 5.02
N VAL A 96 0.28 8.43 5.20
CA VAL A 96 1.02 8.60 6.47
C VAL A 96 1.45 10.06 6.61
N LEU A 97 0.64 10.87 7.29
CA LEU A 97 0.93 12.28 7.48
C LEU A 97 0.55 12.72 8.90
N GLU A 98 0.76 14.00 9.20
CA GLU A 98 0.43 14.53 10.52
C GLU A 98 0.07 16.02 10.43
N HIS A 99 -1.07 16.39 11.00
CA HIS A 99 -1.55 17.78 10.96
C HIS A 99 -0.58 18.75 11.68
N HIS A 100 0.40 19.26 10.94
CA HIS A 100 1.30 20.29 11.47
C HIS A 100 0.69 21.69 11.29
N HIS A 101 -0.56 21.72 10.84
CA HIS A 101 -1.39 22.93 10.87
C HIS A 101 -2.78 22.55 11.39
N HIS A 102 -3.48 23.48 12.04
CA HIS A 102 -4.81 23.20 12.59
C HIS A 102 -5.91 23.37 11.53
N HIS A 103 -5.51 23.23 10.26
CA HIS A 103 -6.44 23.26 9.13
C HIS A 103 -6.11 22.11 8.15
N HIS A 104 -4.83 21.97 7.79
CA HIS A 104 -4.33 20.80 7.06
C HIS A 104 -2.96 20.34 7.59
N MET A 1 -2.72 -0.01 17.46
CA MET A 1 -2.69 1.44 17.16
C MET A 1 -1.38 2.07 17.65
N ALA A 2 -0.83 3.02 16.89
CA ALA A 2 0.48 3.60 17.20
C ALA A 2 0.54 5.11 16.91
N LYS A 3 1.55 5.77 17.48
CA LYS A 3 1.81 7.20 17.24
C LYS A 3 3.34 7.44 17.19
N ALA A 4 4.11 6.36 17.18
CA ALA A 4 5.58 6.42 17.15
C ALA A 4 6.16 5.20 16.43
N GLN A 5 7.47 4.97 16.59
CA GLN A 5 8.18 3.82 15.98
C GLN A 5 8.36 4.00 14.46
N PRO A 6 9.44 3.43 13.89
CA PRO A 6 9.66 3.43 12.43
C PRO A 6 8.57 2.67 11.66
N ILE A 7 8.49 2.90 10.35
CA ILE A 7 7.46 2.28 9.52
C ILE A 7 7.85 0.82 9.20
N GLU A 8 7.51 -0.09 10.11
CA GLU A 8 7.80 -1.52 9.93
C GLU A 8 6.63 -2.21 9.20
N ILE A 9 6.93 -2.85 8.07
CA ILE A 9 5.91 -3.57 7.28
C ILE A 9 6.44 -4.94 6.79
N ALA A 10 5.83 -6.02 7.26
CA ALA A 10 6.12 -7.39 6.79
C ALA A 10 7.57 -7.83 7.06
N GLY A 11 8.17 -7.32 8.13
CA GLY A 11 9.56 -7.64 8.44
C GLY A 11 10.53 -6.69 7.73
N HIS A 12 10.02 -5.51 7.38
CA HIS A 12 10.82 -4.49 6.70
C HIS A 12 10.70 -3.15 7.45
N GLU A 13 11.66 -2.87 8.32
CA GLU A 13 11.62 -1.66 9.15
C GLU A 13 12.15 -0.43 8.39
N PHE A 14 11.24 0.44 7.99
CA PHE A 14 11.61 1.68 7.30
C PHE A 14 11.81 2.82 8.31
N ALA A 15 13.03 3.35 8.38
CA ALA A 15 13.40 4.38 9.36
C ALA A 15 12.71 5.73 9.10
N ARG A 16 11.90 5.81 8.05
CA ARG A 16 11.21 7.05 7.70
C ARG A 16 10.12 6.80 6.65
N LYS A 17 9.08 7.64 6.65
CA LYS A 17 8.03 7.56 5.63
C LYS A 17 8.62 7.57 4.20
N ALA A 18 9.53 8.50 3.94
CA ALA A 18 10.21 8.58 2.65
C ALA A 18 10.88 7.25 2.27
N ASP A 19 11.52 6.61 3.24
CA ASP A 19 12.19 5.32 3.05
C ASP A 19 11.17 4.24 2.58
N ALA A 20 9.99 4.26 3.20
CA ALA A 20 8.90 3.34 2.84
C ALA A 20 8.34 3.64 1.43
N LEU A 21 8.05 4.92 1.18
CA LEU A 21 7.47 5.34 -0.10
C LEU A 21 8.41 5.04 -1.27
N ALA A 22 9.70 5.30 -1.09
CA ALA A 22 10.71 5.03 -2.12
C ALA A 22 10.81 3.53 -2.42
N PHE A 23 10.73 2.69 -1.38
CA PHE A 23 10.71 1.24 -1.56
C PHE A 23 9.48 0.81 -2.37
N MET A 24 8.30 1.31 -1.98
CA MET A 24 7.05 1.02 -2.68
C MET A 24 7.13 1.47 -4.15
N LYS A 25 7.73 2.65 -4.37
CA LYS A 25 7.88 3.20 -5.72
C LYS A 25 8.64 2.22 -6.64
N VAL A 26 9.77 1.70 -6.16
CA VAL A 26 10.62 0.78 -6.95
C VAL A 26 9.83 -0.45 -7.44
N MET A 27 9.28 -1.22 -6.50
CA MET A 27 8.53 -2.44 -6.85
C MET A 27 7.28 -2.10 -7.68
N LEU A 28 6.60 -1.02 -7.33
CA LEU A 28 5.41 -0.55 -8.08
C LEU A 28 5.75 -0.27 -9.55
N ASN A 29 6.86 0.43 -9.77
CA ASN A 29 7.28 0.83 -11.12
C ASN A 29 7.82 -0.36 -11.93
N ARG A 30 8.03 -1.50 -11.29
CA ARG A 30 8.43 -2.72 -12.00
C ARG A 30 7.27 -3.19 -12.89
N TYR A 31 6.05 -3.02 -12.41
CA TYR A 31 4.85 -3.46 -13.13
C TYR A 31 4.25 -2.33 -13.98
N ARG A 32 3.53 -2.71 -15.03
CA ARG A 32 2.85 -1.74 -15.90
C ARG A 32 1.41 -1.48 -15.40
N PRO A 33 0.75 -0.41 -15.90
CA PRO A 33 -0.65 -0.08 -15.53
C PRO A 33 -1.70 -1.16 -15.93
N GLY A 34 -1.27 -2.41 -16.05
CA GLY A 34 -2.20 -3.51 -16.31
C GLY A 34 -1.66 -4.85 -15.80
N ASP A 35 -0.63 -4.80 -14.96
CA ASP A 35 0.00 -6.02 -14.44
C ASP A 35 -0.56 -6.43 -13.06
N ILE A 36 -0.35 -7.69 -12.70
CA ILE A 36 -0.73 -8.20 -11.38
C ILE A 36 0.50 -8.27 -10.45
N VAL A 37 0.32 -7.82 -9.22
CA VAL A 37 1.41 -7.81 -8.24
C VAL A 37 1.81 -9.23 -7.81
N SER A 38 3.12 -9.51 -7.74
CA SER A 38 3.64 -10.83 -7.36
C SER A 38 3.24 -11.23 -5.93
N THR A 39 3.39 -12.51 -5.62
CA THR A 39 2.99 -13.07 -4.32
C THR A 39 3.71 -12.39 -3.13
N VAL A 40 5.03 -12.26 -3.22
CA VAL A 40 5.83 -11.63 -2.16
C VAL A 40 5.42 -10.16 -1.95
N ASP A 41 5.47 -9.39 -3.04
CA ASP A 41 5.08 -7.98 -3.02
C ASP A 41 3.65 -7.80 -2.44
N GLY A 42 2.75 -8.70 -2.85
CA GLY A 42 1.40 -8.69 -2.31
C GLY A 42 1.37 -8.93 -0.80
N ALA A 43 2.15 -9.90 -0.32
CA ALA A 43 2.25 -10.20 1.11
C ALA A 43 2.72 -8.98 1.91
N PHE A 44 3.57 -8.16 1.29
CA PHE A 44 4.00 -6.89 1.88
C PHE A 44 2.82 -5.92 2.00
N LEU A 45 2.06 -5.79 0.91
CA LEU A 45 0.87 -4.92 0.88
C LEU A 45 -0.18 -5.36 1.92
N VAL A 46 -0.32 -6.68 2.12
CA VAL A 46 -1.26 -7.22 3.11
C VAL A 46 -0.98 -6.65 4.51
N GLU A 47 0.28 -6.74 4.95
CA GLU A 47 0.69 -6.19 6.25
C GLU A 47 0.46 -4.66 6.30
N ALA A 48 0.87 -3.97 5.24
CA ALA A 48 0.69 -2.51 5.14
C ALA A 48 -0.78 -2.10 5.23
N LEU A 49 -1.67 -2.99 4.77
CA LEU A 49 -3.11 -2.72 4.79
C LEU A 49 -3.74 -3.07 6.15
N LYS A 50 -3.43 -4.27 6.67
CA LYS A 50 -4.05 -4.76 7.92
C LYS A 50 -3.83 -3.82 9.11
N ARG A 51 -2.74 -3.05 9.09
CA ARG A 51 -2.44 -2.11 10.19
C ARG A 51 -3.21 -0.78 10.02
N HIS A 52 -4.28 -0.80 9.22
CA HIS A 52 -5.22 0.33 9.08
C HIS A 52 -6.42 0.18 10.02
N PRO A 53 -7.02 1.30 10.45
CA PRO A 53 -8.32 1.28 11.16
C PRO A 53 -9.47 0.94 10.19
N ASP A 54 -9.25 1.26 8.91
CA ASP A 54 -10.20 0.98 7.83
C ASP A 54 -9.98 -0.42 7.20
N ALA A 55 -8.95 -1.13 7.69
CA ALA A 55 -8.52 -2.41 7.11
C ALA A 55 -9.68 -3.40 6.88
N THR A 56 -10.56 -3.54 7.87
CA THR A 56 -11.68 -4.49 7.80
C THR A 56 -12.45 -4.41 6.47
N SER A 57 -12.83 -3.19 6.07
CA SER A 57 -13.60 -2.99 4.83
C SER A 57 -12.75 -3.31 3.59
N LYS A 58 -11.44 -3.10 3.71
CA LYS A 58 -10.52 -3.28 2.58
C LYS A 58 -10.07 -4.75 2.45
N ILE A 59 -10.44 -5.59 3.41
CA ILE A 59 -10.06 -7.02 3.39
C ILE A 59 -11.27 -7.93 3.17
N GLY A 60 -12.25 -7.87 4.08
CA GLY A 60 -13.47 -8.66 3.94
C GLY A 60 -13.25 -10.18 3.94
N PRO A 61 -13.50 -10.86 2.81
CA PRO A 61 -13.43 -12.33 2.73
C PRO A 61 -12.00 -12.91 2.69
N GLY A 62 -11.05 -12.13 2.18
CA GLY A 62 -9.66 -12.62 2.09
C GLY A 62 -8.88 -12.05 0.91
N VAL A 63 -7.61 -12.40 0.81
CA VAL A 63 -6.72 -11.87 -0.23
C VAL A 63 -6.71 -12.75 -1.49
N ARG A 64 -7.15 -12.19 -2.63
CA ARG A 64 -6.99 -12.87 -3.92
C ARG A 64 -5.65 -12.46 -4.57
N ASN A 65 -5.50 -11.16 -4.83
CA ASN A 65 -4.25 -10.61 -5.38
C ASN A 65 -4.30 -9.07 -5.38
N PHE A 66 -3.26 -8.44 -5.93
CA PHE A 66 -3.22 -6.99 -6.12
C PHE A 66 -2.92 -6.65 -7.58
N GLU A 67 -3.36 -5.47 -8.03
CA GLU A 67 -3.14 -5.04 -9.43
C GLU A 67 -2.52 -3.64 -9.50
N VAL A 68 -1.69 -3.40 -10.51
CA VAL A 68 -1.03 -2.10 -10.67
C VAL A 68 -1.70 -1.26 -11.77
N ARG A 69 -2.21 -0.09 -11.40
CA ARG A 69 -2.84 0.83 -12.37
C ARG A 69 -2.36 2.27 -12.14
N SER A 70 -2.82 3.20 -12.97
CA SER A 70 -2.42 4.62 -12.86
C SER A 70 -3.14 5.32 -11.69
N ALA A 71 -2.57 6.43 -11.23
CA ALA A 71 -3.18 7.23 -10.16
C ALA A 71 -3.30 8.72 -10.56
N ASP A 72 -2.17 9.42 -10.54
CA ASP A 72 -2.12 10.80 -11.04
C ASP A 72 -1.92 10.80 -12.57
N TYR A 73 -1.49 11.92 -13.13
CA TYR A 73 -1.26 12.05 -14.57
C TYR A 73 -0.27 10.97 -15.08
N GLY A 74 0.86 10.84 -14.39
CA GLY A 74 1.86 9.85 -14.78
C GLY A 74 2.42 9.07 -13.59
N THR A 75 1.55 8.66 -12.67
CA THR A 75 1.95 7.84 -11.52
C THR A 75 1.12 6.55 -11.43
N GLN A 76 1.52 5.65 -10.54
CA GLN A 76 0.86 4.34 -10.39
C GLN A 76 0.25 4.17 -8.99
N CYS A 77 -0.52 3.10 -8.81
CA CYS A 77 -1.15 2.79 -7.52
C CYS A 77 -1.44 1.28 -7.38
N PHE A 78 -1.59 0.82 -6.14
CA PHE A 78 -1.90 -0.58 -5.87
C PHE A 78 -3.41 -0.81 -5.71
N TRP A 79 -3.93 -1.81 -6.40
CA TRP A 79 -5.35 -2.15 -6.35
C TRP A 79 -5.60 -3.46 -5.59
N ILE A 80 -6.65 -3.47 -4.77
CA ILE A 80 -6.99 -4.60 -3.92
C ILE A 80 -8.02 -5.54 -4.57
N LEU A 81 -7.59 -6.75 -4.92
CA LEU A 81 -8.50 -7.77 -5.48
C LEU A 81 -8.94 -8.77 -4.39
N ARG A 82 -10.24 -8.81 -4.11
CA ARG A 82 -10.78 -9.69 -3.07
C ARG A 82 -11.50 -10.90 -3.68
N THR A 83 -11.46 -12.03 -2.95
CA THR A 83 -12.08 -13.30 -3.39
C THR A 83 -13.57 -13.12 -3.71
N ASP A 84 -14.21 -12.17 -3.04
CA ASP A 84 -15.62 -11.82 -3.31
C ASP A 84 -15.85 -11.48 -4.79
N GLY A 85 -14.85 -10.86 -5.43
CA GLY A 85 -14.98 -10.44 -6.82
C GLY A 85 -14.85 -8.93 -6.98
N SER A 86 -15.19 -8.19 -5.92
CA SER A 86 -15.07 -6.72 -5.92
C SER A 86 -13.60 -6.28 -5.80
N GLU A 87 -13.30 -5.07 -6.27
CA GLU A 87 -11.93 -4.53 -6.24
C GLU A 87 -11.90 -3.05 -5.84
N GLU A 88 -10.82 -2.66 -5.16
CA GLU A 88 -10.59 -1.25 -4.79
C GLU A 88 -9.13 -0.85 -5.04
N ARG A 89 -8.74 0.34 -4.60
CA ARG A 89 -7.35 0.77 -4.63
C ARG A 89 -7.01 1.55 -3.35
N PHE A 90 -5.73 1.87 -3.15
CA PHE A 90 -5.33 2.74 -2.03
C PHE A 90 -4.04 3.52 -2.35
N SER A 91 -4.08 4.83 -2.16
CA SER A 91 -2.92 5.69 -2.39
C SER A 91 -2.01 5.74 -1.16
N TYR A 92 -0.97 4.90 -1.15
CA TYR A 92 -0.02 4.81 -0.03
C TYR A 92 0.59 6.17 0.34
N LYS A 93 0.70 7.07 -0.64
CA LYS A 93 1.28 8.42 -0.43
C LYS A 93 0.38 9.31 0.45
N LYS A 94 -0.91 9.00 0.52
CA LYS A 94 -1.86 9.80 1.30
C LYS A 94 -1.95 9.34 2.77
N CYS A 95 -1.30 8.23 3.08
CA CYS A 95 -1.32 7.65 4.43
C CYS A 95 -0.02 7.95 5.17
N VAL A 96 0.07 9.15 5.74
CA VAL A 96 1.27 9.58 6.45
C VAL A 96 1.00 9.76 7.95
N LEU A 97 0.19 10.76 8.28
CA LEU A 97 -0.10 11.12 9.69
C LEU A 97 -1.41 11.90 9.81
N GLU A 98 -1.74 12.33 11.03
CA GLU A 98 -2.90 13.18 11.29
C GLU A 98 -2.43 14.47 11.99
N HIS A 99 -3.06 15.61 11.67
CA HIS A 99 -2.69 16.91 12.24
C HIS A 99 -1.19 17.18 12.04
N HIS A 100 -0.75 17.15 10.79
CA HIS A 100 0.66 17.40 10.45
C HIS A 100 0.79 18.02 9.06
N HIS A 101 1.45 19.18 8.99
CA HIS A 101 1.71 19.83 7.71
C HIS A 101 2.96 20.73 7.80
N HIS A 102 4.07 20.26 7.23
CA HIS A 102 5.32 21.03 7.19
C HIS A 102 5.50 21.69 5.81
N HIS A 103 5.96 22.94 5.81
CA HIS A 103 6.19 23.67 4.55
C HIS A 103 7.69 23.96 4.35
N HIS A 104 8.29 23.25 3.40
CA HIS A 104 9.71 23.47 3.04
C HIS A 104 9.85 24.54 1.94
N MET A 1 11.14 3.00 25.63
CA MET A 1 12.35 3.36 24.85
C MET A 1 12.17 4.69 24.11
N ALA A 2 13.11 5.61 24.29
CA ALA A 2 13.06 6.90 23.61
C ALA A 2 13.55 6.80 22.16
N LYS A 3 12.64 6.44 21.25
CA LYS A 3 12.98 6.31 19.83
C LYS A 3 11.72 6.19 18.95
N ALA A 4 11.81 6.68 17.71
CA ALA A 4 10.74 6.50 16.73
C ALA A 4 10.85 5.12 16.07
N GLN A 5 9.82 4.29 16.23
CA GLN A 5 9.84 2.90 15.77
C GLN A 5 10.12 2.80 14.25
N PRO A 6 11.03 1.89 13.85
CA PRO A 6 11.27 1.60 12.43
C PRO A 6 10.08 0.88 11.77
N ILE A 7 9.85 1.14 10.49
CA ILE A 7 8.70 0.56 9.78
C ILE A 7 9.06 -0.85 9.25
N GLU A 8 8.51 -1.88 9.89
CA GLU A 8 8.73 -3.26 9.46
C GLU A 8 7.46 -3.83 8.76
N ILE A 9 7.62 -4.26 7.52
CA ILE A 9 6.49 -4.78 6.73
C ILE A 9 6.84 -6.11 6.04
N ALA A 10 6.11 -7.17 6.40
CA ALA A 10 6.26 -8.49 5.75
C ALA A 10 7.66 -9.09 5.95
N GLY A 11 8.35 -8.67 7.01
CA GLY A 11 9.71 -9.15 7.27
C GLY A 11 10.77 -8.16 6.79
N HIS A 12 10.36 -7.11 6.10
CA HIS A 12 11.28 -6.09 5.59
C HIS A 12 11.38 -4.91 6.56
N GLU A 13 12.51 -4.78 7.24
CA GLU A 13 12.71 -3.69 8.20
C GLU A 13 13.17 -2.39 7.50
N PHE A 14 12.49 -1.29 7.79
CA PHE A 14 12.83 0.02 7.22
C PHE A 14 13.13 1.06 8.32
N ALA A 15 14.19 1.85 8.12
CA ALA A 15 14.61 2.85 9.10
C ALA A 15 13.52 3.91 9.35
N ARG A 16 12.96 4.46 8.26
CA ARG A 16 11.86 5.43 8.36
C ARG A 16 10.78 5.16 7.32
N LYS A 17 9.68 5.91 7.40
CA LYS A 17 8.54 5.75 6.49
C LYS A 17 8.94 5.94 5.02
N ALA A 18 9.83 6.91 4.78
CA ALA A 18 10.33 7.20 3.42
C ALA A 18 10.86 5.93 2.73
N ASP A 19 11.42 5.02 3.52
CA ASP A 19 11.88 3.74 3.01
C ASP A 19 10.73 2.88 2.48
N ALA A 20 9.72 2.67 3.30
CA ALA A 20 8.54 1.89 2.92
C ALA A 20 7.85 2.49 1.68
N LEU A 21 7.71 3.81 1.67
CA LEU A 21 7.13 4.54 0.53
C LEU A 21 7.99 4.35 -0.73
N ALA A 22 9.32 4.41 -0.57
CA ALA A 22 10.25 4.21 -1.68
C ALA A 22 10.12 2.80 -2.27
N PHE A 23 10.07 1.79 -1.41
CA PHE A 23 9.92 0.40 -1.84
C PHE A 23 8.62 0.23 -2.66
N MET A 24 7.48 0.58 -2.05
CA MET A 24 6.18 0.55 -2.73
C MET A 24 6.19 1.39 -4.02
N LYS A 25 6.92 2.50 -4.03
CA LYS A 25 7.03 3.34 -5.22
C LYS A 25 7.74 2.60 -6.38
N VAL A 26 8.91 2.05 -6.08
CA VAL A 26 9.70 1.33 -7.08
C VAL A 26 8.94 0.10 -7.63
N MET A 27 8.48 -0.77 -6.72
CA MET A 27 7.73 -1.97 -7.12
C MET A 27 6.50 -1.60 -7.96
N LEU A 28 5.84 -0.49 -7.60
CA LEU A 28 4.68 0.01 -8.34
C LEU A 28 5.08 0.42 -9.77
N ASN A 29 6.18 1.17 -9.89
CA ASN A 29 6.67 1.62 -11.20
C ASN A 29 7.37 0.48 -11.96
N ARG A 30 7.65 -0.61 -11.25
CA ARG A 30 8.21 -1.82 -11.86
C ARG A 30 7.12 -2.60 -12.61
N TYR A 31 5.89 -2.58 -12.10
CA TYR A 31 4.75 -3.15 -12.82
C TYR A 31 4.18 -2.14 -13.83
N ARG A 32 3.53 -2.63 -14.86
CA ARG A 32 2.89 -1.75 -15.86
C ARG A 32 1.45 -1.39 -15.41
N PRO A 33 0.84 -0.32 -15.98
CA PRO A 33 -0.54 0.08 -15.64
C PRO A 33 -1.61 -0.88 -16.19
N GLY A 34 -1.45 -2.16 -15.90
CA GLY A 34 -2.42 -3.18 -16.31
C GLY A 34 -2.00 -4.59 -15.91
N ASP A 35 -1.11 -4.71 -14.92
CA ASP A 35 -0.58 -6.02 -14.50
C ASP A 35 -1.09 -6.46 -13.13
N ILE A 36 -0.98 -7.76 -12.86
CA ILE A 36 -1.30 -8.32 -11.55
C ILE A 36 -0.05 -8.36 -10.66
N VAL A 37 -0.20 -8.00 -9.39
CA VAL A 37 0.90 -8.04 -8.44
C VAL A 37 1.26 -9.48 -8.04
N SER A 38 2.56 -9.77 -7.92
CA SER A 38 3.05 -11.11 -7.53
C SER A 38 2.59 -11.49 -6.12
N THR A 39 2.63 -12.78 -5.80
CA THR A 39 2.19 -13.29 -4.50
C THR A 39 3.04 -12.70 -3.34
N VAL A 40 4.36 -12.73 -3.49
CA VAL A 40 5.27 -12.16 -2.47
C VAL A 40 5.05 -10.66 -2.30
N ASP A 41 5.08 -9.94 -3.42
CA ASP A 41 4.81 -8.49 -3.44
C ASP A 41 3.43 -8.18 -2.81
N GLY A 42 2.45 -9.03 -3.11
CA GLY A 42 1.12 -8.89 -2.53
C GLY A 42 1.13 -9.05 -1.01
N ALA A 43 1.89 -10.04 -0.52
CA ALA A 43 2.03 -10.26 0.93
C ALA A 43 2.54 -9.00 1.64
N PHE A 44 3.43 -8.26 0.96
CA PHE A 44 3.93 -6.98 1.46
C PHE A 44 2.79 -5.94 1.53
N LEU A 45 1.99 -5.87 0.46
CA LEU A 45 0.85 -4.95 0.39
C LEU A 45 -0.21 -5.27 1.46
N VAL A 46 -0.44 -6.56 1.73
CA VAL A 46 -1.37 -6.98 2.78
C VAL A 46 -0.93 -6.42 4.14
N GLU A 47 0.35 -6.60 4.46
CA GLU A 47 0.93 -6.06 5.69
C GLU A 47 0.84 -4.53 5.72
N ALA A 48 1.23 -3.88 4.62
CA ALA A 48 1.13 -2.44 4.49
C ALA A 48 -0.31 -1.97 4.72
N LEU A 49 -1.28 -2.74 4.20
CA LEU A 49 -2.70 -2.45 4.36
C LEU A 49 -3.12 -2.51 5.85
N LYS A 50 -2.65 -3.54 6.56
CA LYS A 50 -2.90 -3.67 8.00
C LYS A 50 -2.42 -2.41 8.77
N ARG A 51 -1.35 -1.78 8.27
CA ARG A 51 -0.79 -0.58 8.90
C ARG A 51 -1.55 0.71 8.47
N HIS A 52 -2.87 0.59 8.28
CA HIS A 52 -3.74 1.75 7.99
C HIS A 52 -4.87 1.88 9.03
N PRO A 53 -5.27 3.11 9.38
CA PRO A 53 -6.41 3.34 10.30
C PRO A 53 -7.76 2.97 9.66
N ASP A 54 -7.76 2.83 8.34
CA ASP A 54 -8.95 2.42 7.58
C ASP A 54 -8.87 0.92 7.21
N ALA A 55 -7.95 0.19 7.84
CA ALA A 55 -7.68 -1.21 7.49
C ALA A 55 -8.97 -2.04 7.36
N THR A 56 -9.76 -2.12 8.43
CA THR A 56 -10.99 -2.92 8.45
C THR A 56 -11.89 -2.64 7.23
N SER A 57 -11.96 -1.37 6.83
CA SER A 57 -12.80 -0.96 5.69
C SER A 57 -12.22 -1.42 4.35
N LYS A 58 -10.89 -1.35 4.22
CA LYS A 58 -10.21 -1.75 2.98
C LYS A 58 -9.88 -3.26 2.96
N ILE A 59 -10.01 -3.92 4.11
CA ILE A 59 -9.77 -5.36 4.19
C ILE A 59 -11.08 -6.15 4.04
N GLY A 60 -12.06 -5.87 4.90
CA GLY A 60 -13.33 -6.59 4.86
C GLY A 60 -13.18 -8.09 5.13
N PRO A 61 -13.68 -8.96 4.22
CA PRO A 61 -13.60 -10.42 4.39
C PRO A 61 -12.17 -10.97 4.19
N GLY A 62 -11.33 -10.21 3.49
CA GLY A 62 -9.95 -10.64 3.26
C GLY A 62 -9.37 -10.11 1.95
N VAL A 63 -8.05 -10.29 1.79
CA VAL A 63 -7.36 -9.85 0.58
C VAL A 63 -7.31 -10.93 -0.50
N ARG A 64 -7.80 -10.61 -1.70
CA ARG A 64 -7.74 -11.54 -2.83
C ARG A 64 -6.48 -11.31 -3.68
N ASN A 65 -6.40 -10.14 -4.33
CA ASN A 65 -5.22 -9.77 -5.13
C ASN A 65 -5.12 -8.24 -5.32
N PHE A 66 -4.14 -7.80 -6.10
CA PHE A 66 -3.92 -6.36 -6.35
C PHE A 66 -3.58 -6.10 -7.84
N GLU A 67 -4.28 -5.15 -8.45
CA GLU A 67 -3.96 -4.71 -9.82
C GLU A 67 -3.15 -3.39 -9.80
N VAL A 68 -2.23 -3.25 -10.74
CA VAL A 68 -1.46 -2.01 -10.89
C VAL A 68 -1.94 -1.20 -12.10
N ARG A 69 -2.46 0.00 -11.86
CA ARG A 69 -2.88 0.91 -12.94
C ARG A 69 -2.41 2.35 -12.66
N SER A 70 -2.76 3.27 -13.55
CA SER A 70 -2.34 4.68 -13.40
C SER A 70 -3.26 5.44 -12.44
N ALA A 71 -2.80 6.59 -11.96
CA ALA A 71 -3.58 7.44 -11.07
C ALA A 71 -3.77 8.83 -11.66
N ASP A 72 -2.66 9.55 -11.84
CA ASP A 72 -2.67 10.88 -12.45
C ASP A 72 -1.94 10.85 -13.81
N TYR A 73 -1.47 12.01 -14.27
CA TYR A 73 -0.79 12.13 -15.56
C TYR A 73 0.44 11.20 -15.66
N GLY A 74 1.32 11.27 -14.66
CA GLY A 74 2.52 10.43 -14.65
C GLY A 74 2.70 9.65 -13.35
N THR A 75 1.59 9.21 -12.75
CA THR A 75 1.64 8.43 -11.50
C THR A 75 0.85 7.12 -11.62
N GLN A 76 1.18 6.16 -10.75
CA GLN A 76 0.48 4.86 -10.70
C GLN A 76 -0.17 4.64 -9.33
N CYS A 77 -0.89 3.53 -9.18
CA CYS A 77 -1.56 3.22 -7.91
C CYS A 77 -1.91 1.73 -7.80
N PHE A 78 -1.85 1.19 -6.58
CA PHE A 78 -2.28 -0.18 -6.30
C PHE A 78 -3.79 -0.26 -6.11
N TRP A 79 -4.42 -1.28 -6.68
CA TRP A 79 -5.86 -1.48 -6.54
C TRP A 79 -6.19 -2.63 -5.57
N ILE A 80 -6.94 -2.30 -4.52
CA ILE A 80 -7.30 -3.26 -3.47
C ILE A 80 -8.47 -4.16 -3.90
N LEU A 81 -8.17 -5.32 -4.47
CA LEU A 81 -9.21 -6.29 -4.84
C LEU A 81 -9.64 -7.13 -3.62
N ARG A 82 -10.91 -7.00 -3.26
CA ARG A 82 -11.47 -7.76 -2.14
C ARG A 82 -11.96 -9.15 -2.58
N THR A 83 -12.06 -10.09 -1.64
CA THR A 83 -12.60 -11.42 -1.93
C THR A 83 -14.08 -11.33 -2.35
N ASP A 84 -14.72 -10.20 -2.07
CA ASP A 84 -16.06 -9.91 -2.59
C ASP A 84 -16.04 -9.82 -4.13
N GLY A 85 -14.92 -9.31 -4.66
CA GLY A 85 -14.81 -9.02 -6.09
C GLY A 85 -14.65 -7.53 -6.36
N SER A 86 -15.14 -6.71 -5.42
CA SER A 86 -15.03 -5.25 -5.51
C SER A 86 -13.58 -4.77 -5.40
N GLU A 87 -13.29 -3.59 -5.93
CA GLU A 87 -11.94 -3.01 -5.87
C GLU A 87 -11.89 -1.68 -5.12
N GLU A 88 -10.70 -1.08 -5.05
CA GLU A 88 -10.47 0.18 -4.33
C GLU A 88 -9.06 0.70 -4.65
N ARG A 89 -8.76 1.96 -4.34
CA ARG A 89 -7.41 2.50 -4.55
C ARG A 89 -6.96 3.37 -3.37
N PHE A 90 -5.72 3.18 -2.92
CA PHE A 90 -5.19 3.92 -1.77
C PHE A 90 -3.88 4.67 -2.13
N SER A 91 -3.93 6.00 -2.12
CA SER A 91 -2.72 6.81 -2.34
C SER A 91 -1.79 6.72 -1.14
N TYR A 92 -0.99 5.65 -1.10
CA TYR A 92 -0.12 5.34 0.04
C TYR A 92 0.82 6.51 0.44
N LYS A 93 1.13 7.39 -0.50
CA LYS A 93 2.00 8.54 -0.23
C LYS A 93 1.39 9.46 0.85
N LYS A 94 0.06 9.48 0.94
CA LYS A 94 -0.63 10.26 1.98
C LYS A 94 -1.16 9.34 3.09
N CYS A 95 -0.24 8.90 3.94
CA CYS A 95 -0.56 7.99 5.05
C CYS A 95 0.62 7.92 6.03
N VAL A 96 1.14 9.08 6.40
CA VAL A 96 2.32 9.16 7.28
C VAL A 96 2.00 9.94 8.57
N LEU A 97 1.85 11.25 8.43
CA LEU A 97 1.54 12.15 9.55
C LEU A 97 0.84 13.39 9.00
N GLU A 98 -0.46 13.52 9.26
CA GLU A 98 -1.27 14.54 8.62
C GLU A 98 -2.60 14.77 9.37
N HIS A 99 -2.65 15.86 10.14
CA HIS A 99 -3.83 16.20 10.94
C HIS A 99 -5.07 16.46 10.06
N HIS A 100 -6.22 15.99 10.52
CA HIS A 100 -7.50 16.15 9.81
C HIS A 100 -7.73 17.60 9.33
N HIS A 101 -7.60 17.80 8.02
CA HIS A 101 -7.89 19.09 7.39
C HIS A 101 -7.96 18.92 5.86
N HIS A 102 -8.88 19.64 5.21
CA HIS A 102 -9.13 19.42 3.77
C HIS A 102 -7.87 19.62 2.91
N HIS A 103 -7.75 18.80 1.87
CA HIS A 103 -6.65 18.90 0.89
C HIS A 103 -6.63 20.27 0.19
N HIS A 104 -5.42 20.75 -0.12
CA HIS A 104 -5.24 21.97 -0.93
C HIS A 104 -5.23 21.66 -2.44
N MET A 1 12.06 4.74 25.20
CA MET A 1 12.71 6.06 24.98
C MET A 1 11.78 7.01 24.20
N ALA A 2 11.61 6.76 22.90
CA ALA A 2 10.81 7.64 22.04
C ALA A 2 9.63 6.90 21.40
N LYS A 3 8.70 7.67 20.81
CA LYS A 3 7.52 7.09 20.16
C LYS A 3 7.80 6.73 18.69
N ALA A 4 9.00 7.04 18.21
CA ALA A 4 9.37 6.78 16.82
C ALA A 4 9.93 5.36 16.62
N GLN A 5 9.08 4.44 16.17
CA GLN A 5 9.50 3.08 15.81
C GLN A 5 9.43 2.87 14.29
N PRO A 6 10.39 2.12 13.70
CA PRO A 6 10.43 1.86 12.25
C PRO A 6 9.11 1.29 11.69
N ILE A 7 8.76 1.68 10.46
CA ILE A 7 7.58 1.16 9.79
C ILE A 7 7.77 -0.32 9.43
N GLU A 8 7.30 -1.21 10.31
CA GLU A 8 7.48 -2.65 10.11
C GLU A 8 6.31 -3.24 9.31
N ILE A 9 6.61 -3.71 8.09
CA ILE A 9 5.61 -4.34 7.23
C ILE A 9 6.12 -5.68 6.66
N ALA A 10 5.44 -6.77 7.02
CA ALA A 10 5.78 -8.11 6.53
C ALA A 10 7.21 -8.53 6.90
N GLY A 11 7.74 -7.98 7.98
CA GLY A 11 9.11 -8.27 8.42
C GLY A 11 10.13 -7.23 7.96
N HIS A 12 9.67 -6.26 7.17
CA HIS A 12 10.55 -5.20 6.66
C HIS A 12 10.41 -3.93 7.50
N GLU A 13 11.44 -3.60 8.28
CA GLU A 13 11.42 -2.40 9.13
C GLU A 13 12.02 -1.18 8.40
N PHE A 14 11.16 -0.23 8.05
CA PHE A 14 11.61 1.01 7.39
C PHE A 14 11.69 2.17 8.38
N ALA A 15 12.90 2.54 8.79
CA ALA A 15 13.09 3.69 9.68
C ALA A 15 12.68 5.01 9.01
N ARG A 16 12.75 5.03 7.67
CA ARG A 16 12.32 6.19 6.90
C ARG A 16 11.03 5.89 6.12
N LYS A 17 10.04 6.78 6.21
CA LYS A 17 8.80 6.64 5.43
C LYS A 17 9.11 6.56 3.92
N ALA A 18 10.05 7.39 3.46
CA ALA A 18 10.48 7.39 2.05
C ALA A 18 11.14 6.05 1.66
N ASP A 19 11.76 5.38 2.63
CA ASP A 19 12.37 4.06 2.42
C ASP A 19 11.29 3.02 2.12
N ALA A 20 10.18 3.10 2.87
CA ALA A 20 9.01 2.25 2.60
C ALA A 20 8.45 2.50 1.19
N LEU A 21 8.28 3.78 0.85
CA LEU A 21 7.78 4.17 -0.47
C LEU A 21 8.73 3.69 -1.58
N ALA A 22 10.03 3.73 -1.31
CA ALA A 22 11.04 3.24 -2.24
C ALA A 22 10.82 1.76 -2.55
N PHE A 23 10.89 0.90 -1.53
CA PHE A 23 10.69 -0.54 -1.70
C PHE A 23 9.39 -0.85 -2.46
N MET A 24 8.31 -0.19 -2.05
CA MET A 24 7.00 -0.36 -2.70
C MET A 24 7.07 -0.02 -4.20
N LYS A 25 7.79 1.06 -4.54
CA LYS A 25 7.87 1.51 -5.93
C LYS A 25 8.94 0.74 -6.73
N VAL A 26 9.92 0.14 -6.06
CA VAL A 26 10.92 -0.69 -6.75
C VAL A 26 10.25 -1.87 -7.46
N MET A 27 9.35 -2.56 -6.76
CA MET A 27 8.57 -3.65 -7.36
C MET A 27 7.49 -3.10 -8.30
N LEU A 28 6.90 -1.96 -7.93
CA LEU A 28 5.88 -1.29 -8.76
C LEU A 28 6.43 -0.97 -10.17
N ASN A 29 7.65 -0.44 -10.22
CA ASN A 29 8.33 -0.13 -11.48
C ASN A 29 8.83 -1.40 -12.20
N ARG A 30 8.85 -2.51 -11.47
CA ARG A 30 9.21 -3.81 -12.06
C ARG A 30 8.02 -4.42 -12.83
N TYR A 31 6.81 -4.16 -12.33
CA TYR A 31 5.58 -4.61 -13.02
C TYR A 31 5.16 -3.61 -14.10
N ARG A 32 4.11 -3.96 -14.84
CA ARG A 32 3.58 -3.10 -15.90
C ARG A 32 2.12 -2.72 -15.64
N PRO A 33 1.65 -1.57 -16.19
CA PRO A 33 0.25 -1.12 -16.05
C PRO A 33 -0.75 -2.12 -16.67
N GLY A 34 -0.96 -3.21 -15.95
CA GLY A 34 -1.89 -4.26 -16.39
C GLY A 34 -1.50 -5.65 -15.87
N ASP A 35 -0.30 -5.75 -15.31
CA ASP A 35 0.21 -7.03 -14.79
C ASP A 35 -0.13 -7.25 -13.31
N ILE A 36 -0.25 -8.51 -12.92
CA ILE A 36 -0.59 -8.89 -11.54
C ILE A 36 0.67 -9.00 -10.66
N VAL A 37 0.55 -8.62 -9.39
CA VAL A 37 1.64 -8.74 -8.43
C VAL A 37 1.77 -10.17 -7.89
N SER A 38 3.00 -10.61 -7.62
CA SER A 38 3.25 -11.95 -7.09
C SER A 38 2.66 -12.13 -5.68
N THR A 39 2.49 -13.38 -5.25
CA THR A 39 1.98 -13.68 -3.91
C THR A 39 2.94 -13.15 -2.82
N VAL A 40 4.24 -13.34 -3.03
CA VAL A 40 5.27 -12.90 -2.08
C VAL A 40 5.20 -11.39 -1.80
N ASP A 41 5.27 -10.60 -2.88
CA ASP A 41 5.19 -9.14 -2.76
C ASP A 41 3.77 -8.68 -2.39
N GLY A 42 2.77 -9.46 -2.81
CA GLY A 42 1.39 -9.19 -2.45
C GLY A 42 1.16 -9.25 -0.93
N ALA A 43 1.73 -10.25 -0.27
CA ALA A 43 1.62 -10.39 1.18
C ALA A 43 2.13 -9.13 1.92
N PHE A 44 3.19 -8.52 1.37
CA PHE A 44 3.71 -7.26 1.90
C PHE A 44 2.64 -6.16 1.83
N LEU A 45 1.97 -6.07 0.68
CA LEU A 45 0.88 -5.10 0.47
C LEU A 45 -0.29 -5.36 1.43
N VAL A 46 -0.61 -6.64 1.66
CA VAL A 46 -1.68 -7.02 2.58
C VAL A 46 -1.40 -6.48 4.00
N GLU A 47 -0.19 -6.73 4.50
CA GLU A 47 0.25 -6.20 5.80
C GLU A 47 0.15 -4.67 5.83
N ALA A 48 0.68 -4.02 4.79
CA ALA A 48 0.61 -2.57 4.67
C ALA A 48 -0.84 -2.07 4.70
N LEU A 49 -1.75 -2.87 4.16
CA LEU A 49 -3.18 -2.54 4.16
C LEU A 49 -3.81 -2.71 5.55
N LYS A 50 -3.48 -3.82 6.22
CA LYS A 50 -4.02 -4.14 7.56
C LYS A 50 -3.88 -2.97 8.54
N ARG A 51 -2.68 -2.41 8.61
CA ARG A 51 -2.35 -1.36 9.61
C ARG A 51 -2.86 0.04 9.19
N HIS A 52 -4.04 0.09 8.56
CA HIS A 52 -4.68 1.35 8.17
C HIS A 52 -6.17 1.37 8.54
N PRO A 53 -6.74 2.56 8.83
CA PRO A 53 -8.17 2.69 9.16
C PRO A 53 -9.09 2.27 8.00
N ASP A 54 -8.55 2.23 6.79
CA ASP A 54 -9.29 1.81 5.60
C ASP A 54 -9.36 0.27 5.49
N ALA A 55 -8.67 -0.43 6.40
CA ALA A 55 -8.52 -1.90 6.33
C ALA A 55 -9.85 -2.63 6.06
N THR A 56 -10.77 -2.60 7.04
CA THR A 56 -12.03 -3.36 6.94
C THR A 56 -12.78 -3.11 5.62
N SER A 57 -12.67 -1.90 5.08
CA SER A 57 -13.32 -1.54 3.82
C SER A 57 -12.57 -2.11 2.60
N LYS A 58 -11.25 -1.95 2.60
CA LYS A 58 -10.42 -2.36 1.47
C LYS A 58 -9.97 -3.83 1.56
N ILE A 59 -10.35 -4.50 2.65
CA ILE A 59 -10.13 -5.95 2.79
C ILE A 59 -11.45 -6.71 2.65
N GLY A 60 -12.46 -6.31 3.44
CA GLY A 60 -13.72 -7.05 3.47
C GLY A 60 -13.56 -8.44 4.08
N PRO A 61 -13.89 -9.51 3.34
CA PRO A 61 -13.62 -10.89 3.78
C PRO A 61 -12.15 -11.30 3.58
N GLY A 62 -11.55 -10.92 2.45
CA GLY A 62 -10.18 -11.28 2.16
C GLY A 62 -9.66 -10.71 0.84
N VAL A 63 -8.38 -10.96 0.56
CA VAL A 63 -7.74 -10.45 -0.67
C VAL A 63 -7.39 -11.61 -1.64
N ARG A 64 -7.78 -11.47 -2.90
CA ARG A 64 -7.49 -12.49 -3.92
C ARG A 64 -6.07 -12.27 -4.49
N ASN A 65 -5.82 -11.06 -4.98
CA ASN A 65 -4.48 -10.66 -5.44
C ASN A 65 -4.39 -9.15 -5.69
N PHE A 66 -3.24 -8.67 -6.15
CA PHE A 66 -3.04 -7.23 -6.45
C PHE A 66 -2.71 -7.01 -7.93
N GLU A 67 -3.18 -5.90 -8.49
CA GLU A 67 -2.94 -5.56 -9.90
C GLU A 67 -2.34 -4.15 -10.04
N VAL A 68 -1.30 -4.03 -10.87
CA VAL A 68 -0.67 -2.73 -11.12
C VAL A 68 -1.32 -2.02 -12.32
N ARG A 69 -2.12 -0.98 -12.05
CA ARG A 69 -2.78 -0.22 -13.12
C ARG A 69 -2.35 1.25 -13.09
N SER A 70 -2.43 1.92 -14.24
CA SER A 70 -2.07 3.34 -14.34
C SER A 70 -3.14 4.23 -13.69
N ALA A 71 -2.72 5.19 -12.90
CA ALA A 71 -3.66 6.12 -12.23
C ALA A 71 -3.82 7.42 -13.03
N ASP A 72 -2.74 8.20 -13.11
CA ASP A 72 -2.76 9.49 -13.81
C ASP A 72 -1.92 9.44 -15.10
N TYR A 73 -1.69 10.63 -15.70
CA TYR A 73 -0.90 10.76 -16.93
C TYR A 73 0.45 10.02 -16.85
N GLY A 74 1.03 9.93 -15.65
CA GLY A 74 2.30 9.24 -15.49
C GLY A 74 2.51 8.69 -14.08
N THR A 75 1.52 7.94 -13.57
CA THR A 75 1.61 7.37 -12.22
C THR A 75 1.04 5.94 -12.17
N GLN A 76 1.62 5.12 -11.30
CA GLN A 76 1.16 3.73 -11.10
C GLN A 76 0.43 3.59 -9.75
N CYS A 77 -0.54 2.67 -9.69
CA CYS A 77 -1.28 2.43 -8.44
C CYS A 77 -1.58 0.94 -8.24
N PHE A 78 -1.45 0.48 -6.99
CA PHE A 78 -1.78 -0.92 -6.64
C PHE A 78 -3.29 -1.09 -6.39
N TRP A 79 -3.93 -1.89 -7.23
CA TRP A 79 -5.36 -2.22 -7.06
C TRP A 79 -5.54 -3.55 -6.32
N ILE A 80 -6.37 -3.51 -5.28
CA ILE A 80 -6.65 -4.68 -4.44
C ILE A 80 -7.86 -5.48 -4.97
N LEU A 81 -7.61 -6.66 -5.51
CA LEU A 81 -8.70 -7.54 -5.95
C LEU A 81 -9.26 -8.32 -4.76
N ARG A 82 -10.29 -7.77 -4.13
CA ARG A 82 -10.90 -8.37 -2.94
C ARG A 82 -11.74 -9.61 -3.28
N THR A 83 -11.71 -10.62 -2.40
CA THR A 83 -12.52 -11.84 -2.57
C THR A 83 -14.02 -11.51 -2.52
N ASP A 84 -14.33 -10.31 -2.06
CA ASP A 84 -15.70 -9.78 -2.08
C ASP A 84 -16.29 -9.78 -3.51
N GLY A 85 -15.41 -9.71 -4.52
CA GLY A 85 -15.86 -9.60 -5.90
C GLY A 85 -15.81 -8.16 -6.41
N SER A 86 -14.97 -7.33 -5.77
CA SER A 86 -14.82 -5.92 -6.14
C SER A 86 -13.41 -5.42 -5.79
N GLU A 87 -12.81 -4.66 -6.71
CA GLU A 87 -11.46 -4.12 -6.50
C GLU A 87 -11.49 -2.77 -5.76
N GLU A 88 -10.31 -2.26 -5.41
CA GLU A 88 -10.17 -0.96 -4.72
C GLU A 88 -8.71 -0.51 -4.68
N ARG A 89 -8.46 0.79 -4.78
CA ARG A 89 -7.09 1.33 -4.76
C ARG A 89 -6.77 2.03 -3.44
N PHE A 90 -5.49 2.05 -3.08
CA PHE A 90 -5.02 2.77 -1.90
C PHE A 90 -3.71 3.52 -2.20
N SER A 91 -3.71 4.84 -1.98
CA SER A 91 -2.52 5.66 -2.25
C SER A 91 -1.50 5.56 -1.10
N TYR A 92 -0.64 4.54 -1.18
CA TYR A 92 0.38 4.28 -0.15
C TYR A 92 1.23 5.52 0.17
N LYS A 93 1.52 6.34 -0.85
CA LYS A 93 2.37 7.52 -0.69
C LYS A 93 1.68 8.66 0.08
N LYS A 94 0.34 8.68 0.05
CA LYS A 94 -0.42 9.72 0.76
C LYS A 94 -0.71 9.32 2.21
N CYS A 95 -0.27 8.13 2.60
CA CYS A 95 -0.48 7.63 3.97
C CYS A 95 0.80 7.80 4.80
N VAL A 96 1.01 9.03 5.27
CA VAL A 96 2.21 9.36 6.06
C VAL A 96 1.83 9.79 7.49
N LEU A 97 1.21 10.96 7.60
CA LEU A 97 0.88 11.56 8.91
C LEU A 97 0.11 12.88 8.71
N GLU A 98 -0.78 13.20 9.63
CA GLU A 98 -1.55 14.46 9.57
C GLU A 98 -0.62 15.69 9.57
N HIS A 99 -0.93 16.65 8.71
CA HIS A 99 -0.27 17.96 8.78
C HIS A 99 -1.19 18.96 9.50
N HIS A 100 -0.92 19.16 10.79
CA HIS A 100 -1.81 19.89 11.69
C HIS A 100 -1.93 21.39 11.30
N HIS A 101 -2.85 21.67 10.37
CA HIS A 101 -3.11 23.05 9.94
C HIS A 101 -4.09 23.77 10.87
N HIS A 102 -5.12 23.05 11.31
CA HIS A 102 -6.14 23.64 12.19
C HIS A 102 -6.06 23.05 13.61
N HIS A 103 -6.20 23.90 14.62
CA HIS A 103 -6.22 23.45 16.03
C HIS A 103 -7.53 22.72 16.35
N HIS A 104 -7.59 22.12 17.54
CA HIS A 104 -8.84 21.51 18.02
C HIS A 104 -9.45 22.34 19.17
N MET A 1 5.03 -1.89 25.20
CA MET A 1 6.36 -1.24 24.98
C MET A 1 6.23 -0.02 24.06
N ALA A 2 5.18 0.78 24.27
CA ALA A 2 4.86 1.90 23.38
C ALA A 2 5.95 2.99 23.37
N LYS A 3 6.88 2.88 22.42
CA LYS A 3 7.90 3.92 22.19
C LYS A 3 8.04 4.21 20.68
N ALA A 4 9.01 5.04 20.32
CA ALA A 4 9.24 5.37 18.91
C ALA A 4 9.81 4.18 18.14
N GLN A 5 8.93 3.31 17.66
CA GLN A 5 9.33 2.11 16.90
C GLN A 5 9.02 2.26 15.40
N PRO A 6 9.91 1.76 14.53
CA PRO A 6 9.74 1.87 13.06
C PRO A 6 8.53 1.10 12.52
N ILE A 7 8.08 1.47 11.32
CA ILE A 7 6.93 0.81 10.68
C ILE A 7 7.36 -0.55 10.07
N GLU A 8 7.15 -1.63 10.82
CA GLU A 8 7.50 -2.97 10.33
C GLU A 8 6.40 -3.54 9.43
N ILE A 9 6.76 -3.84 8.19
CA ILE A 9 5.85 -4.48 7.23
C ILE A 9 6.52 -5.70 6.59
N ALA A 10 6.05 -6.90 6.93
CA ALA A 10 6.63 -8.15 6.41
C ALA A 10 8.13 -8.25 6.77
N GLY A 11 8.49 -7.74 7.94
CA GLY A 11 9.89 -7.70 8.36
C GLY A 11 10.58 -6.39 8.02
N HIS A 12 10.10 -5.72 6.97
CA HIS A 12 10.69 -4.44 6.53
C HIS A 12 10.31 -3.29 7.47
N GLU A 13 11.20 -2.95 8.39
CA GLU A 13 10.94 -1.91 9.38
C GLU A 13 11.50 -0.54 8.95
N PHE A 14 10.61 0.34 8.49
CA PHE A 14 11.01 1.69 8.04
C PHE A 14 10.95 2.70 9.19
N ALA A 15 12.04 3.42 9.42
CA ALA A 15 12.09 4.44 10.49
C ALA A 15 11.19 5.64 10.17
N ARG A 16 10.82 5.79 8.90
CA ARG A 16 10.00 6.91 8.44
C ARG A 16 9.03 6.49 7.33
N LYS A 17 7.83 7.04 7.35
CA LYS A 17 6.78 6.68 6.38
C LYS A 17 7.22 7.00 4.94
N ALA A 18 7.90 8.14 4.76
CA ALA A 18 8.37 8.57 3.43
C ALA A 18 9.26 7.51 2.75
N ASP A 19 10.05 6.80 3.57
CA ASP A 19 10.93 5.74 3.06
C ASP A 19 10.10 4.55 2.52
N ALA A 20 9.03 4.22 3.25
CA ALA A 20 8.09 3.18 2.82
C ALA A 20 7.36 3.61 1.53
N LEU A 21 7.03 4.90 1.44
CA LEU A 21 6.39 5.45 0.23
C LEU A 21 7.30 5.30 -0.98
N ALA A 22 8.57 5.68 -0.83
CA ALA A 22 9.57 5.53 -1.90
C ALA A 22 9.69 4.07 -2.35
N PHE A 23 9.87 3.16 -1.38
CA PHE A 23 10.00 1.73 -1.67
C PHE A 23 8.81 1.21 -2.52
N MET A 24 7.59 1.44 -2.04
CA MET A 24 6.39 0.99 -2.74
C MET A 24 6.21 1.69 -4.10
N LYS A 25 6.67 2.94 -4.20
CA LYS A 25 6.55 3.68 -5.46
C LYS A 25 7.50 3.14 -6.53
N VAL A 26 8.72 2.77 -6.13
CA VAL A 26 9.71 2.22 -7.08
C VAL A 26 9.12 1.09 -7.93
N MET A 27 8.66 0.02 -7.28
CA MET A 27 8.02 -1.09 -7.99
C MET A 27 6.76 -0.61 -8.72
N LEU A 28 6.02 0.31 -8.09
CA LEU A 28 4.81 0.88 -8.67
C LEU A 28 5.09 1.54 -10.03
N ASN A 29 6.29 2.11 -10.19
CA ASN A 29 6.70 2.69 -11.48
C ASN A 29 6.86 1.62 -12.56
N ARG A 30 7.33 0.43 -12.16
CA ARG A 30 7.55 -0.68 -13.10
C ARG A 30 6.24 -1.40 -13.44
N TYR A 31 5.29 -1.42 -12.51
CA TYR A 31 3.97 -1.99 -12.77
C TYR A 31 3.04 -0.94 -13.40
N ARG A 32 2.69 -1.16 -14.67
CA ARG A 32 1.81 -0.23 -15.40
C ARG A 32 0.35 -0.39 -14.95
N PRO A 33 -0.54 0.59 -15.26
CA PRO A 33 -1.98 0.44 -15.03
C PRO A 33 -2.56 -0.73 -15.83
N GLY A 34 -2.30 -1.92 -15.33
CA GLY A 34 -2.73 -3.15 -15.98
C GLY A 34 -1.89 -4.35 -15.57
N ASP A 35 -0.76 -4.11 -14.91
CA ASP A 35 0.10 -5.18 -14.39
C ASP A 35 -0.37 -5.72 -13.04
N ILE A 36 -0.13 -7.01 -12.82
CA ILE A 36 -0.36 -7.64 -11.52
C ILE A 36 0.94 -7.60 -10.69
N VAL A 37 0.80 -7.28 -9.41
CA VAL A 37 1.95 -7.24 -8.49
C VAL A 37 2.44 -8.65 -8.15
N SER A 38 3.76 -8.82 -8.05
CA SER A 38 4.36 -10.13 -7.78
C SER A 38 3.95 -10.69 -6.41
N THR A 39 4.30 -11.94 -6.16
CA THR A 39 4.01 -12.59 -4.86
C THR A 39 4.87 -11.98 -3.75
N VAL A 40 6.13 -11.64 -4.06
CA VAL A 40 7.02 -11.00 -3.10
C VAL A 40 6.52 -9.61 -2.70
N ASP A 41 6.39 -8.72 -3.67
CA ASP A 41 5.89 -7.37 -3.43
C ASP A 41 4.45 -7.40 -2.90
N GLY A 42 3.65 -8.33 -3.43
CA GLY A 42 2.28 -8.51 -2.96
C GLY A 42 2.19 -8.88 -1.49
N ALA A 43 3.09 -9.75 -1.03
CA ALA A 43 3.16 -10.13 0.39
C ALA A 43 3.40 -8.90 1.28
N PHE A 44 4.25 -8.00 0.80
CA PHE A 44 4.52 -6.74 1.49
C PHE A 44 3.22 -5.90 1.60
N LEU A 45 2.50 -5.77 0.48
CA LEU A 45 1.24 -5.05 0.45
C LEU A 45 0.20 -5.65 1.42
N VAL A 46 0.16 -6.97 1.50
CA VAL A 46 -0.75 -7.66 2.43
C VAL A 46 -0.51 -7.21 3.88
N GLU A 47 0.75 -7.28 4.33
CA GLU A 47 1.11 -6.85 5.68
C GLU A 47 0.86 -5.35 5.90
N ALA A 48 1.10 -4.54 4.87
CA ALA A 48 0.81 -3.10 4.93
C ALA A 48 -0.70 -2.85 5.13
N LEU A 49 -1.52 -3.72 4.54
CA LEU A 49 -2.98 -3.65 4.71
C LEU A 49 -3.40 -4.15 6.10
N LYS A 50 -2.92 -5.33 6.48
CA LYS A 50 -3.33 -6.00 7.73
C LYS A 50 -3.21 -5.08 8.97
N ARG A 51 -2.25 -4.16 8.96
CA ARG A 51 -2.08 -3.24 10.09
C ARG A 51 -3.01 -2.01 9.99
N HIS A 52 -4.12 -2.16 9.26
CA HIS A 52 -5.18 -1.14 9.19
C HIS A 52 -6.43 -1.58 9.99
N PRO A 53 -7.19 -0.63 10.56
CA PRO A 53 -8.47 -0.95 11.21
C PRO A 53 -9.55 -1.36 10.20
N ASP A 54 -9.40 -0.89 8.97
CA ASP A 54 -10.32 -1.22 7.87
C ASP A 54 -9.90 -2.53 7.15
N ALA A 55 -8.79 -3.14 7.60
CA ALA A 55 -8.23 -4.33 6.95
C ALA A 55 -9.29 -5.43 6.74
N THR A 56 -9.96 -5.83 7.81
CA THR A 56 -11.00 -6.88 7.74
C THR A 56 -12.00 -6.65 6.59
N SER A 57 -12.49 -5.42 6.47
CA SER A 57 -13.47 -5.06 5.42
C SER A 57 -12.81 -5.03 4.04
N LYS A 58 -11.54 -4.62 4.00
CA LYS A 58 -10.77 -4.53 2.75
C LYS A 58 -10.34 -5.92 2.27
N ILE A 59 -10.15 -6.85 3.20
CA ILE A 59 -9.73 -8.22 2.87
C ILE A 59 -10.93 -9.08 2.43
N GLY A 60 -12.06 -8.92 3.12
CA GLY A 60 -13.30 -9.61 2.75
C GLY A 60 -13.17 -11.13 2.65
N PRO A 61 -13.44 -11.73 1.47
CA PRO A 61 -13.43 -13.19 1.29
C PRO A 61 -12.02 -13.81 1.24
N GLY A 62 -11.01 -12.99 0.93
CA GLY A 62 -9.64 -13.51 0.84
C GLY A 62 -8.77 -12.72 -0.15
N VAL A 63 -7.45 -12.88 -0.03
CA VAL A 63 -6.50 -12.17 -0.89
C VAL A 63 -6.27 -12.92 -2.22
N ARG A 64 -6.71 -12.31 -3.33
CA ARG A 64 -6.50 -12.91 -4.65
C ARG A 64 -5.20 -12.38 -5.29
N ASN A 65 -5.13 -11.06 -5.50
CA ASN A 65 -3.92 -10.40 -6.01
C ASN A 65 -4.03 -8.86 -5.92
N PHE A 66 -3.03 -8.17 -6.45
CA PHE A 66 -3.01 -6.70 -6.50
C PHE A 66 -2.76 -6.23 -7.94
N GLU A 67 -3.54 -5.25 -8.39
CA GLU A 67 -3.37 -4.70 -9.75
C GLU A 67 -3.26 -3.17 -9.71
N VAL A 68 -2.34 -2.62 -10.49
CA VAL A 68 -2.07 -1.17 -10.48
C VAL A 68 -3.09 -0.38 -11.33
N ARG A 69 -3.54 0.74 -10.79
CA ARG A 69 -4.49 1.63 -11.47
C ARG A 69 -4.19 3.09 -11.09
N SER A 70 -4.52 4.05 -11.97
CA SER A 70 -4.26 5.47 -11.68
C SER A 70 -5.33 6.06 -10.74
N ALA A 71 -4.88 6.84 -9.76
CA ALA A 71 -5.78 7.43 -8.77
C ALA A 71 -5.99 8.94 -9.00
N ASP A 72 -4.96 9.73 -8.71
CA ASP A 72 -5.05 11.19 -8.85
C ASP A 72 -4.27 11.70 -10.07
N TYR A 73 -5.00 12.01 -11.15
CA TYR A 73 -4.41 12.56 -12.38
C TYR A 73 -3.37 11.61 -13.01
N GLY A 74 -2.14 11.64 -12.50
CA GLY A 74 -1.08 10.76 -13.01
C GLY A 74 -0.48 9.86 -11.93
N THR A 75 -0.83 10.11 -10.67
CA THR A 75 -0.30 9.31 -9.55
C THR A 75 -0.96 7.92 -9.51
N GLN A 76 -0.12 6.89 -9.48
CA GLN A 76 -0.57 5.50 -9.48
C GLN A 76 -1.03 5.04 -8.08
N CYS A 77 -1.69 3.89 -8.01
CA CYS A 77 -2.10 3.30 -6.73
C CYS A 77 -2.37 1.79 -6.86
N PHE A 78 -2.09 1.04 -5.80
CA PHE A 78 -2.32 -0.41 -5.79
C PHE A 78 -3.79 -0.74 -5.46
N TRP A 79 -4.48 -1.39 -6.38
CA TRP A 79 -5.86 -1.84 -6.14
C TRP A 79 -5.89 -3.30 -5.65
N ILE A 80 -6.69 -3.53 -4.62
CA ILE A 80 -6.75 -4.83 -3.94
C ILE A 80 -7.84 -5.74 -4.53
N LEU A 81 -7.41 -6.80 -5.24
CA LEU A 81 -8.34 -7.77 -5.82
C LEU A 81 -8.73 -8.86 -4.81
N ARG A 82 -10.03 -9.06 -4.65
CA ARG A 82 -10.58 -10.06 -3.74
C ARG A 82 -11.00 -11.32 -4.50
N THR A 83 -11.02 -12.47 -3.82
CA THR A 83 -11.40 -13.75 -4.42
C THR A 83 -12.78 -13.69 -5.07
N ASP A 84 -13.75 -13.07 -4.39
CA ASP A 84 -15.11 -12.92 -4.93
C ASP A 84 -15.20 -11.91 -6.09
N GLY A 85 -14.05 -11.48 -6.63
CA GLY A 85 -14.04 -10.56 -7.76
C GLY A 85 -14.44 -9.14 -7.39
N SER A 86 -13.79 -8.59 -6.37
CA SER A 86 -14.03 -7.20 -5.93
C SER A 86 -12.70 -6.45 -5.83
N GLU A 87 -12.67 -5.20 -6.29
CA GLU A 87 -11.45 -4.41 -6.31
C GLU A 87 -11.63 -3.03 -5.64
N GLU A 88 -10.84 -2.79 -4.61
CA GLU A 88 -10.80 -1.47 -3.94
C GLU A 88 -9.37 -1.17 -3.47
N ARG A 89 -8.96 0.09 -3.59
CA ARG A 89 -7.59 0.48 -3.23
C ARG A 89 -7.50 1.08 -1.82
N PHE A 90 -6.30 1.47 -1.44
CA PHE A 90 -6.06 2.17 -0.17
C PHE A 90 -5.06 3.32 -0.37
N SER A 91 -5.47 4.54 -0.07
CA SER A 91 -4.60 5.72 -0.21
C SER A 91 -3.45 5.68 0.81
N TYR A 92 -2.47 4.82 0.55
CA TYR A 92 -1.31 4.64 1.44
C TYR A 92 -0.55 5.95 1.69
N LYS A 93 -0.67 6.90 0.77
CA LYS A 93 0.02 8.19 0.87
C LYS A 93 -0.68 9.16 1.84
N LYS A 94 -1.91 8.84 2.24
CA LYS A 94 -2.65 9.68 3.20
C LYS A 94 -2.69 9.06 4.61
N CYS A 95 -2.11 7.86 4.76
CA CYS A 95 -2.02 7.21 6.07
C CYS A 95 -0.65 7.49 6.71
N VAL A 96 -0.46 8.72 7.19
CA VAL A 96 0.84 9.15 7.72
C VAL A 96 0.68 10.04 8.97
N LEU A 97 0.54 11.35 8.72
CA LEU A 97 0.60 12.41 9.74
C LEU A 97 0.82 13.74 9.01
N GLU A 98 0.46 14.87 9.62
CA GLU A 98 0.59 16.18 8.96
C GLU A 98 1.96 16.40 8.29
N HIS A 99 2.00 16.17 6.99
CA HIS A 99 3.18 16.48 6.16
C HIS A 99 2.77 17.38 4.99
N HIS A 100 1.69 18.13 5.17
CA HIS A 100 1.17 19.01 4.13
C HIS A 100 2.04 20.28 3.95
N HIS A 101 3.20 20.10 3.35
CA HIS A 101 4.10 21.21 3.00
C HIS A 101 4.23 21.33 1.49
N HIS A 102 3.18 20.90 0.78
CA HIS A 102 3.22 20.82 -0.68
C HIS A 102 3.01 22.19 -1.35
N HIS A 103 4.12 22.77 -1.79
CA HIS A 103 4.08 23.99 -2.60
C HIS A 103 4.17 23.64 -4.09
N HIS A 104 4.20 24.64 -4.96
CA HIS A 104 4.43 24.42 -6.39
C HIS A 104 5.90 24.06 -6.65
N MET A 1 5.47 16.58 22.66
CA MET A 1 6.78 15.86 22.76
C MET A 1 7.14 15.16 21.44
N ALA A 2 8.44 15.00 21.19
CA ALA A 2 8.94 14.42 19.95
C ALA A 2 9.03 12.89 20.01
N LYS A 3 8.41 12.22 19.04
CA LYS A 3 8.43 10.76 18.94
C LYS A 3 8.13 10.29 17.51
N ALA A 4 9.15 9.76 16.83
CA ALA A 4 8.99 9.22 15.48
C ALA A 4 9.80 7.93 15.30
N GLN A 5 9.10 6.80 15.14
CA GLN A 5 9.76 5.50 14.95
C GLN A 5 10.00 5.23 13.46
N PRO A 6 11.01 4.40 13.12
CA PRO A 6 11.24 3.99 11.72
C PRO A 6 10.00 3.30 11.11
N ILE A 7 9.60 3.71 9.91
CA ILE A 7 8.41 3.17 9.26
C ILE A 7 8.64 1.70 8.89
N GLU A 8 8.28 0.80 9.80
CA GLU A 8 8.47 -0.64 9.59
C GLU A 8 7.15 -1.32 9.21
N ILE A 9 7.07 -1.76 7.95
CA ILE A 9 5.89 -2.44 7.43
C ILE A 9 6.26 -3.81 6.82
N ALA A 10 5.67 -4.89 7.34
CA ALA A 10 5.90 -6.26 6.84
C ALA A 10 7.38 -6.67 6.93
N GLY A 11 8.10 -6.08 7.89
CA GLY A 11 9.52 -6.37 8.05
C GLY A 11 10.43 -5.41 7.29
N HIS A 12 9.83 -4.45 6.58
CA HIS A 12 10.58 -3.45 5.82
C HIS A 12 10.60 -2.10 6.57
N GLU A 13 11.72 -1.76 7.20
CA GLU A 13 11.82 -0.49 7.94
C GLU A 13 12.32 0.65 7.05
N PHE A 14 11.75 1.83 7.24
CA PHE A 14 12.15 3.04 6.49
C PHE A 14 12.50 4.18 7.44
N ALA A 15 13.73 4.71 7.32
CA ALA A 15 14.21 5.79 8.19
C ALA A 15 13.37 7.08 8.03
N ARG A 16 12.71 7.22 6.88
CA ARG A 16 11.89 8.40 6.60
C ARG A 16 10.70 8.02 5.72
N LYS A 17 9.55 8.64 5.97
CA LYS A 17 8.31 8.32 5.22
C LYS A 17 8.50 8.54 3.71
N ALA A 18 9.21 9.60 3.33
CA ALA A 18 9.53 9.89 1.93
C ALA A 18 10.31 8.74 1.27
N ASP A 19 11.00 7.94 2.08
CA ASP A 19 11.76 6.78 1.58
C ASP A 19 10.81 5.60 1.27
N ALA A 20 9.77 5.46 2.10
CA ALA A 20 8.78 4.40 1.91
C ALA A 20 8.02 4.58 0.58
N LEU A 21 7.61 5.82 0.30
CA LEU A 21 6.93 6.14 -0.98
C LEU A 21 7.79 5.74 -2.18
N ALA A 22 9.09 6.02 -2.09
CA ALA A 22 10.05 5.64 -3.14
C ALA A 22 10.03 4.13 -3.39
N PHE A 23 10.13 3.35 -2.31
CA PHE A 23 10.08 1.88 -2.39
C PHE A 23 8.79 1.41 -3.10
N MET A 24 7.65 1.95 -2.66
CA MET A 24 6.36 1.62 -3.27
C MET A 24 6.35 1.93 -4.77
N LYS A 25 6.95 3.06 -5.15
CA LYS A 25 7.04 3.45 -6.56
C LYS A 25 7.91 2.45 -7.34
N VAL A 26 9.06 2.09 -6.76
CA VAL A 26 9.99 1.13 -7.39
C VAL A 26 9.29 -0.19 -7.72
N MET A 27 8.64 -0.81 -6.73
CA MET A 27 7.95 -2.08 -6.96
C MET A 27 6.72 -1.90 -7.88
N LEU A 28 6.13 -0.69 -7.85
CA LEU A 28 5.04 -0.35 -8.77
C LEU A 28 5.54 -0.21 -10.22
N ASN A 29 6.85 -0.04 -10.37
CA ASN A 29 7.49 -0.06 -11.71
C ASN A 29 8.01 -1.47 -12.04
N ARG A 30 8.40 -2.21 -11.00
CA ARG A 30 8.78 -3.63 -11.15
C ARG A 30 7.62 -4.45 -11.71
N TYR A 31 6.41 -4.13 -11.25
CA TYR A 31 5.18 -4.71 -11.79
C TYR A 31 4.53 -3.74 -12.80
N ARG A 32 4.49 -4.15 -14.05
CA ARG A 32 3.92 -3.30 -15.12
C ARG A 32 2.43 -3.04 -14.89
N PRO A 33 1.86 -1.99 -15.53
CA PRO A 33 0.42 -1.64 -15.38
C PRO A 33 -0.56 -2.71 -15.95
N GLY A 34 -0.11 -3.96 -16.00
CA GLY A 34 -0.97 -5.06 -16.39
C GLY A 34 -0.55 -6.39 -15.78
N ASP A 35 0.14 -6.33 -14.64
CA ASP A 35 0.65 -7.53 -13.96
C ASP A 35 0.05 -7.70 -12.56
N ILE A 36 0.15 -8.92 -12.03
CA ILE A 36 -0.36 -9.24 -10.69
C ILE A 36 0.76 -9.20 -9.65
N VAL A 37 0.51 -8.54 -8.53
CA VAL A 37 1.49 -8.42 -7.44
C VAL A 37 1.65 -9.76 -6.71
N SER A 38 2.91 -10.22 -6.56
CA SER A 38 3.20 -11.51 -5.92
C SER A 38 2.99 -11.46 -4.39
N THR A 39 3.20 -12.60 -3.74
CA THR A 39 2.92 -12.75 -2.30
C THR A 39 3.73 -11.77 -1.42
N VAL A 40 5.04 -11.69 -1.66
CA VAL A 40 5.92 -10.81 -0.85
C VAL A 40 5.49 -9.35 -0.92
N ASP A 41 5.48 -8.79 -2.13
CA ASP A 41 5.07 -7.40 -2.35
C ASP A 41 3.61 -7.18 -1.92
N GLY A 42 2.76 -8.17 -2.19
CA GLY A 42 1.36 -8.11 -1.78
C GLY A 42 1.19 -8.04 -0.26
N ALA A 43 1.96 -8.86 0.46
CA ALA A 43 1.93 -8.85 1.93
C ALA A 43 2.27 -7.48 2.50
N PHE A 44 3.24 -6.81 1.88
CA PHE A 44 3.59 -5.44 2.25
C PHE A 44 2.37 -4.51 2.12
N LEU A 45 1.61 -4.70 1.05
CA LEU A 45 0.37 -3.95 0.82
C LEU A 45 -0.71 -4.30 1.85
N VAL A 46 -0.83 -5.59 2.16
CA VAL A 46 -1.80 -6.06 3.17
C VAL A 46 -1.54 -5.38 4.53
N GLU A 47 -0.29 -5.36 4.96
CA GLU A 47 0.10 -4.69 6.21
C GLU A 47 -0.13 -3.18 6.11
N ALA A 48 0.27 -2.60 4.97
CA ALA A 48 0.06 -1.17 4.69
C ALA A 48 -1.44 -0.83 4.68
N LEU A 49 -2.28 -1.82 4.40
CA LEU A 49 -3.72 -1.66 4.46
C LEU A 49 -4.25 -1.79 5.90
N LYS A 50 -3.80 -2.83 6.61
CA LYS A 50 -4.24 -3.11 7.99
C LYS A 50 -4.05 -1.91 8.94
N ARG A 51 -3.07 -1.07 8.65
CA ARG A 51 -2.77 0.09 9.51
C ARG A 51 -3.87 1.17 9.45
N HIS A 52 -4.75 1.07 8.45
CA HIS A 52 -5.81 2.09 8.24
C HIS A 52 -7.11 1.71 8.97
N PRO A 53 -7.90 2.70 9.43
CA PRO A 53 -9.17 2.44 10.14
C PRO A 53 -10.26 1.90 9.21
N ASP A 54 -10.12 2.18 7.90
CA ASP A 54 -11.08 1.72 6.89
C ASP A 54 -10.65 0.37 6.27
N ALA A 55 -9.61 -0.24 6.84
CA ALA A 55 -9.04 -1.50 6.32
C ALA A 55 -10.10 -2.58 6.09
N THR A 56 -10.90 -2.88 7.12
CA THR A 56 -11.89 -3.97 7.05
C THR A 56 -12.80 -3.89 5.81
N SER A 57 -13.11 -2.67 5.37
CA SER A 57 -13.99 -2.48 4.19
C SER A 57 -13.27 -2.81 2.88
N LYS A 58 -11.97 -2.50 2.82
CA LYS A 58 -11.16 -2.79 1.64
C LYS A 58 -10.65 -4.23 1.66
N ILE A 59 -10.66 -4.86 2.83
CA ILE A 59 -10.33 -6.28 2.96
C ILE A 59 -11.57 -7.14 2.64
N GLY A 60 -12.73 -6.71 3.13
CA GLY A 60 -13.97 -7.43 2.89
C GLY A 60 -13.98 -8.83 3.50
N PRO A 61 -14.45 -9.85 2.74
CA PRO A 61 -14.45 -11.24 3.22
C PRO A 61 -13.09 -11.93 3.09
N GLY A 62 -12.08 -11.20 2.62
CA GLY A 62 -10.75 -11.76 2.46
C GLY A 62 -10.03 -11.26 1.20
N VAL A 63 -8.71 -11.23 1.25
CA VAL A 63 -7.90 -10.77 0.12
C VAL A 63 -7.45 -11.95 -0.76
N ARG A 64 -7.69 -11.84 -2.06
CA ARG A 64 -7.25 -12.84 -3.03
C ARG A 64 -5.85 -12.52 -3.58
N ASN A 65 -5.69 -11.31 -4.13
CA ASN A 65 -4.40 -10.84 -4.64
C ASN A 65 -4.44 -9.33 -4.94
N PHE A 66 -3.33 -8.80 -5.42
CA PHE A 66 -3.26 -7.38 -5.82
C PHE A 66 -2.90 -7.26 -7.31
N GLU A 67 -3.40 -6.21 -7.96
CA GLU A 67 -3.14 -5.97 -9.39
C GLU A 67 -2.62 -4.54 -9.62
N VAL A 68 -1.75 -4.39 -10.60
CA VAL A 68 -1.21 -3.07 -10.96
C VAL A 68 -1.89 -2.53 -12.22
N ARG A 69 -2.44 -1.32 -12.14
CA ARG A 69 -3.08 -0.67 -13.29
C ARG A 69 -2.87 0.86 -13.24
N SER A 70 -2.81 1.50 -14.41
CA SER A 70 -2.57 2.94 -14.49
C SER A 70 -3.76 3.76 -13.99
N ALA A 71 -3.48 4.96 -13.47
CA ALA A 71 -4.51 5.88 -13.00
C ALA A 71 -4.32 7.28 -13.62
N ASP A 72 -3.11 7.81 -13.49
CA ASP A 72 -2.75 9.09 -14.11
C ASP A 72 -1.84 8.88 -15.33
N TYR A 73 -1.19 9.95 -15.78
CA TYR A 73 -0.31 9.91 -16.95
C TYR A 73 0.73 8.79 -16.86
N GLY A 74 1.67 8.91 -15.91
CA GLY A 74 2.71 7.90 -15.75
C GLY A 74 2.77 7.28 -14.35
N THR A 75 1.63 7.25 -13.66
CA THR A 75 1.56 6.65 -12.31
C THR A 75 0.41 5.64 -12.20
N GLN A 76 0.73 4.44 -11.71
CA GLN A 76 -0.26 3.38 -11.52
C GLN A 76 -0.86 3.42 -10.10
N CYS A 77 -1.73 2.46 -9.80
CA CYS A 77 -2.28 2.29 -8.46
C CYS A 77 -2.42 0.81 -8.11
N PHE A 78 -2.40 0.49 -6.82
CA PHE A 78 -2.54 -0.91 -6.37
C PHE A 78 -4.01 -1.28 -6.14
N TRP A 79 -4.49 -2.25 -6.91
CA TRP A 79 -5.89 -2.72 -6.84
C TRP A 79 -6.02 -3.95 -5.91
N ILE A 80 -6.95 -3.88 -4.96
CA ILE A 80 -7.19 -4.99 -4.03
C ILE A 80 -8.26 -5.95 -4.57
N LEU A 81 -7.83 -7.16 -4.95
CA LEU A 81 -8.75 -8.20 -5.42
C LEU A 81 -9.35 -8.95 -4.22
N ARG A 82 -10.54 -8.55 -3.79
CA ARG A 82 -11.23 -9.22 -2.68
C ARG A 82 -11.91 -10.52 -3.15
N THR A 83 -12.00 -11.50 -2.25
CA THR A 83 -12.65 -12.79 -2.55
C THR A 83 -14.11 -12.58 -2.96
N ASP A 84 -14.70 -11.48 -2.50
CA ASP A 84 -16.04 -11.06 -2.92
C ASP A 84 -16.14 -10.96 -4.46
N GLY A 85 -15.07 -10.48 -5.09
CA GLY A 85 -15.08 -10.25 -6.53
C GLY A 85 -14.91 -8.78 -6.89
N SER A 86 -15.41 -7.90 -6.02
CA SER A 86 -15.33 -6.45 -6.27
C SER A 86 -13.94 -5.90 -5.93
N GLU A 87 -13.17 -5.56 -6.95
CA GLU A 87 -11.82 -5.00 -6.75
C GLU A 87 -11.88 -3.49 -6.44
N GLU A 88 -11.07 -3.05 -5.47
CA GLU A 88 -11.02 -1.65 -5.08
C GLU A 88 -9.56 -1.18 -4.88
N ARG A 89 -9.22 -0.05 -5.47
CA ARG A 89 -7.85 0.48 -5.46
C ARG A 89 -7.62 1.53 -4.37
N PHE A 90 -6.37 1.72 -3.96
CA PHE A 90 -6.00 2.79 -3.04
C PHE A 90 -4.76 3.55 -3.53
N SER A 91 -4.76 4.88 -3.34
CA SER A 91 -3.71 5.76 -3.88
C SER A 91 -2.32 5.47 -3.31
N TYR A 92 -2.26 4.72 -2.20
CA TYR A 92 -1.02 4.32 -1.50
C TYR A 92 -0.14 5.52 -1.05
N LYS A 93 0.33 6.33 -1.99
CA LYS A 93 1.18 7.51 -1.69
C LYS A 93 0.59 8.39 -0.57
N LYS A 94 -0.73 8.46 -0.48
CA LYS A 94 -1.40 9.23 0.57
C LYS A 94 -1.47 8.44 1.88
N CYS A 95 -0.35 8.36 2.60
CA CYS A 95 -0.28 7.65 3.86
C CYS A 95 1.00 8.00 4.62
N VAL A 96 0.85 8.27 5.91
CA VAL A 96 1.97 8.53 6.81
C VAL A 96 1.73 7.82 8.14
N LEU A 97 0.73 8.29 8.86
CA LEU A 97 0.32 7.73 10.14
C LEU A 97 -1.17 7.96 10.37
N GLU A 98 -1.85 6.96 10.92
CA GLU A 98 -3.28 7.07 11.22
C GLU A 98 -3.52 7.85 12.52
N HIS A 99 -2.43 8.19 13.20
CA HIS A 99 -2.46 9.16 14.30
C HIS A 99 -1.62 10.40 13.90
N HIS A 100 -1.85 10.86 12.67
CA HIS A 100 -1.04 11.93 12.06
C HIS A 100 -1.21 13.30 12.77
N HIS A 101 -0.35 13.56 13.75
CA HIS A 101 -0.29 14.88 14.39
C HIS A 101 1.00 15.04 15.21
N HIS A 102 1.70 16.15 15.01
CA HIS A 102 2.94 16.45 15.73
C HIS A 102 3.13 17.97 15.90
N HIS A 103 3.00 18.44 17.13
CA HIS A 103 3.14 19.87 17.45
C HIS A 103 4.59 20.24 17.80
N HIS A 104 5.07 21.37 17.26
CA HIS A 104 6.39 21.91 17.61
C HIS A 104 6.45 23.43 17.38
N MET A 1 14.95 2.64 23.59
CA MET A 1 14.02 2.63 24.76
C MET A 1 12.85 3.62 24.57
N ALA A 2 12.85 4.37 23.47
CA ALA A 2 11.81 5.37 23.23
C ALA A 2 10.51 4.75 22.69
N LYS A 3 9.49 5.58 22.51
CA LYS A 3 8.20 5.13 21.93
C LYS A 3 8.25 5.18 20.39
N ALA A 4 9.26 5.86 19.85
CA ALA A 4 9.39 6.02 18.40
C ALA A 4 9.73 4.69 17.70
N GLN A 5 8.69 3.91 17.42
CA GLN A 5 8.84 2.63 16.70
C GLN A 5 8.86 2.84 15.18
N PRO A 6 9.83 2.22 14.47
CA PRO A 6 9.93 2.32 13.01
C PRO A 6 8.72 1.67 12.30
N ILE A 7 8.56 1.96 11.02
CA ILE A 7 7.43 1.43 10.24
C ILE A 7 7.70 -0.03 9.84
N GLU A 8 7.17 -0.97 10.62
CA GLU A 8 7.36 -2.40 10.34
C GLU A 8 6.21 -2.97 9.49
N ILE A 9 6.56 -3.50 8.32
CA ILE A 9 5.57 -4.15 7.45
C ILE A 9 6.10 -5.50 6.93
N ALA A 10 5.43 -6.59 7.34
CA ALA A 10 5.77 -7.95 6.85
C ALA A 10 7.21 -8.35 7.20
N GLY A 11 7.71 -7.86 8.33
CA GLY A 11 9.09 -8.15 8.73
C GLY A 11 10.12 -7.21 8.12
N HIS A 12 9.63 -6.17 7.46
CA HIS A 12 10.50 -5.13 6.88
C HIS A 12 10.38 -3.84 7.71
N GLU A 13 11.41 -3.54 8.50
CA GLU A 13 11.40 -2.34 9.36
C GLU A 13 11.98 -1.13 8.63
N PHE A 14 11.15 -0.13 8.38
CA PHE A 14 11.56 1.10 7.69
C PHE A 14 11.90 2.21 8.70
N ALA A 15 13.05 2.85 8.52
CA ALA A 15 13.55 3.87 9.45
C ALA A 15 12.68 5.14 9.46
N ARG A 16 11.77 5.26 8.49
CA ARG A 16 10.87 6.41 8.40
C ARG A 16 9.72 6.12 7.44
N LYS A 17 8.63 6.88 7.54
CA LYS A 17 7.46 6.65 6.68
C LYS A 17 7.84 6.80 5.20
N ALA A 18 8.66 7.82 4.89
CA ALA A 18 9.15 8.04 3.53
C ALA A 18 10.00 6.87 3.03
N ASP A 19 10.59 6.12 3.95
CA ASP A 19 11.38 4.93 3.61
C ASP A 19 10.44 3.80 3.12
N ALA A 20 9.32 3.62 3.83
CA ALA A 20 8.27 2.68 3.41
C ALA A 20 7.66 3.10 2.07
N LEU A 21 7.42 4.40 1.91
CA LEU A 21 6.88 4.95 0.66
C LEU A 21 7.86 4.74 -0.51
N ALA A 22 9.15 4.90 -0.23
CA ALA A 22 10.21 4.66 -1.24
C ALA A 22 10.18 3.22 -1.74
N PHE A 23 10.07 2.27 -0.80
CA PHE A 23 9.98 0.84 -1.13
C PHE A 23 8.79 0.56 -2.05
N MET A 24 7.58 0.86 -1.57
CA MET A 24 6.35 0.70 -2.36
C MET A 24 6.43 1.47 -3.69
N LYS A 25 7.17 2.57 -3.71
CA LYS A 25 7.40 3.32 -4.96
C LYS A 25 8.21 2.49 -5.98
N VAL A 26 9.32 1.90 -5.52
CA VAL A 26 10.18 1.09 -6.39
C VAL A 26 9.38 -0.05 -7.06
N MET A 27 8.71 -0.86 -6.24
CA MET A 27 7.85 -1.95 -6.75
C MET A 27 6.70 -1.40 -7.61
N LEU A 28 6.15 -0.25 -7.23
CA LEU A 28 5.08 0.41 -8.01
C LEU A 28 5.56 0.79 -9.41
N ASN A 29 6.80 1.29 -9.50
CA ASN A 29 7.37 1.69 -10.80
C ASN A 29 7.59 0.47 -11.72
N ARG A 30 7.87 -0.68 -11.10
CA ARG A 30 8.10 -1.93 -11.83
C ARG A 30 6.86 -2.39 -12.61
N TYR A 31 5.67 -2.12 -12.07
CA TYR A 31 4.42 -2.56 -12.68
C TYR A 31 3.72 -1.43 -13.46
N ARG A 32 3.14 -1.78 -14.60
CA ARG A 32 2.38 -0.83 -15.42
C ARG A 32 0.92 -0.76 -14.95
N PRO A 33 0.15 0.24 -15.39
CA PRO A 33 -1.30 0.32 -15.12
C PRO A 33 -2.07 -0.87 -15.72
N GLY A 34 -1.91 -2.02 -15.10
CA GLY A 34 -2.54 -3.24 -15.56
C GLY A 34 -1.86 -4.52 -15.07
N ASP A 35 -0.63 -4.39 -14.57
CA ASP A 35 0.11 -5.54 -14.05
C ASP A 35 -0.34 -5.93 -12.64
N ILE A 36 -0.35 -7.23 -12.37
CA ILE A 36 -0.70 -7.76 -11.05
C ILE A 36 0.53 -7.87 -10.14
N VAL A 37 0.37 -7.49 -8.88
CA VAL A 37 1.43 -7.62 -7.88
C VAL A 37 1.73 -9.10 -7.59
N SER A 38 3.01 -9.44 -7.37
CA SER A 38 3.42 -10.85 -7.22
C SER A 38 3.06 -11.41 -5.85
N THR A 39 3.34 -12.70 -5.65
CA THR A 39 3.02 -13.39 -4.38
C THR A 39 3.85 -12.82 -3.21
N VAL A 40 5.05 -12.31 -3.52
CA VAL A 40 5.92 -11.71 -2.51
C VAL A 40 5.39 -10.33 -2.07
N ASP A 41 5.43 -9.35 -2.97
CA ASP A 41 4.98 -7.98 -2.66
C ASP A 41 3.49 -7.97 -2.22
N GLY A 42 2.72 -8.94 -2.72
CA GLY A 42 1.33 -9.08 -2.31
C GLY A 42 1.17 -9.23 -0.80
N ALA A 43 1.98 -10.10 -0.20
CA ALA A 43 1.94 -10.34 1.26
C ALA A 43 2.31 -9.05 2.03
N PHE A 44 3.32 -8.35 1.53
CA PHE A 44 3.74 -7.06 2.09
C PHE A 44 2.55 -6.07 2.15
N LEU A 45 1.84 -5.95 1.03
CA LEU A 45 0.66 -5.08 0.95
C LEU A 45 -0.45 -5.52 1.93
N VAL A 46 -0.64 -6.83 2.08
CA VAL A 46 -1.63 -7.35 3.03
C VAL A 46 -1.32 -6.92 4.47
N GLU A 47 -0.05 -7.06 4.87
CA GLU A 47 0.40 -6.64 6.22
C GLU A 47 0.26 -5.12 6.39
N ALA A 48 0.69 -4.36 5.38
CA ALA A 48 0.57 -2.90 5.40
C ALA A 48 -0.90 -2.47 5.59
N LEU A 49 -1.80 -3.15 4.87
CA LEU A 49 -3.23 -2.88 4.96
C LEU A 49 -3.78 -3.25 6.36
N LYS A 50 -3.67 -4.53 6.71
CA LYS A 50 -4.27 -5.08 7.94
C LYS A 50 -3.95 -4.28 9.22
N ARG A 51 -2.75 -3.69 9.30
CA ARG A 51 -2.35 -2.99 10.53
C ARG A 51 -3.07 -1.63 10.70
N HIS A 52 -4.16 -1.43 9.94
CA HIS A 52 -5.04 -0.27 10.12
C HIS A 52 -6.43 -0.71 10.63
N PRO A 53 -7.01 0.02 11.60
CA PRO A 53 -8.32 -0.34 12.18
C PRO A 53 -9.45 -0.46 11.15
N ASP A 54 -9.41 0.38 10.11
CA ASP A 54 -10.43 0.40 9.05
C ASP A 54 -10.16 -0.66 7.96
N ALA A 55 -9.01 -1.33 8.04
CA ALA A 55 -8.59 -2.30 7.00
C ALA A 55 -9.66 -3.36 6.73
N THR A 56 -10.24 -3.93 7.79
CA THR A 56 -11.28 -4.97 7.67
C THR A 56 -12.42 -4.55 6.71
N SER A 57 -12.76 -3.26 6.71
CA SER A 57 -13.84 -2.74 5.86
C SER A 57 -13.51 -2.89 4.36
N LYS A 58 -12.22 -3.02 4.03
CA LYS A 58 -11.79 -3.19 2.65
C LYS A 58 -11.17 -4.58 2.43
N ILE A 59 -11.41 -5.48 3.38
CA ILE A 59 -11.03 -6.88 3.23
C ILE A 59 -12.28 -7.73 2.95
N GLY A 60 -13.31 -7.55 3.78
CA GLY A 60 -14.58 -8.23 3.58
C GLY A 60 -14.48 -9.75 3.61
N PRO A 61 -14.70 -10.43 2.45
CA PRO A 61 -14.58 -11.89 2.36
C PRO A 61 -13.11 -12.38 2.36
N GLY A 62 -12.20 -11.56 1.80
CA GLY A 62 -10.80 -11.94 1.74
C GLY A 62 -10.01 -11.27 0.61
N VAL A 63 -8.69 -11.35 0.68
CA VAL A 63 -7.79 -10.79 -0.33
C VAL A 63 -7.54 -11.80 -1.47
N ARG A 64 -7.88 -11.42 -2.70
CA ARG A 64 -7.62 -12.28 -3.87
C ARG A 64 -6.25 -11.96 -4.48
N ASN A 65 -5.99 -10.66 -4.66
CA ASN A 65 -4.68 -10.17 -5.14
C ASN A 65 -4.64 -8.63 -5.12
N PHE A 66 -3.59 -8.06 -5.73
CA PHE A 66 -3.47 -6.60 -5.88
C PHE A 66 -3.08 -6.24 -7.32
N GLU A 67 -3.65 -5.18 -7.87
CA GLU A 67 -3.30 -4.70 -9.21
C GLU A 67 -2.71 -3.28 -9.16
N VAL A 68 -1.86 -2.96 -10.11
CA VAL A 68 -1.28 -1.62 -10.23
C VAL A 68 -1.96 -0.84 -11.38
N ARG A 69 -2.64 0.26 -11.04
CA ARG A 69 -3.39 1.05 -12.04
C ARG A 69 -3.10 2.56 -11.91
N SER A 70 -3.24 3.29 -13.02
CA SER A 70 -2.83 4.71 -13.11
C SER A 70 -3.36 5.60 -11.97
N ALA A 71 -2.58 6.65 -11.64
CA ALA A 71 -2.97 7.66 -10.67
C ALA A 71 -2.75 9.08 -11.23
N ASP A 72 -3.40 10.08 -10.63
CA ASP A 72 -3.33 11.47 -11.10
C ASP A 72 -1.97 12.14 -10.82
N TYR A 73 -1.11 11.45 -10.06
CA TYR A 73 0.21 12.01 -9.70
C TYR A 73 1.32 11.49 -10.63
N GLY A 74 0.95 11.07 -11.84
CA GLY A 74 1.94 10.55 -12.79
C GLY A 74 2.29 9.08 -12.54
N THR A 75 2.40 8.72 -11.26
CA THR A 75 2.62 7.33 -10.86
C THR A 75 1.32 6.52 -10.89
N GLN A 76 1.38 5.28 -10.40
CA GLN A 76 0.19 4.43 -10.30
C GLN A 76 -0.25 4.29 -8.83
N CYS A 77 -1.25 3.43 -8.60
CA CYS A 77 -1.73 3.14 -7.24
C CYS A 77 -1.97 1.63 -7.07
N PHE A 78 -1.88 1.15 -5.83
CA PHE A 78 -2.17 -0.24 -5.51
C PHE A 78 -3.67 -0.43 -5.28
N TRP A 79 -4.30 -1.25 -6.13
CA TRP A 79 -5.75 -1.48 -6.07
C TRP A 79 -6.11 -2.72 -5.25
N ILE A 80 -7.15 -2.57 -4.44
CA ILE A 80 -7.64 -3.61 -3.55
C ILE A 80 -8.56 -4.61 -4.27
N LEU A 81 -7.97 -5.69 -4.80
CA LEU A 81 -8.76 -6.76 -5.44
C LEU A 81 -9.31 -7.73 -4.39
N ARG A 82 -10.64 -7.80 -4.29
CA ARG A 82 -11.30 -8.66 -3.32
C ARG A 82 -11.84 -9.94 -3.95
N THR A 83 -11.89 -11.02 -3.17
CA THR A 83 -12.48 -12.29 -3.62
C THR A 83 -13.96 -12.11 -3.98
N ASP A 84 -14.55 -11.03 -3.46
CA ASP A 84 -15.90 -10.61 -3.84
C ASP A 84 -16.06 -10.51 -5.36
N GLY A 85 -15.13 -9.81 -6.00
CA GLY A 85 -15.21 -9.58 -7.44
C GLY A 85 -14.87 -8.14 -7.82
N SER A 86 -15.22 -7.20 -6.94
CA SER A 86 -14.95 -5.76 -7.18
C SER A 86 -13.54 -5.38 -6.71
N GLU A 87 -13.11 -4.17 -7.06
CA GLU A 87 -11.80 -3.65 -6.64
C GLU A 87 -11.90 -2.21 -6.11
N GLU A 88 -11.19 -1.95 -5.03
CA GLU A 88 -11.06 -0.58 -4.49
C GLU A 88 -9.63 -0.07 -4.69
N ARG A 89 -9.31 1.10 -4.12
CA ARG A 89 -7.96 1.66 -4.24
C ARG A 89 -7.51 2.32 -2.93
N PHE A 90 -6.25 2.13 -2.55
CA PHE A 90 -5.68 2.82 -1.39
C PHE A 90 -4.32 3.45 -1.75
N SER A 91 -4.17 4.72 -1.43
CA SER A 91 -2.93 5.45 -1.72
C SER A 91 -1.98 5.44 -0.52
N TYR A 92 -0.93 4.63 -0.61
CA TYR A 92 0.04 4.44 0.49
C TYR A 92 0.64 5.76 1.00
N LYS A 93 0.64 6.81 0.18
CA LYS A 93 1.19 8.11 0.58
C LYS A 93 0.19 8.90 1.46
N LYS A 94 -1.10 8.58 1.33
CA LYS A 94 -2.14 9.22 2.14
C LYS A 94 -2.25 8.57 3.53
N CYS A 95 -1.81 7.32 3.63
CA CYS A 95 -1.85 6.58 4.88
C CYS A 95 -0.67 6.96 5.79
N VAL A 96 -0.61 8.24 6.15
CA VAL A 96 0.46 8.77 7.01
C VAL A 96 -0.12 9.54 8.21
N LEU A 97 -0.55 10.78 7.94
CA LEU A 97 -1.11 11.66 8.98
C LEU A 97 -1.98 12.74 8.33
N GLU A 98 -1.37 13.57 7.48
CA GLU A 98 -2.10 14.64 6.79
C GLU A 98 -2.70 14.13 5.45
N HIS A 99 -4.00 14.36 5.26
CA HIS A 99 -4.68 13.98 4.00
C HIS A 99 -4.39 15.01 2.89
N HIS A 100 -3.13 15.39 2.79
CA HIS A 100 -2.70 16.53 1.96
C HIS A 100 -2.36 16.12 0.52
N HIS A 101 -2.84 16.89 -0.46
CA HIS A 101 -2.58 16.62 -1.88
C HIS A 101 -1.18 17.11 -2.28
N HIS A 102 -1.01 18.42 -2.27
CA HIS A 102 0.26 19.08 -2.63
C HIS A 102 1.29 18.93 -1.51
N HIS A 103 1.84 17.72 -1.36
CA HIS A 103 2.81 17.43 -0.28
C HIS A 103 4.24 17.85 -0.68
N HIS A 104 4.43 18.13 -1.96
CA HIS A 104 5.74 18.57 -2.47
C HIS A 104 5.59 19.75 -3.45
N MET A 1 13.28 0.76 27.49
CA MET A 1 12.19 0.24 26.62
C MET A 1 11.63 1.35 25.71
N ALA A 2 11.99 1.32 24.43
CA ALA A 2 11.51 2.31 23.47
C ALA A 2 10.16 1.91 22.85
N LYS A 3 9.14 2.74 23.03
CA LYS A 3 7.83 2.48 22.43
C LYS A 3 7.68 3.15 21.06
N ALA A 4 8.79 3.64 20.52
CA ALA A 4 8.83 4.20 19.16
C ALA A 4 9.76 3.37 18.27
N GLN A 5 9.27 2.21 17.83
CA GLN A 5 10.08 1.25 17.09
C GLN A 5 10.03 1.52 15.57
N PRO A 6 11.09 1.10 14.82
CA PRO A 6 11.16 1.30 13.36
C PRO A 6 10.08 0.52 12.58
N ILE A 7 10.04 0.73 11.27
CA ILE A 7 9.01 0.11 10.42
C ILE A 7 9.49 -1.23 9.83
N GLU A 8 9.03 -2.33 10.39
CA GLU A 8 9.37 -3.68 9.89
C GLU A 8 8.12 -4.36 9.30
N ILE A 9 8.11 -4.54 7.98
CA ILE A 9 6.96 -5.09 7.28
C ILE A 9 7.32 -6.32 6.44
N ALA A 10 6.75 -7.47 6.81
CA ALA A 10 6.87 -8.72 6.03
C ALA A 10 8.33 -9.18 5.84
N GLY A 11 9.21 -8.79 6.76
CA GLY A 11 10.61 -9.20 6.68
C GLY A 11 11.56 -8.08 6.27
N HIS A 12 10.99 -6.91 5.98
CA HIS A 12 11.79 -5.74 5.57
C HIS A 12 11.79 -4.65 6.65
N GLU A 13 12.94 -4.44 7.27
CA GLU A 13 13.09 -3.45 8.34
C GLU A 13 13.53 -2.09 7.80
N PHE A 14 12.86 -1.03 8.25
CA PHE A 14 13.14 0.33 7.81
C PHE A 14 13.32 1.28 9.01
N ALA A 15 14.40 2.05 9.01
CA ALA A 15 14.71 2.97 10.12
C ALA A 15 13.73 4.15 10.19
N ARG A 16 13.33 4.65 9.02
CA ARG A 16 12.40 5.80 8.94
C ARG A 16 11.18 5.49 8.08
N LYS A 17 10.22 6.40 8.05
CA LYS A 17 8.97 6.22 7.31
C LYS A 17 9.19 6.30 5.79
N ALA A 18 10.00 7.27 5.37
CA ALA A 18 10.31 7.48 3.95
C ALA A 18 10.88 6.21 3.29
N ASP A 19 11.55 5.38 4.10
CA ASP A 19 12.11 4.12 3.63
C ASP A 19 11.02 3.17 3.08
N ALA A 20 10.05 2.85 3.94
CA ALA A 20 8.93 1.97 3.57
C ALA A 20 8.18 2.52 2.35
N LEU A 21 7.95 3.84 2.35
CA LEU A 21 7.27 4.50 1.24
C LEU A 21 8.08 4.36 -0.06
N ALA A 22 9.41 4.52 0.04
CA ALA A 22 10.30 4.38 -1.11
C ALA A 22 10.24 2.95 -1.68
N PHE A 23 10.31 1.94 -0.79
CA PHE A 23 10.25 0.54 -1.20
C PHE A 23 9.00 0.26 -2.04
N MET A 24 7.83 0.66 -1.52
CA MET A 24 6.57 0.49 -2.24
C MET A 24 6.53 1.35 -3.52
N LYS A 25 7.07 2.57 -3.44
CA LYS A 25 7.08 3.49 -4.58
C LYS A 25 7.91 2.92 -5.76
N VAL A 26 9.01 2.22 -5.45
CA VAL A 26 9.85 1.61 -6.49
C VAL A 26 9.06 0.55 -7.29
N MET A 27 8.56 -0.48 -6.61
CA MET A 27 7.79 -1.54 -7.28
C MET A 27 6.50 -0.97 -7.91
N LEU A 28 5.93 0.05 -7.27
CA LEU A 28 4.75 0.74 -7.81
C LEU A 28 5.02 1.28 -9.21
N ASN A 29 6.17 1.94 -9.37
CA ASN A 29 6.59 2.48 -10.67
C ASN A 29 7.19 1.41 -11.59
N ARG A 30 7.33 0.19 -11.06
CA ARG A 30 7.79 -0.95 -11.87
C ARG A 30 6.61 -1.56 -12.63
N TYR A 31 5.47 -1.72 -11.96
CA TYR A 31 4.25 -2.21 -12.59
C TYR A 31 3.53 -1.08 -13.34
N ARG A 32 2.91 -1.39 -14.47
CA ARG A 32 2.19 -0.41 -15.28
C ARG A 32 0.68 -0.46 -14.96
N PRO A 33 -0.09 0.58 -15.34
CA PRO A 33 -1.55 0.61 -15.14
C PRO A 33 -2.27 -0.59 -15.79
N GLY A 34 -2.17 -1.72 -15.12
CA GLY A 34 -2.81 -2.95 -15.61
C GLY A 34 -2.14 -4.23 -15.12
N ASP A 35 -0.87 -4.13 -14.70
CA ASP A 35 -0.12 -5.30 -14.20
C ASP A 35 -0.55 -5.70 -12.78
N ILE A 36 -0.59 -7.00 -12.52
CA ILE A 36 -0.94 -7.52 -11.20
C ILE A 36 0.32 -7.70 -10.32
N VAL A 37 0.23 -7.22 -9.09
CA VAL A 37 1.33 -7.33 -8.13
C VAL A 37 1.61 -8.79 -7.75
N SER A 38 2.89 -9.14 -7.62
CA SER A 38 3.31 -10.52 -7.27
C SER A 38 2.89 -10.89 -5.84
N THR A 39 3.02 -12.18 -5.51
CA THR A 39 2.59 -12.71 -4.21
C THR A 39 3.42 -12.12 -3.05
N VAL A 40 4.75 -12.18 -3.16
CA VAL A 40 5.63 -11.61 -2.13
C VAL A 40 5.42 -10.10 -1.97
N ASP A 41 5.44 -9.39 -3.10
CA ASP A 41 5.13 -7.96 -3.13
C ASP A 41 3.77 -7.66 -2.46
N GLY A 42 2.77 -8.46 -2.81
CA GLY A 42 1.44 -8.30 -2.24
C GLY A 42 1.40 -8.54 -0.74
N ALA A 43 2.10 -9.58 -0.27
CA ALA A 43 2.19 -9.88 1.16
C ALA A 43 2.73 -8.68 1.95
N PHE A 44 3.72 -8.00 1.37
CA PHE A 44 4.25 -6.77 1.96
C PHE A 44 3.16 -5.71 2.08
N LEU A 45 2.38 -5.55 1.01
CA LEU A 45 1.25 -4.60 1.00
C LEU A 45 0.17 -4.97 2.04
N VAL A 46 -0.08 -6.27 2.22
CA VAL A 46 -1.05 -6.74 3.21
C VAL A 46 -0.62 -6.35 4.64
N GLU A 47 0.63 -6.65 5.00
CA GLU A 47 1.18 -6.26 6.31
C GLU A 47 1.21 -4.74 6.46
N ALA A 48 1.55 -4.03 5.38
CA ALA A 48 1.54 -2.57 5.36
C ALA A 48 0.10 -2.04 5.55
N LEU A 49 -0.87 -2.74 5.00
CA LEU A 49 -2.28 -2.38 5.15
C LEU A 49 -2.76 -2.58 6.60
N LYS A 50 -2.36 -3.71 7.20
CA LYS A 50 -2.78 -4.05 8.57
C LYS A 50 -2.45 -2.96 9.60
N ARG A 51 -1.38 -2.18 9.36
CA ARG A 51 -1.02 -1.09 10.28
C ARG A 51 -1.77 0.22 9.93
N HIS A 52 -2.90 0.10 9.23
CA HIS A 52 -3.79 1.22 8.96
C HIS A 52 -5.16 0.98 9.62
N PRO A 53 -5.81 2.04 10.14
CA PRO A 53 -7.08 1.92 10.87
C PRO A 53 -8.19 1.19 10.08
N ASP A 54 -8.39 1.58 8.83
CA ASP A 54 -9.46 1.02 7.99
C ASP A 54 -9.05 -0.30 7.31
N ALA A 55 -7.96 -0.92 7.78
CA ALA A 55 -7.45 -2.18 7.20
C ALA A 55 -8.56 -3.23 7.06
N THR A 56 -9.09 -3.71 8.19
CA THR A 56 -10.16 -4.72 8.20
C THR A 56 -11.35 -4.31 7.32
N SER A 57 -11.67 -3.02 7.29
CA SER A 57 -12.79 -2.50 6.49
C SER A 57 -12.53 -2.67 4.99
N LYS A 58 -11.26 -2.64 4.59
CA LYS A 58 -10.89 -2.76 3.17
C LYS A 58 -10.44 -4.19 2.81
N ILE A 59 -10.19 -5.02 3.82
CA ILE A 59 -9.89 -6.44 3.60
C ILE A 59 -11.19 -7.27 3.51
N GLY A 60 -12.11 -7.02 4.45
CA GLY A 60 -13.39 -7.72 4.46
C GLY A 60 -13.24 -9.23 4.62
N PRO A 61 -13.63 -10.02 3.59
CA PRO A 61 -13.47 -11.48 3.62
C PRO A 61 -12.03 -11.94 3.35
N GLY A 62 -11.24 -11.08 2.71
CA GLY A 62 -9.85 -11.42 2.39
C GLY A 62 -9.33 -10.74 1.12
N VAL A 63 -8.01 -10.66 0.99
CA VAL A 63 -7.39 -10.04 -0.18
C VAL A 63 -6.97 -11.09 -1.21
N ARG A 64 -7.40 -10.92 -2.46
CA ARG A 64 -7.04 -11.84 -3.54
C ARG A 64 -5.67 -11.44 -4.13
N ASN A 65 -5.54 -10.18 -4.54
CA ASN A 65 -4.26 -9.61 -4.99
C ASN A 65 -4.32 -8.09 -5.10
N PHE A 66 -3.27 -7.48 -5.64
CA PHE A 66 -3.22 -6.03 -5.85
C PHE A 66 -2.96 -5.68 -7.31
N GLU A 67 -3.58 -4.61 -7.80
CA GLU A 67 -3.35 -4.13 -9.17
C GLU A 67 -2.84 -2.69 -9.17
N VAL A 68 -1.84 -2.40 -9.99
CA VAL A 68 -1.25 -1.06 -10.04
C VAL A 68 -1.91 -0.20 -11.12
N ARG A 69 -2.47 0.94 -10.70
CA ARG A 69 -3.10 1.90 -11.61
C ARG A 69 -2.70 3.34 -11.23
N SER A 70 -3.40 4.32 -11.81
CA SER A 70 -3.15 5.73 -11.49
C SER A 70 -3.89 6.17 -10.21
N ALA A 71 -3.58 7.37 -9.74
CA ALA A 71 -4.22 7.94 -8.55
C ALA A 71 -4.76 9.34 -8.81
N ASP A 72 -3.87 10.31 -9.03
CA ASP A 72 -4.25 11.69 -9.34
C ASP A 72 -3.99 12.03 -10.81
N TYR A 73 -2.71 12.18 -11.18
CA TYR A 73 -2.31 12.43 -12.57
C TYR A 73 -1.11 11.54 -12.96
N GLY A 74 0.06 11.85 -12.40
CA GLY A 74 1.25 11.02 -12.59
C GLY A 74 1.52 10.11 -11.39
N THR A 75 0.78 10.34 -10.32
CA THR A 75 0.87 9.50 -9.12
C THR A 75 0.15 8.17 -9.31
N GLN A 76 0.83 7.07 -9.02
CA GLN A 76 0.23 5.73 -9.10
C GLN A 76 -0.30 5.27 -7.73
N CYS A 77 -1.18 4.27 -7.74
CA CYS A 77 -1.78 3.75 -6.51
C CYS A 77 -1.99 2.24 -6.57
N PHE A 78 -1.92 1.58 -5.41
CA PHE A 78 -2.21 0.15 -5.32
C PHE A 78 -3.71 -0.09 -5.13
N TRP A 79 -4.30 -0.93 -5.98
CA TRP A 79 -5.72 -1.28 -5.87
C TRP A 79 -5.89 -2.67 -5.23
N ILE A 80 -6.68 -2.73 -4.16
CA ILE A 80 -6.93 -3.97 -3.44
C ILE A 80 -8.04 -4.80 -4.10
N LEU A 81 -7.66 -5.88 -4.78
CA LEU A 81 -8.63 -6.81 -5.33
C LEU A 81 -9.03 -7.85 -4.27
N ARG A 82 -10.19 -7.65 -3.67
CA ARG A 82 -10.66 -8.51 -2.59
C ARG A 82 -11.28 -9.81 -3.13
N THR A 83 -11.23 -10.87 -2.32
CA THR A 83 -11.86 -12.15 -2.67
C THR A 83 -13.38 -11.98 -2.84
N ASP A 84 -13.90 -10.89 -2.27
CA ASP A 84 -15.29 -10.47 -2.45
C ASP A 84 -15.65 -10.32 -3.94
N GLY A 85 -14.70 -9.86 -4.74
CA GLY A 85 -14.93 -9.60 -6.17
C GLY A 85 -14.80 -8.13 -6.54
N SER A 86 -14.98 -7.25 -5.56
CA SER A 86 -14.84 -5.81 -5.76
C SER A 86 -13.42 -5.30 -5.45
N GLU A 87 -13.11 -4.10 -5.92
CA GLU A 87 -11.77 -3.52 -5.77
C GLU A 87 -11.78 -2.22 -4.95
N GLU A 88 -10.63 -1.87 -4.39
CA GLU A 88 -10.47 -0.64 -3.58
C GLU A 88 -9.13 0.05 -3.89
N ARG A 89 -9.00 1.32 -3.51
CA ARG A 89 -7.76 2.08 -3.73
C ARG A 89 -7.29 2.81 -2.46
N PHE A 90 -6.02 2.65 -2.10
CA PHE A 90 -5.46 3.31 -0.91
C PHE A 90 -4.15 4.05 -1.23
N SER A 91 -4.10 5.33 -0.88
CA SER A 91 -2.88 6.14 -1.10
C SER A 91 -1.79 5.78 -0.07
N TYR A 92 -0.93 4.84 -0.44
CA TYR A 92 0.13 4.30 0.43
C TYR A 92 0.91 5.38 1.20
N LYS A 93 1.22 6.50 0.55
CA LYS A 93 2.11 7.52 1.13
C LYS A 93 1.40 8.43 2.17
N LYS A 94 0.07 8.44 2.17
CA LYS A 94 -0.67 9.30 3.10
C LYS A 94 -0.90 8.60 4.45
N CYS A 95 0.18 8.38 5.19
CA CYS A 95 0.13 7.73 6.51
C CYS A 95 1.43 7.96 7.30
N VAL A 96 2.10 9.08 7.04
CA VAL A 96 3.34 9.44 7.73
C VAL A 96 3.03 10.10 9.08
N LEU A 97 1.99 10.93 9.06
CA LEU A 97 1.50 11.61 10.26
C LEU A 97 -0.04 11.57 10.25
N GLU A 98 -0.64 12.29 9.29
CA GLU A 98 -2.09 12.28 9.10
C GLU A 98 -2.45 12.39 7.61
N HIS A 99 -3.74 12.21 7.29
CA HIS A 99 -4.24 12.40 5.93
C HIS A 99 -3.93 13.82 5.39
N HIS A 100 -3.54 13.89 4.11
CA HIS A 100 -3.24 15.17 3.45
C HIS A 100 -3.85 15.24 2.04
N HIS A 101 -4.45 16.37 1.71
CA HIS A 101 -5.13 16.54 0.43
C HIS A 101 -4.15 16.89 -0.72
N HIS A 102 -4.65 16.82 -1.94
CA HIS A 102 -3.81 17.04 -3.13
C HIS A 102 -3.85 18.51 -3.59
N HIS A 103 -2.74 18.99 -4.15
CA HIS A 103 -2.67 20.36 -4.68
C HIS A 103 -2.24 20.35 -6.16
N HIS A 104 -3.02 21.02 -7.00
CA HIS A 104 -2.74 21.12 -8.44
C HIS A 104 -2.33 22.55 -8.84
N MET A 1 3.68 0.85 22.47
CA MET A 1 4.90 1.62 22.80
C MET A 1 5.17 2.72 21.76
N ALA A 2 4.80 3.95 22.08
CA ALA A 2 5.06 5.09 21.19
C ALA A 2 6.56 5.41 21.11
N LYS A 3 7.21 4.93 20.05
CA LYS A 3 8.65 5.10 19.88
C LYS A 3 9.02 5.45 18.42
N ALA A 4 10.26 5.82 18.20
CA ALA A 4 10.79 6.05 16.84
C ALA A 4 11.17 4.70 16.21
N GLN A 5 10.16 3.89 15.91
CA GLN A 5 10.37 2.52 15.43
C GLN A 5 10.62 2.47 13.91
N PRO A 6 11.48 1.52 13.46
CA PRO A 6 11.68 1.25 12.03
C PRO A 6 10.48 0.52 11.41
N ILE A 7 10.02 0.99 10.25
CA ILE A 7 8.84 0.42 9.60
C ILE A 7 9.14 -0.99 9.05
N GLU A 8 8.89 -2.01 9.86
CA GLU A 8 9.12 -3.41 9.46
C GLU A 8 7.81 -4.04 8.96
N ILE A 9 7.77 -4.36 7.66
CA ILE A 9 6.59 -4.98 7.04
C ILE A 9 6.97 -6.24 6.24
N ALA A 10 6.39 -7.38 6.62
CA ALA A 10 6.58 -8.65 5.89
C ALA A 10 8.06 -9.05 5.74
N GLY A 11 8.88 -8.68 6.72
CA GLY A 11 10.31 -8.99 6.68
C GLY A 11 11.12 -7.93 5.93
N HIS A 12 10.63 -6.70 5.94
CA HIS A 12 11.34 -5.57 5.31
C HIS A 12 11.37 -4.36 6.26
N GLU A 13 12.56 -4.00 6.73
CA GLU A 13 12.70 -2.90 7.71
C GLU A 13 13.07 -1.56 7.03
N PHE A 14 12.27 -0.53 7.27
CA PHE A 14 12.49 0.79 6.69
C PHE A 14 12.79 1.85 7.76
N ALA A 15 13.58 2.86 7.39
CA ALA A 15 14.02 3.90 8.34
C ALA A 15 12.95 4.99 8.56
N ARG A 16 12.07 5.17 7.58
CA ARG A 16 11.06 6.23 7.63
C ARG A 16 9.75 5.77 6.97
N LYS A 17 8.61 6.33 7.37
CA LYS A 17 7.33 6.01 6.75
C LYS A 17 7.38 6.27 5.23
N ALA A 18 7.92 7.43 4.84
CA ALA A 18 8.11 7.78 3.43
C ALA A 18 9.09 6.81 2.73
N ASP A 19 9.97 6.18 3.51
CA ASP A 19 10.92 5.19 2.98
C ASP A 19 10.18 3.92 2.52
N ALA A 20 9.22 3.47 3.32
CA ALA A 20 8.35 2.35 2.94
C ALA A 20 7.48 2.71 1.72
N LEU A 21 6.95 3.93 1.72
CA LEU A 21 6.17 4.44 0.58
C LEU A 21 7.02 4.48 -0.69
N ALA A 22 8.27 4.92 -0.55
CA ALA A 22 9.21 4.97 -1.68
C ALA A 22 9.43 3.57 -2.28
N PHE A 23 9.66 2.57 -1.43
CA PHE A 23 9.84 1.18 -1.87
C PHE A 23 8.63 0.71 -2.70
N MET A 24 7.43 0.92 -2.17
CA MET A 24 6.21 0.57 -2.90
C MET A 24 6.10 1.33 -4.22
N LYS A 25 6.52 2.59 -4.24
CA LYS A 25 6.55 3.39 -5.47
C LYS A 25 7.55 2.80 -6.49
N VAL A 26 8.69 2.31 -5.99
CA VAL A 26 9.71 1.67 -6.85
C VAL A 26 9.12 0.47 -7.60
N MET A 27 8.62 -0.52 -6.86
CA MET A 27 8.02 -1.70 -7.49
C MET A 27 6.77 -1.32 -8.30
N LEU A 28 6.05 -0.29 -7.86
CA LEU A 28 4.90 0.23 -8.62
C LEU A 28 5.33 0.65 -10.03
N ASN A 29 6.48 1.36 -10.12
CA ASN A 29 7.04 1.78 -11.41
C ASN A 29 7.74 0.62 -12.13
N ARG A 30 8.04 -0.44 -11.39
CA ARG A 30 8.64 -1.66 -11.97
C ARG A 30 7.62 -2.39 -12.84
N TYR A 31 6.38 -2.50 -12.36
CA TYR A 31 5.30 -3.13 -13.13
C TYR A 31 4.57 -2.09 -13.99
N ARG A 32 3.90 -2.55 -15.05
CA ARG A 32 3.15 -1.67 -15.95
C ARG A 32 1.66 -1.65 -15.59
N PRO A 33 0.92 -0.59 -16.00
CA PRO A 33 -0.54 -0.50 -15.78
C PRO A 33 -1.30 -1.69 -16.38
N GLY A 34 -1.27 -2.77 -15.63
CA GLY A 34 -1.97 -4.00 -16.01
C GLY A 34 -1.27 -5.27 -15.52
N ASP A 35 -0.07 -5.11 -14.97
CA ASP A 35 0.72 -6.23 -14.48
C ASP A 35 0.30 -6.66 -13.06
N ILE A 36 0.26 -7.97 -12.83
CA ILE A 36 -0.11 -8.52 -11.51
C ILE A 36 1.08 -8.47 -10.55
N VAL A 37 0.85 -7.96 -9.34
CA VAL A 37 1.90 -7.88 -8.33
C VAL A 37 2.37 -9.29 -7.89
N SER A 38 3.68 -9.51 -7.92
CA SER A 38 4.24 -10.84 -7.62
C SER A 38 3.98 -11.30 -6.18
N THR A 39 4.28 -12.56 -5.90
CA THR A 39 4.00 -13.17 -4.57
C THR A 39 4.60 -12.36 -3.41
N VAL A 40 5.93 -12.23 -3.39
CA VAL A 40 6.62 -11.49 -2.32
C VAL A 40 6.13 -10.03 -2.23
N ASP A 41 6.11 -9.35 -3.38
CA ASP A 41 5.64 -7.97 -3.47
C ASP A 41 4.22 -7.83 -2.89
N GLY A 42 3.34 -8.77 -3.24
CA GLY A 42 1.98 -8.75 -2.75
C GLY A 42 1.88 -9.00 -1.26
N ALA A 43 2.63 -10.00 -0.76
CA ALA A 43 2.66 -10.32 0.67
C ALA A 43 2.97 -9.08 1.51
N PHE A 44 3.90 -8.26 1.00
CA PHE A 44 4.24 -6.98 1.62
C PHE A 44 3.01 -6.05 1.69
N LEU A 45 2.35 -5.89 0.55
CA LEU A 45 1.16 -5.04 0.45
C LEU A 45 0.02 -5.51 1.37
N VAL A 46 -0.12 -6.84 1.51
CA VAL A 46 -1.15 -7.42 2.39
C VAL A 46 -0.96 -6.95 3.85
N GLU A 47 0.26 -7.08 4.37
CA GLU A 47 0.56 -6.63 5.74
C GLU A 47 0.43 -5.10 5.85
N ALA A 48 0.90 -4.39 4.83
CA ALA A 48 0.76 -2.94 4.76
C ALA A 48 -0.72 -2.51 4.81
N LEU A 49 -1.59 -3.32 4.19
CA LEU A 49 -3.04 -3.09 4.21
C LEU A 49 -3.62 -3.33 5.62
N LYS A 50 -3.20 -4.42 6.25
CA LYS A 50 -3.67 -4.76 7.62
C LYS A 50 -3.38 -3.63 8.63
N ARG A 51 -2.38 -2.81 8.33
CA ARG A 51 -1.97 -1.72 9.24
C ARG A 51 -2.63 -0.37 8.88
N HIS A 52 -3.79 -0.44 8.20
CA HIS A 52 -4.61 0.74 7.97
C HIS A 52 -5.79 0.80 8.97
N PRO A 53 -6.25 2.01 9.33
CA PRO A 53 -7.40 2.19 10.25
C PRO A 53 -8.66 1.43 9.77
N ASP A 54 -9.02 1.60 8.51
CA ASP A 54 -10.15 0.88 7.93
C ASP A 54 -9.68 -0.27 7.02
N ALA A 55 -9.06 -1.27 7.63
CA ALA A 55 -8.64 -2.47 6.89
C ALA A 55 -9.80 -3.46 6.75
N THR A 56 -10.64 -3.55 7.78
CA THR A 56 -11.79 -4.46 7.80
C THR A 56 -12.67 -4.34 6.55
N SER A 57 -13.01 -3.11 6.17
CA SER A 57 -13.93 -2.89 5.04
C SER A 57 -13.24 -3.04 3.69
N LYS A 58 -11.90 -2.89 3.67
CA LYS A 58 -11.12 -3.05 2.43
C LYS A 58 -10.73 -4.52 2.21
N ILE A 59 -10.70 -5.30 3.28
CA ILE A 59 -10.39 -6.73 3.20
C ILE A 59 -11.67 -7.59 3.22
N GLY A 60 -12.34 -7.62 4.37
CA GLY A 60 -13.53 -8.45 4.51
C GLY A 60 -13.19 -9.94 4.66
N PRO A 61 -13.59 -10.78 3.69
CA PRO A 61 -13.28 -12.23 3.72
C PRO A 61 -11.78 -12.53 3.53
N GLY A 62 -11.12 -11.73 2.70
CA GLY A 62 -9.69 -11.93 2.44
C GLY A 62 -9.22 -11.27 1.15
N VAL A 63 -7.90 -11.15 0.98
CA VAL A 63 -7.33 -10.52 -0.21
C VAL A 63 -7.09 -11.57 -1.33
N ARG A 64 -7.56 -11.26 -2.53
CA ARG A 64 -7.39 -12.13 -3.69
C ARG A 64 -6.01 -11.89 -4.34
N ASN A 65 -5.71 -10.62 -4.63
CA ASN A 65 -4.39 -10.22 -5.13
C ASN A 65 -4.29 -8.70 -5.28
N PHE A 66 -3.12 -8.21 -5.69
CA PHE A 66 -2.93 -6.78 -6.00
C PHE A 66 -2.55 -6.60 -7.47
N GLU A 67 -3.04 -5.52 -8.08
CA GLU A 67 -2.77 -5.23 -9.50
C GLU A 67 -2.23 -3.80 -9.67
N VAL A 68 -1.09 -3.67 -10.36
CA VAL A 68 -0.54 -2.35 -10.69
C VAL A 68 -1.33 -1.73 -11.85
N ARG A 69 -2.22 -0.80 -11.53
CA ARG A 69 -3.22 -0.32 -12.46
C ARG A 69 -3.37 1.21 -12.40
N SER A 70 -3.86 1.80 -13.49
CA SER A 70 -3.94 3.26 -13.62
C SER A 70 -4.88 3.90 -12.58
N ALA A 71 -4.66 5.19 -12.32
CA ALA A 71 -5.50 5.96 -11.39
C ALA A 71 -5.87 7.33 -11.98
N ASP A 72 -4.85 8.11 -12.33
CA ASP A 72 -5.04 9.45 -12.93
C ASP A 72 -4.44 9.49 -14.34
N TYR A 73 -4.32 10.70 -14.89
CA TYR A 73 -3.74 10.89 -16.23
C TYR A 73 -2.26 10.47 -16.26
N GLY A 74 -2.01 9.20 -16.53
CA GLY A 74 -0.65 8.69 -16.60
C GLY A 74 -0.02 8.40 -15.23
N THR A 75 -0.85 7.98 -14.25
CA THR A 75 -0.35 7.62 -12.91
C THR A 75 -0.71 6.19 -12.53
N GLN A 76 0.18 5.54 -11.77
CA GLN A 76 -0.02 4.15 -11.34
C GLN A 76 -0.45 4.07 -9.85
N CYS A 77 -1.24 3.06 -9.51
CA CYS A 77 -1.63 2.79 -8.12
C CYS A 77 -1.85 1.29 -7.88
N PHE A 78 -1.78 0.88 -6.60
CA PHE A 78 -2.03 -0.52 -6.23
C PHE A 78 -3.52 -0.76 -5.99
N TRP A 79 -4.13 -1.60 -6.82
CA TRP A 79 -5.54 -1.96 -6.69
C TRP A 79 -5.72 -3.28 -5.90
N ILE A 80 -6.62 -3.26 -4.92
CA ILE A 80 -6.90 -4.43 -4.08
C ILE A 80 -8.02 -5.29 -4.69
N LEU A 81 -7.67 -6.50 -5.14
CA LEU A 81 -8.66 -7.47 -5.59
C LEU A 81 -9.12 -8.31 -4.39
N ARG A 82 -10.43 -8.35 -4.14
CA ARG A 82 -10.97 -9.02 -2.96
C ARG A 82 -11.67 -10.34 -3.32
N THR A 83 -11.58 -11.31 -2.41
CA THR A 83 -12.15 -12.65 -2.63
C THR A 83 -13.68 -12.63 -2.71
N ASP A 84 -14.30 -11.57 -2.17
CA ASP A 84 -15.76 -11.43 -2.24
C ASP A 84 -16.22 -11.00 -3.65
N GLY A 85 -15.33 -10.34 -4.40
CA GLY A 85 -15.67 -9.90 -5.75
C GLY A 85 -15.49 -8.40 -5.99
N SER A 86 -15.24 -7.64 -4.93
CA SER A 86 -15.04 -6.18 -5.04
C SER A 86 -13.57 -5.82 -5.28
N GLU A 87 -13.34 -4.68 -5.94
CA GLU A 87 -11.98 -4.16 -6.14
C GLU A 87 -11.91 -2.63 -5.93
N GLU A 88 -10.83 -2.17 -5.31
CA GLU A 88 -10.61 -0.74 -5.07
C GLU A 88 -9.12 -0.38 -5.17
N ARG A 89 -8.80 0.89 -4.94
CA ARG A 89 -7.41 1.34 -4.86
C ARG A 89 -7.18 2.17 -3.58
N PHE A 90 -6.09 1.89 -2.86
CA PHE A 90 -5.79 2.57 -1.60
C PHE A 90 -4.63 3.56 -1.75
N SER A 91 -4.86 4.82 -1.38
CA SER A 91 -3.81 5.85 -1.46
C SER A 91 -2.78 5.69 -0.35
N TYR A 92 -1.88 4.71 -0.51
CA TYR A 92 -0.83 4.44 0.48
C TYR A 92 0.02 5.69 0.78
N LYS A 93 0.26 6.51 -0.25
CA LYS A 93 1.06 7.73 -0.12
C LYS A 93 0.40 8.79 0.78
N LYS A 94 -0.88 8.60 1.11
CA LYS A 94 -1.60 9.53 2.01
C LYS A 94 -1.89 8.87 3.37
N CYS A 95 -1.10 7.86 3.71
CA CYS A 95 -1.26 7.15 4.99
C CYS A 95 -0.11 7.51 5.96
N VAL A 96 0.21 8.80 6.05
CA VAL A 96 1.34 9.25 6.88
C VAL A 96 0.88 9.67 8.30
N LEU A 97 0.55 10.96 8.48
CA LEU A 97 0.22 11.52 9.80
C LEU A 97 -0.67 12.76 9.69
N GLU A 98 -1.43 13.05 10.76
CA GLU A 98 -2.23 14.27 10.82
C GLU A 98 -1.43 15.43 11.44
N HIS A 99 -1.57 16.62 10.86
CA HIS A 99 -0.90 17.83 11.35
C HIS A 99 -1.46 19.09 10.67
N HIS A 100 -1.73 20.13 11.46
CA HIS A 100 -2.28 21.38 10.93
C HIS A 100 -1.35 22.01 9.87
N HIS A 101 -1.77 21.97 8.61
CA HIS A 101 -0.98 22.51 7.49
C HIS A 101 -0.56 23.99 7.70
N HIS A 102 0.45 24.41 6.96
CA HIS A 102 0.92 25.80 6.99
C HIS A 102 -0.24 26.80 6.75
N HIS A 103 -0.09 28.01 7.26
CA HIS A 103 -1.05 29.08 6.96
C HIS A 103 -0.95 29.50 5.48
N HIS A 104 -1.91 30.30 5.01
CA HIS A 104 -2.01 30.66 3.58
C HIS A 104 -0.70 31.25 3.01
N MET A 1 10.03 1.06 23.83
CA MET A 1 10.37 2.30 23.07
C MET A 1 9.42 3.46 23.42
N ALA A 2 9.98 4.60 23.79
CA ALA A 2 9.19 5.81 24.06
C ALA A 2 8.84 6.53 22.75
N LYS A 3 9.66 6.32 21.72
CA LYS A 3 9.40 6.86 20.39
C LYS A 3 8.70 5.81 19.50
N ALA A 4 8.39 6.20 18.27
CA ALA A 4 7.80 5.25 17.31
C ALA A 4 8.88 4.31 16.72
N GLN A 5 8.57 3.03 16.63
CA GLN A 5 9.51 2.03 16.10
C GLN A 5 9.72 2.18 14.58
N PRO A 6 10.87 1.70 14.05
CA PRO A 6 11.13 1.67 12.60
C PRO A 6 10.01 0.97 11.83
N ILE A 7 9.74 1.42 10.61
CA ILE A 7 8.62 0.90 9.82
C ILE A 7 8.93 -0.52 9.31
N GLU A 8 8.49 -1.52 10.08
CA GLU A 8 8.69 -2.92 9.71
C GLU A 8 7.38 -3.56 9.21
N ILE A 9 7.30 -3.82 7.91
CA ILE A 9 6.10 -4.40 7.29
C ILE A 9 6.41 -5.71 6.54
N ALA A 10 5.82 -6.82 7.00
CA ALA A 10 5.88 -8.12 6.29
C ALA A 10 7.30 -8.70 6.22
N GLY A 11 8.18 -8.29 7.13
CA GLY A 11 9.57 -8.73 7.11
C GLY A 11 10.49 -7.74 6.42
N HIS A 12 10.11 -6.46 6.45
CA HIS A 12 10.89 -5.38 5.81
C HIS A 12 10.97 -4.15 6.72
N GLU A 13 12.13 -3.92 7.32
CA GLU A 13 12.34 -2.78 8.21
C GLU A 13 12.81 -1.53 7.44
N PHE A 14 12.21 -0.39 7.74
CA PHE A 14 12.57 0.89 7.10
C PHE A 14 12.92 1.96 8.14
N ALA A 15 13.92 2.79 7.81
CA ALA A 15 14.44 3.80 8.75
C ALA A 15 13.43 4.96 8.98
N ARG A 16 12.76 5.40 7.91
CA ARG A 16 11.80 6.50 8.02
C ARG A 16 10.51 6.20 7.23
N LYS A 17 9.46 6.98 7.47
CA LYS A 17 8.15 6.72 6.85
C LYS A 17 8.24 6.75 5.31
N ALA A 18 8.91 7.76 4.77
CA ALA A 18 9.08 7.90 3.32
C ALA A 18 9.91 6.74 2.72
N ASP A 19 10.67 6.06 3.58
CA ASP A 19 11.50 4.92 3.17
C ASP A 19 10.62 3.74 2.70
N ALA A 20 9.53 3.50 3.43
CA ALA A 20 8.57 2.46 3.08
C ALA A 20 7.78 2.81 1.81
N LEU A 21 7.26 4.05 1.77
CA LEU A 21 6.51 4.53 0.61
C LEU A 21 7.38 4.57 -0.65
N ALA A 22 8.66 4.91 -0.47
CA ALA A 22 9.63 4.85 -1.57
C ALA A 22 9.70 3.43 -2.14
N PHE A 23 9.91 2.45 -1.26
CA PHE A 23 9.91 1.03 -1.64
C PHE A 23 8.66 0.67 -2.46
N MET A 24 7.50 1.08 -1.97
CA MET A 24 6.23 0.84 -2.68
C MET A 24 6.26 1.45 -4.09
N LYS A 25 6.62 2.73 -4.17
CA LYS A 25 6.63 3.46 -5.44
C LYS A 25 7.66 2.88 -6.42
N VAL A 26 8.80 2.43 -5.89
CA VAL A 26 9.85 1.85 -6.72
C VAL A 26 9.42 0.53 -7.36
N MET A 27 8.93 -0.42 -6.54
CA MET A 27 8.46 -1.70 -7.06
C MET A 27 7.21 -1.51 -7.94
N LEU A 28 6.43 -0.46 -7.67
CA LEU A 28 5.28 -0.08 -8.49
C LEU A 28 5.72 0.20 -9.94
N ASN A 29 6.70 1.08 -10.11
CA ASN A 29 7.21 1.46 -11.44
C ASN A 29 7.97 0.30 -12.12
N ARG A 30 8.22 -0.78 -11.40
CA ARG A 30 8.84 -1.97 -12.00
C ARG A 30 7.85 -2.64 -12.96
N TYR A 31 6.57 -2.61 -12.60
CA TYR A 31 5.51 -3.18 -13.43
C TYR A 31 4.90 -2.09 -14.34
N ARG A 32 4.11 -2.52 -15.33
CA ARG A 32 3.39 -1.59 -16.20
C ARG A 32 1.91 -1.56 -15.78
N PRO A 33 1.16 -0.48 -16.14
CA PRO A 33 -0.27 -0.33 -15.76
C PRO A 33 -1.22 -1.42 -16.33
N GLY A 34 -0.68 -2.58 -16.68
CA GLY A 34 -1.51 -3.72 -17.09
C GLY A 34 -1.02 -5.05 -16.52
N ASP A 35 -0.08 -4.98 -15.56
CA ASP A 35 0.51 -6.19 -14.97
C ASP A 35 -0.01 -6.45 -13.54
N ILE A 36 0.16 -7.69 -13.09
CA ILE A 36 -0.20 -8.08 -11.72
C ILE A 36 1.05 -8.07 -10.82
N VAL A 37 0.87 -7.63 -9.58
CA VAL A 37 1.97 -7.56 -8.61
C VAL A 37 2.37 -8.97 -8.13
N SER A 38 3.68 -9.20 -7.97
CA SER A 38 4.21 -10.51 -7.53
C SER A 38 3.72 -10.89 -6.13
N THR A 39 3.90 -12.15 -5.77
CA THR A 39 3.41 -12.69 -4.48
C THR A 39 4.03 -11.96 -3.28
N VAL A 40 5.36 -11.87 -3.24
CA VAL A 40 6.06 -11.20 -2.13
C VAL A 40 5.69 -9.71 -2.03
N ASP A 41 5.82 -9.00 -3.15
CA ASP A 41 5.45 -7.58 -3.24
C ASP A 41 4.00 -7.36 -2.78
N GLY A 42 3.09 -8.22 -3.26
CA GLY A 42 1.70 -8.16 -2.87
C GLY A 42 1.49 -8.42 -1.38
N ALA A 43 2.20 -9.43 -0.85
CA ALA A 43 2.15 -9.76 0.58
C ALA A 43 2.53 -8.56 1.45
N PHE A 44 3.53 -7.80 0.99
CA PHE A 44 3.93 -6.56 1.64
C PHE A 44 2.77 -5.55 1.66
N LEU A 45 2.11 -5.39 0.52
CA LEU A 45 0.96 -4.48 0.38
C LEU A 45 -0.20 -4.88 1.30
N VAL A 46 -0.47 -6.19 1.40
CA VAL A 46 -1.52 -6.69 2.28
C VAL A 46 -1.27 -6.27 3.74
N GLU A 47 -0.07 -6.55 4.24
CA GLU A 47 0.30 -6.19 5.62
C GLU A 47 0.35 -4.66 5.80
N ALA A 48 0.76 -3.95 4.76
CA ALA A 48 0.76 -2.47 4.77
C ALA A 48 -0.67 -1.93 4.94
N LEU A 49 -1.62 -2.56 4.25
CA LEU A 49 -3.04 -2.23 4.39
C LEU A 49 -3.52 -2.55 5.82
N LYS A 50 -3.11 -3.70 6.34
CA LYS A 50 -3.47 -4.14 7.70
C LYS A 50 -2.98 -3.17 8.79
N ARG A 51 -2.10 -2.23 8.42
CA ARG A 51 -1.63 -1.21 9.36
C ARG A 51 -2.69 -0.11 9.55
N HIS A 52 -3.83 -0.27 8.87
CA HIS A 52 -4.98 0.63 9.04
C HIS A 52 -6.18 -0.14 9.62
N PRO A 53 -6.88 0.42 10.64
CA PRO A 53 -8.06 -0.25 11.24
C PRO A 53 -9.21 -0.43 10.24
N ASP A 54 -9.11 0.24 9.09
CA ASP A 54 -10.10 0.15 8.02
C ASP A 54 -9.80 -1.02 7.07
N ALA A 55 -8.69 -1.72 7.30
CA ALA A 55 -8.25 -2.81 6.43
C ALA A 55 -9.33 -3.88 6.24
N THR A 56 -9.90 -4.34 7.35
CA THR A 56 -10.97 -5.37 7.34
C THR A 56 -12.08 -5.05 6.31
N SER A 57 -12.37 -3.76 6.12
CA SER A 57 -13.39 -3.32 5.15
C SER A 57 -12.96 -3.63 3.71
N LYS A 58 -11.69 -3.33 3.40
CA LYS A 58 -11.16 -3.50 2.04
C LYS A 58 -10.73 -4.94 1.77
N ILE A 59 -10.37 -5.67 2.82
CA ILE A 59 -9.95 -7.07 2.69
C ILE A 59 -11.16 -8.02 2.64
N GLY A 60 -12.10 -7.82 3.57
CA GLY A 60 -13.30 -8.65 3.63
C GLY A 60 -13.00 -10.14 3.79
N PRO A 61 -13.31 -10.96 2.77
CA PRO A 61 -13.00 -12.40 2.80
C PRO A 61 -11.50 -12.69 2.62
N GLY A 62 -10.79 -11.80 1.93
CA GLY A 62 -9.37 -11.99 1.67
C GLY A 62 -8.89 -11.29 0.40
N VAL A 63 -7.58 -11.15 0.27
CA VAL A 63 -6.98 -10.51 -0.90
C VAL A 63 -6.48 -11.55 -1.92
N ARG A 64 -7.05 -11.54 -3.12
CA ARG A 64 -6.61 -12.42 -4.20
C ARG A 64 -5.21 -12.02 -4.69
N ASN A 65 -5.06 -10.75 -5.06
CA ASN A 65 -3.79 -10.19 -5.51
C ASN A 65 -3.91 -8.67 -5.73
N PHE A 66 -2.85 -8.06 -6.25
CA PHE A 66 -2.86 -6.62 -6.55
C PHE A 66 -2.57 -6.36 -8.03
N GLU A 67 -3.28 -5.41 -8.61
CA GLU A 67 -3.06 -5.01 -10.00
C GLU A 67 -2.48 -3.60 -10.09
N VAL A 68 -1.49 -3.42 -10.96
CA VAL A 68 -0.91 -2.10 -11.21
C VAL A 68 -1.71 -1.38 -12.31
N ARG A 69 -2.45 -0.35 -11.93
CA ARG A 69 -3.31 0.37 -12.89
C ARG A 69 -3.08 1.89 -12.80
N SER A 70 -3.26 2.59 -13.91
CA SER A 70 -3.10 4.05 -13.93
C SER A 70 -4.30 4.74 -13.25
N ALA A 71 -4.04 5.83 -12.52
CA ALA A 71 -5.09 6.50 -11.75
C ALA A 71 -5.08 8.02 -11.95
N ASP A 72 -4.05 8.69 -11.43
CA ASP A 72 -3.94 10.15 -11.50
C ASP A 72 -2.47 10.58 -11.60
N TYR A 73 -2.22 11.86 -11.92
CA TYR A 73 -0.85 12.38 -12.14
C TYR A 73 -0.17 11.70 -13.34
N GLY A 74 -0.91 10.85 -14.06
CA GLY A 74 -0.30 9.99 -15.07
C GLY A 74 0.58 8.91 -14.44
N THR A 75 0.36 8.64 -13.15
CA THR A 75 1.15 7.66 -12.40
C THR A 75 0.34 6.38 -12.13
N GLN A 76 0.99 5.41 -11.50
CA GLN A 76 0.38 4.10 -11.24
C GLN A 76 -0.21 4.02 -9.82
N CYS A 77 -1.10 3.05 -9.60
CA CYS A 77 -1.68 2.81 -8.27
C CYS A 77 -1.97 1.31 -8.06
N PHE A 78 -1.90 0.86 -6.81
CA PHE A 78 -2.17 -0.54 -6.46
C PHE A 78 -3.67 -0.80 -6.23
N TRP A 79 -4.23 -1.74 -6.99
CA TRP A 79 -5.63 -2.15 -6.81
C TRP A 79 -5.74 -3.50 -6.10
N ILE A 80 -6.55 -3.54 -5.05
CA ILE A 80 -6.76 -4.75 -4.24
C ILE A 80 -7.86 -5.64 -4.85
N LEU A 81 -7.46 -6.73 -5.51
CA LEU A 81 -8.44 -7.69 -6.03
C LEU A 81 -8.89 -8.64 -4.91
N ARG A 82 -10.16 -8.50 -4.51
CA ARG A 82 -10.72 -9.26 -3.39
C ARG A 82 -11.19 -10.66 -3.84
N THR A 83 -11.13 -11.63 -2.93
CA THR A 83 -11.52 -13.02 -3.25
C THR A 83 -13.03 -13.16 -3.50
N ASP A 84 -13.81 -12.15 -3.15
CA ASP A 84 -15.25 -12.16 -3.44
C ASP A 84 -15.54 -11.79 -4.90
N GLY A 85 -14.71 -10.95 -5.49
CA GLY A 85 -14.87 -10.57 -6.89
C GLY A 85 -14.77 -9.07 -7.14
N SER A 86 -14.72 -8.28 -6.07
CA SER A 86 -14.65 -6.81 -6.17
C SER A 86 -13.19 -6.32 -6.21
N GLU A 87 -12.95 -5.22 -6.93
CA GLU A 87 -11.62 -4.59 -6.98
C GLU A 87 -11.59 -3.28 -6.17
N GLU A 88 -10.90 -3.32 -5.05
CA GLU A 88 -10.71 -2.17 -4.17
C GLU A 88 -9.39 -1.44 -4.49
N ARG A 89 -9.18 -0.26 -3.90
CA ARG A 89 -7.91 0.46 -4.02
C ARG A 89 -7.58 1.24 -2.73
N PHE A 90 -6.32 1.68 -2.61
CA PHE A 90 -5.91 2.51 -1.46
C PHE A 90 -4.75 3.44 -1.83
N SER A 91 -4.77 4.65 -1.30
CA SER A 91 -3.71 5.63 -1.56
C SER A 91 -2.54 5.43 -0.59
N TYR A 92 -1.64 4.51 -0.93
CA TYR A 92 -0.48 4.18 -0.07
C TYR A 92 0.32 5.43 0.33
N LYS A 93 0.55 6.33 -0.63
CA LYS A 93 1.35 7.55 -0.39
C LYS A 93 0.60 8.62 0.43
N LYS A 94 -0.46 8.20 1.13
CA LYS A 94 -1.15 9.07 2.09
C LYS A 94 -1.25 8.39 3.47
N CYS A 95 -0.46 7.33 3.67
CA CYS A 95 -0.47 6.57 4.93
C CYS A 95 0.60 7.06 5.92
N VAL A 96 0.95 8.34 5.83
CA VAL A 96 1.97 8.92 6.72
C VAL A 96 1.34 9.45 8.02
N LEU A 97 0.88 10.70 7.99
CA LEU A 97 0.27 11.38 9.14
C LEU A 97 -0.64 12.50 8.63
N GLU A 98 -0.97 13.46 9.50
CA GLU A 98 -1.66 14.67 9.06
C GLU A 98 -0.82 15.42 8.02
N HIS A 99 -1.34 15.52 6.80
CA HIS A 99 -0.68 16.29 5.74
C HIS A 99 -0.91 17.79 5.99
N HIS A 100 -0.33 18.28 7.08
CA HIS A 100 -0.66 19.60 7.62
C HIS A 100 -0.09 20.75 6.77
N HIS A 101 -0.97 21.65 6.33
CA HIS A 101 -0.59 22.79 5.49
C HIS A 101 -1.38 24.05 5.87
N HIS A 102 -0.75 25.22 5.79
CA HIS A 102 -1.40 26.50 6.11
C HIS A 102 -2.62 26.75 5.20
N HIS A 103 -3.79 26.87 5.81
CA HIS A 103 -5.02 27.14 5.05
C HIS A 103 -5.15 28.64 4.74
N HIS A 104 -5.63 28.96 3.54
CA HIS A 104 -5.89 30.35 3.15
C HIS A 104 -7.39 30.69 3.36
N MET A 1 -3.18 3.09 18.04
CA MET A 1 -2.51 4.03 17.10
C MET A 1 -0.99 4.04 17.35
N ALA A 2 -0.20 3.84 16.29
CA ALA A 2 1.27 3.77 16.42
C ALA A 2 1.95 4.66 15.36
N LYS A 3 3.08 5.28 15.75
CA LYS A 3 3.84 6.15 14.84
C LYS A 3 5.31 6.34 15.30
N ALA A 4 5.86 5.35 16.00
CA ALA A 4 7.24 5.41 16.47
C ALA A 4 8.07 4.22 15.95
N GLN A 5 9.38 4.22 16.25
CA GLN A 5 10.30 3.14 15.84
C GLN A 5 10.49 3.10 14.31
N PRO A 6 11.53 2.37 13.82
CA PRO A 6 11.69 2.13 12.38
C PRO A 6 10.43 1.49 11.76
N ILE A 7 10.06 1.93 10.57
CA ILE A 7 8.83 1.45 9.92
C ILE A 7 8.97 -0.02 9.46
N GLU A 8 8.31 -0.93 10.16
CA GLU A 8 8.35 -2.36 9.83
C GLU A 8 7.11 -2.76 9.01
N ILE A 9 7.35 -3.34 7.83
CA ILE A 9 6.27 -3.87 6.99
C ILE A 9 6.68 -5.24 6.39
N ALA A 10 6.03 -6.30 6.87
CA ALA A 10 6.27 -7.67 6.35
C ALA A 10 7.73 -8.11 6.51
N GLY A 11 8.40 -7.60 7.55
CA GLY A 11 9.81 -7.96 7.78
C GLY A 11 10.79 -6.95 7.22
N HIS A 12 10.27 -5.93 6.52
CA HIS A 12 11.11 -4.87 5.96
C HIS A 12 11.15 -3.65 6.90
N GLU A 13 12.35 -3.15 7.16
CA GLU A 13 12.52 -2.00 8.06
C GLU A 13 12.94 -0.74 7.29
N PHE A 14 12.27 0.37 7.58
CA PHE A 14 12.53 1.64 6.89
C PHE A 14 12.92 2.75 7.88
N ALA A 15 13.87 3.59 7.48
CA ALA A 15 14.40 4.66 8.35
C ALA A 15 13.36 5.77 8.59
N ARG A 16 12.59 6.10 7.57
CA ARG A 16 11.58 7.15 7.67
C ARG A 16 10.27 6.76 6.95
N LYS A 17 9.20 7.50 7.21
CA LYS A 17 7.89 7.24 6.60
C LYS A 17 7.99 7.20 5.07
N ALA A 18 8.67 8.18 4.50
CA ALA A 18 8.84 8.28 3.05
C ALA A 18 9.62 7.09 2.47
N ASP A 19 10.47 6.47 3.29
CA ASP A 19 11.27 5.32 2.86
C ASP A 19 10.36 4.11 2.55
N ALA A 20 9.30 3.96 3.35
CA ALA A 20 8.31 2.90 3.14
C ALA A 20 7.43 3.18 1.91
N LEU A 21 6.93 4.41 1.81
CA LEU A 21 6.09 4.83 0.69
C LEU A 21 6.85 4.74 -0.65
N ALA A 22 8.09 5.24 -0.65
CA ALA A 22 8.94 5.20 -1.84
C ALA A 22 9.21 3.75 -2.29
N PHE A 23 9.41 2.84 -1.33
CA PHE A 23 9.61 1.43 -1.65
C PHE A 23 8.46 0.87 -2.49
N MET A 24 7.23 1.11 -2.04
CA MET A 24 6.03 0.70 -2.79
C MET A 24 5.97 1.38 -4.15
N LYS A 25 6.34 2.66 -4.19
CA LYS A 25 6.40 3.42 -5.45
C LYS A 25 7.38 2.77 -6.45
N VAL A 26 8.56 2.37 -5.95
CA VAL A 26 9.58 1.73 -6.79
C VAL A 26 9.04 0.47 -7.49
N MET A 27 8.55 -0.49 -6.70
CA MET A 27 8.02 -1.73 -7.27
C MET A 27 6.76 -1.47 -8.11
N LEU A 28 5.95 -0.50 -7.68
CA LEU A 28 4.77 -0.08 -8.46
C LEU A 28 5.18 0.34 -9.88
N ASN A 29 6.24 1.15 -9.96
CA ASN A 29 6.77 1.62 -11.25
C ASN A 29 7.59 0.52 -11.95
N ARG A 30 7.87 -0.57 -11.23
CA ARG A 30 8.56 -1.72 -11.81
C ARG A 30 7.58 -2.56 -12.65
N TYR A 31 6.36 -2.74 -12.15
CA TYR A 31 5.32 -3.48 -12.89
C TYR A 31 4.64 -2.58 -13.94
N ARG A 32 3.82 -3.18 -14.79
CA ARG A 32 3.03 -2.43 -15.79
C ARG A 32 1.55 -2.41 -15.40
N PRO A 33 0.80 -1.38 -15.84
CA PRO A 33 -0.66 -1.31 -15.61
C PRO A 33 -1.41 -2.49 -16.22
N GLY A 34 -1.35 -3.61 -15.52
CA GLY A 34 -2.03 -4.82 -15.95
C GLY A 34 -1.51 -6.09 -15.28
N ASP A 35 -0.30 -6.01 -14.70
CA ASP A 35 0.34 -7.17 -14.05
C ASP A 35 -0.14 -7.38 -12.60
N ILE A 36 0.00 -8.63 -12.14
CA ILE A 36 -0.25 -8.99 -10.74
C ILE A 36 1.05 -8.99 -9.94
N VAL A 37 1.03 -8.38 -8.76
CA VAL A 37 2.24 -8.28 -7.92
C VAL A 37 2.74 -9.67 -7.45
N SER A 38 4.07 -9.83 -7.46
CA SER A 38 4.71 -11.10 -7.04
C SER A 38 4.31 -11.52 -5.61
N THR A 39 4.59 -12.77 -5.28
CA THR A 39 4.20 -13.34 -3.97
C THR A 39 4.80 -12.56 -2.79
N VAL A 40 6.13 -12.42 -2.77
CA VAL A 40 6.82 -11.75 -1.66
C VAL A 40 6.43 -10.27 -1.56
N ASP A 41 6.49 -9.58 -2.70
CA ASP A 41 6.09 -8.16 -2.77
C ASP A 41 4.60 -7.97 -2.43
N GLY A 42 3.78 -8.94 -2.83
CA GLY A 42 2.36 -8.92 -2.49
C GLY A 42 2.11 -9.07 -1.00
N ALA A 43 2.87 -9.97 -0.36
CA ALA A 43 2.81 -10.14 1.09
C ALA A 43 3.16 -8.83 1.82
N PHE A 44 4.10 -8.09 1.25
CA PHE A 44 4.45 -6.75 1.75
C PHE A 44 3.22 -5.83 1.72
N LEU A 45 2.51 -5.83 0.60
CA LEU A 45 1.28 -5.04 0.43
C LEU A 45 0.18 -5.49 1.41
N VAL A 46 0.06 -6.79 1.63
CA VAL A 46 -0.92 -7.33 2.59
C VAL A 46 -0.71 -6.70 3.99
N GLU A 47 0.53 -6.70 4.46
CA GLU A 47 0.88 -6.05 5.73
C GLU A 47 0.68 -4.54 5.66
N ALA A 48 1.16 -3.92 4.58
CA ALA A 48 1.01 -2.48 4.37
C ALA A 48 -0.48 -2.06 4.40
N LEU A 49 -1.35 -2.96 3.96
CA LEU A 49 -2.80 -2.74 3.97
C LEU A 49 -3.39 -2.96 5.37
N LYS A 50 -3.19 -4.16 5.93
CA LYS A 50 -3.73 -4.52 7.25
C LYS A 50 -3.44 -3.47 8.34
N ARG A 51 -2.32 -2.77 8.20
CA ARG A 51 -1.90 -1.79 9.20
C ARG A 51 -2.52 -0.40 8.98
N HIS A 52 -3.63 -0.35 8.23
CA HIS A 52 -4.44 0.86 8.10
C HIS A 52 -5.80 0.68 8.79
N PRO A 53 -6.33 1.71 9.47
CA PRO A 53 -7.69 1.65 10.05
C PRO A 53 -8.76 1.50 8.96
N ASP A 54 -8.53 2.16 7.83
CA ASP A 54 -9.41 2.06 6.67
C ASP A 54 -9.00 0.88 5.76
N ALA A 55 -8.90 -0.31 6.33
CA ALA A 55 -8.51 -1.50 5.57
C ALA A 55 -9.52 -2.66 5.75
N THR A 56 -10.01 -2.84 6.98
CA THR A 56 -10.89 -3.97 7.33
C THR A 56 -12.00 -4.23 6.28
N SER A 57 -12.70 -3.17 5.88
CA SER A 57 -13.81 -3.29 4.91
C SER A 57 -13.27 -3.52 3.49
N LYS A 58 -12.06 -3.05 3.22
CA LYS A 58 -11.42 -3.23 1.92
C LYS A 58 -10.85 -4.65 1.77
N ILE A 59 -10.44 -5.25 2.88
CA ILE A 59 -9.93 -6.62 2.89
C ILE A 59 -11.07 -7.64 2.85
N GLY A 60 -12.08 -7.45 3.71
CA GLY A 60 -13.20 -8.37 3.78
C GLY A 60 -12.78 -9.77 4.25
N PRO A 61 -13.14 -10.84 3.53
CA PRO A 61 -12.76 -12.22 3.89
C PRO A 61 -11.28 -12.52 3.60
N GLY A 62 -10.60 -11.63 2.87
CA GLY A 62 -9.18 -11.82 2.56
C GLY A 62 -8.76 -11.28 1.20
N VAL A 63 -7.45 -11.13 1.01
CA VAL A 63 -6.89 -10.61 -0.24
C VAL A 63 -6.46 -11.77 -1.17
N ARG A 64 -6.99 -11.78 -2.39
CA ARG A 64 -6.66 -12.82 -3.36
C ARG A 64 -5.37 -12.45 -4.13
N ASN A 65 -5.33 -11.22 -4.66
CA ASN A 65 -4.14 -10.73 -5.37
C ASN A 65 -4.14 -9.21 -5.51
N PHE A 66 -2.96 -8.62 -5.67
CA PHE A 66 -2.83 -7.18 -5.94
C PHE A 66 -2.51 -6.93 -7.43
N GLU A 67 -3.31 -6.09 -8.08
CA GLU A 67 -3.09 -5.75 -9.49
C GLU A 67 -2.59 -4.30 -9.64
N VAL A 68 -1.61 -4.10 -10.52
CA VAL A 68 -1.13 -2.75 -10.83
C VAL A 68 -1.95 -2.14 -11.97
N ARG A 69 -2.58 -1.00 -11.71
CA ARG A 69 -3.44 -0.33 -12.69
C ARG A 69 -3.18 1.18 -12.72
N SER A 70 -3.53 1.84 -13.83
CA SER A 70 -3.33 3.29 -13.98
C SER A 70 -4.17 4.08 -12.97
N ALA A 71 -3.51 4.90 -12.15
CA ALA A 71 -4.20 5.65 -11.09
C ALA A 71 -4.95 6.88 -11.61
N ASP A 72 -4.21 7.96 -11.87
CA ASP A 72 -4.80 9.21 -12.32
C ASP A 72 -4.92 9.26 -13.85
N TYR A 73 -3.78 9.48 -14.52
CA TYR A 73 -3.71 9.46 -15.98
C TYR A 73 -2.48 8.66 -16.45
N GLY A 74 -1.31 9.28 -16.38
CA GLY A 74 -0.06 8.59 -16.68
C GLY A 74 0.66 8.12 -15.42
N THR A 75 -0.12 7.61 -14.46
CA THR A 75 0.42 7.14 -13.17
C THR A 75 -0.11 5.75 -12.81
N GLN A 76 0.40 5.17 -11.74
CA GLN A 76 0.04 3.80 -11.33
C GLN A 76 -0.48 3.72 -9.90
N CYS A 77 -1.23 2.67 -9.59
CA CYS A 77 -1.75 2.41 -8.23
C CYS A 77 -1.96 0.91 -8.00
N PHE A 78 -2.03 0.52 -6.73
CA PHE A 78 -2.29 -0.88 -6.36
C PHE A 78 -3.79 -1.15 -6.19
N TRP A 79 -4.26 -2.25 -6.76
CA TRP A 79 -5.66 -2.67 -6.62
C TRP A 79 -5.80 -3.98 -5.84
N ILE A 80 -6.61 -3.94 -4.79
CA ILE A 80 -6.88 -5.09 -3.93
C ILE A 80 -7.96 -6.00 -4.52
N LEU A 81 -7.55 -7.08 -5.17
CA LEU A 81 -8.49 -8.11 -5.64
C LEU A 81 -8.81 -9.07 -4.50
N ARG A 82 -9.97 -8.89 -3.88
CA ARG A 82 -10.37 -9.68 -2.71
C ARG A 82 -10.89 -11.07 -3.10
N THR A 83 -10.85 -12.00 -2.15
CA THR A 83 -11.49 -13.32 -2.32
C THR A 83 -13.00 -13.16 -2.37
N ASP A 84 -13.47 -12.02 -1.86
CA ASP A 84 -14.86 -11.58 -1.99
C ASP A 84 -15.25 -11.39 -3.47
N GLY A 85 -14.26 -11.21 -4.34
CA GLY A 85 -14.51 -11.00 -5.75
C GLY A 85 -14.38 -9.53 -6.14
N SER A 86 -14.89 -8.65 -5.28
CA SER A 86 -14.82 -7.20 -5.51
C SER A 86 -13.38 -6.70 -5.48
N GLU A 87 -13.07 -5.71 -6.33
CA GLU A 87 -11.75 -5.06 -6.31
C GLU A 87 -11.79 -3.73 -5.54
N GLU A 88 -10.64 -3.27 -5.09
CA GLU A 88 -10.53 -2.03 -4.32
C GLU A 88 -9.16 -1.36 -4.55
N ARG A 89 -8.99 -0.12 -4.08
CA ARG A 89 -7.72 0.59 -4.21
C ARG A 89 -7.43 1.44 -2.96
N PHE A 90 -6.16 1.80 -2.76
CA PHE A 90 -5.77 2.63 -1.62
C PHE A 90 -4.64 3.63 -1.98
N SER A 91 -4.90 4.92 -1.75
CA SER A 91 -3.91 5.97 -2.02
C SER A 91 -2.87 6.03 -0.87
N TYR A 92 -1.95 5.07 -0.87
CA TYR A 92 -0.98 4.91 0.23
C TYR A 92 -0.20 6.20 0.56
N LYS A 93 0.04 7.04 -0.44
CA LYS A 93 0.87 8.24 -0.26
C LYS A 93 0.16 9.33 0.57
N LYS A 94 -1.10 9.08 0.95
CA LYS A 94 -1.85 10.01 1.82
C LYS A 94 -1.98 9.46 3.25
N CYS A 95 -1.28 8.37 3.54
CA CYS A 95 -1.37 7.71 4.85
C CYS A 95 -0.22 8.11 5.78
N VAL A 96 0.14 9.40 5.75
CA VAL A 96 1.26 9.90 6.56
C VAL A 96 0.78 10.50 7.90
N LEU A 97 0.58 11.83 7.93
CA LEU A 97 0.19 12.56 9.15
C LEU A 97 -0.34 13.96 8.82
N GLU A 98 -1.16 14.51 9.70
CA GLU A 98 -1.75 15.85 9.49
C GLU A 98 -1.52 16.76 10.72
N HIS A 99 -2.03 16.34 11.88
CA HIS A 99 -1.95 17.15 13.11
C HIS A 99 -0.51 17.57 13.45
N HIS A 100 0.43 16.61 13.37
CA HIS A 100 1.83 16.89 13.70
C HIS A 100 2.48 17.89 12.72
N HIS A 101 1.75 18.21 11.64
CA HIS A 101 2.19 19.16 10.58
C HIS A 101 3.58 18.83 9.98
N HIS A 102 3.82 19.32 8.77
CA HIS A 102 5.09 19.10 8.07
C HIS A 102 5.21 20.00 6.82
N HIS A 103 5.54 21.27 7.06
CA HIS A 103 5.72 22.26 5.98
C HIS A 103 6.13 23.62 6.53
N HIS A 104 6.65 24.49 5.66
CA HIS A 104 6.92 25.88 6.01
C HIS A 104 6.22 26.84 5.03
N MET A 1 16.76 0.36 21.99
CA MET A 1 18.10 1.02 21.98
C MET A 1 17.99 2.55 21.83
N ALA A 2 17.38 3.01 20.73
CA ALA A 2 17.25 4.45 20.47
C ALA A 2 15.83 4.82 20.00
N LYS A 3 15.50 6.11 20.05
CA LYS A 3 14.19 6.58 19.61
C LYS A 3 14.07 6.50 18.06
N ALA A 4 13.42 5.44 17.58
CA ALA A 4 13.22 5.24 16.15
C ALA A 4 11.97 4.38 15.89
N GLN A 5 11.22 4.73 14.85
CA GLN A 5 9.99 3.98 14.49
C GLN A 5 10.17 3.23 13.16
N PRO A 6 10.56 1.94 13.19
CA PRO A 6 10.73 1.12 12.00
C PRO A 6 9.43 0.45 11.54
N ILE A 7 8.93 0.84 10.36
CA ILE A 7 7.74 0.24 9.79
C ILE A 7 8.05 -1.15 9.23
N GLU A 8 7.80 -2.18 10.03
CA GLU A 8 8.13 -3.56 9.67
C GLU A 8 6.93 -4.29 9.05
N ILE A 9 6.91 -4.39 7.73
CA ILE A 9 5.79 -5.01 7.01
C ILE A 9 6.18 -6.34 6.35
N ALA A 10 5.57 -7.42 6.80
CA ALA A 10 5.78 -8.77 6.22
C ALA A 10 7.26 -9.18 6.25
N GLY A 11 7.99 -8.72 7.26
CA GLY A 11 9.42 -9.05 7.37
C GLY A 11 10.32 -7.92 6.88
N HIS A 12 9.77 -6.99 6.12
CA HIS A 12 10.54 -5.84 5.62
C HIS A 12 10.53 -4.70 6.65
N GLU A 13 11.64 -4.52 7.35
CA GLU A 13 11.76 -3.50 8.39
C GLU A 13 12.30 -2.17 7.84
N PHE A 14 11.39 -1.23 7.57
CA PHE A 14 11.78 0.11 7.08
C PHE A 14 11.98 1.08 8.24
N ALA A 15 13.21 1.54 8.44
CA ALA A 15 13.53 2.45 9.54
C ALA A 15 12.92 3.86 9.35
N ARG A 16 12.12 4.04 8.30
CA ARG A 16 11.51 5.33 8.00
C ARG A 16 10.36 5.18 6.99
N LYS A 17 9.31 5.98 7.16
CA LYS A 17 8.16 5.98 6.24
C LYS A 17 8.60 6.24 4.80
N ALA A 18 9.48 7.22 4.63
CA ALA A 18 10.04 7.57 3.30
C ALA A 18 10.76 6.36 2.67
N ASP A 19 11.44 5.57 3.49
CA ASP A 19 12.13 4.37 3.02
C ASP A 19 11.11 3.33 2.52
N ALA A 20 10.02 3.16 3.27
CA ALA A 20 8.92 2.29 2.85
C ALA A 20 8.31 2.75 1.52
N LEU A 21 8.07 4.06 1.40
CA LEU A 21 7.52 4.65 0.17
C LEU A 21 8.44 4.38 -1.03
N ALA A 22 9.75 4.55 -0.84
CA ALA A 22 10.73 4.26 -1.88
C ALA A 22 10.63 2.81 -2.34
N PHE A 23 10.70 1.87 -1.40
CA PHE A 23 10.58 0.44 -1.70
C PHE A 23 9.29 0.14 -2.49
N MET A 24 8.16 0.63 -1.99
CA MET A 24 6.87 0.46 -2.67
C MET A 24 6.91 1.01 -4.10
N LYS A 25 7.45 2.21 -4.25
CA LYS A 25 7.56 2.87 -5.56
C LYS A 25 8.46 2.05 -6.50
N VAL A 26 9.56 1.51 -5.97
CA VAL A 26 10.49 0.70 -6.77
C VAL A 26 9.79 -0.53 -7.38
N MET A 27 9.14 -1.34 -6.54
CA MET A 27 8.43 -2.53 -7.02
C MET A 27 7.17 -2.14 -7.83
N LEU A 28 6.60 -0.97 -7.51
CA LEU A 28 5.47 -0.42 -8.27
C LEU A 28 5.85 -0.18 -9.74
N ASN A 29 7.07 0.36 -9.94
CA ASN A 29 7.61 0.59 -11.28
C ASN A 29 8.30 -0.66 -11.85
N ARG A 30 8.45 -1.69 -11.02
CA ARG A 30 8.93 -3.00 -11.49
C ARG A 30 7.82 -3.72 -12.27
N TYR A 31 6.63 -3.79 -11.67
CA TYR A 31 5.45 -4.34 -12.36
C TYR A 31 4.95 -3.38 -13.44
N ARG A 32 4.54 -3.94 -14.56
CA ARG A 32 3.98 -3.16 -15.67
C ARG A 32 2.46 -2.95 -15.48
N PRO A 33 1.87 -1.93 -16.14
CA PRO A 33 0.44 -1.57 -15.99
C PRO A 33 -0.56 -2.74 -16.19
N GLY A 34 -0.06 -3.94 -16.52
CA GLY A 34 -0.94 -5.11 -16.67
C GLY A 34 -0.44 -6.33 -15.92
N ASP A 35 0.47 -6.13 -14.96
CA ASP A 35 1.04 -7.25 -14.19
C ASP A 35 0.38 -7.40 -12.82
N ILE A 36 -0.05 -8.62 -12.51
CA ILE A 36 -0.59 -8.96 -11.19
C ILE A 36 0.55 -9.20 -10.20
N VAL A 37 0.43 -8.61 -9.01
CA VAL A 37 1.44 -8.74 -7.95
C VAL A 37 1.54 -10.19 -7.43
N SER A 38 2.77 -10.67 -7.25
CA SER A 38 3.02 -12.05 -6.78
C SER A 38 2.49 -12.28 -5.36
N THR A 39 2.51 -13.53 -4.92
CA THR A 39 1.98 -13.89 -3.59
C THR A 39 2.83 -13.30 -2.46
N VAL A 40 4.15 -13.25 -2.66
CA VAL A 40 5.07 -12.67 -1.67
C VAL A 40 4.86 -11.15 -1.54
N ASP A 41 5.08 -10.44 -2.64
CA ASP A 41 4.86 -8.99 -2.69
C ASP A 41 3.40 -8.63 -2.32
N GLY A 42 2.48 -9.49 -2.74
CA GLY A 42 1.07 -9.33 -2.38
C GLY A 42 0.84 -9.41 -0.88
N ALA A 43 1.41 -10.43 -0.24
CA ALA A 43 1.33 -10.59 1.22
C ALA A 43 1.85 -9.34 1.94
N PHE A 44 2.94 -8.78 1.41
CA PHE A 44 3.47 -7.51 1.90
C PHE A 44 2.39 -6.41 1.89
N LEU A 45 1.70 -6.30 0.76
CA LEU A 45 0.60 -5.34 0.62
C LEU A 45 -0.58 -5.67 1.55
N VAL A 46 -0.84 -6.96 1.77
CA VAL A 46 -1.90 -7.39 2.68
C VAL A 46 -1.62 -6.93 4.12
N GLU A 47 -0.36 -7.07 4.56
CA GLU A 47 0.08 -6.56 5.87
C GLU A 47 0.05 -5.03 5.88
N ALA A 48 0.51 -4.42 4.80
CA ALA A 48 0.47 -2.96 4.65
C ALA A 48 -0.97 -2.44 4.63
N LEU A 49 -1.91 -3.31 4.24
CA LEU A 49 -3.34 -2.97 4.22
C LEU A 49 -3.94 -3.08 5.64
N LYS A 50 -3.50 -4.07 6.41
CA LYS A 50 -3.98 -4.25 7.79
C LYS A 50 -3.68 -3.02 8.68
N ARG A 51 -2.70 -2.22 8.27
CA ARG A 51 -2.32 -1.01 9.04
C ARG A 51 -3.23 0.20 8.68
N HIS A 52 -4.45 -0.09 8.25
CA HIS A 52 -5.42 0.97 7.90
C HIS A 52 -6.72 0.81 8.71
N PRO A 53 -7.38 1.92 9.07
CA PRO A 53 -8.73 1.87 9.68
C PRO A 53 -9.76 1.31 8.70
N ASP A 54 -9.39 1.30 7.42
CA ASP A 54 -10.22 0.78 6.33
C ASP A 54 -9.81 -0.67 5.96
N ALA A 55 -8.99 -1.30 6.80
CA ALA A 55 -8.41 -2.62 6.50
C ALA A 55 -9.47 -3.64 6.05
N THR A 56 -10.21 -4.22 7.00
CA THR A 56 -11.18 -5.27 6.69
C THR A 56 -12.31 -4.76 5.78
N SER A 57 -12.54 -3.45 5.80
CA SER A 57 -13.52 -2.83 4.91
C SER A 57 -13.12 -2.97 3.44
N LYS A 58 -11.89 -2.60 3.12
CA LYS A 58 -11.37 -2.71 1.75
C LYS A 58 -11.14 -4.18 1.37
N ILE A 59 -10.77 -5.00 2.36
CA ILE A 59 -10.63 -6.45 2.16
C ILE A 59 -12.00 -7.08 1.83
N GLY A 60 -13.05 -6.63 2.52
CA GLY A 60 -14.38 -7.19 2.33
C GLY A 60 -14.45 -8.67 2.72
N PRO A 61 -14.80 -9.56 1.77
CA PRO A 61 -14.78 -11.01 2.01
C PRO A 61 -13.34 -11.53 2.22
N GLY A 62 -12.44 -11.11 1.34
CA GLY A 62 -11.05 -11.55 1.41
C GLY A 62 -10.22 -11.06 0.22
N VAL A 63 -8.90 -10.94 0.42
CA VAL A 63 -8.00 -10.49 -0.65
C VAL A 63 -7.57 -11.67 -1.54
N ARG A 64 -7.77 -11.53 -2.84
CA ARG A 64 -7.37 -12.56 -3.81
C ARG A 64 -5.96 -12.27 -4.36
N ASN A 65 -5.76 -11.02 -4.81
CA ASN A 65 -4.45 -10.58 -5.31
C ASN A 65 -4.39 -9.04 -5.39
N PHE A 66 -3.30 -8.52 -5.93
CA PHE A 66 -3.14 -7.09 -6.18
C PHE A 66 -2.70 -6.83 -7.62
N GLU A 67 -3.09 -5.69 -8.17
CA GLU A 67 -2.68 -5.31 -9.53
C GLU A 67 -1.97 -3.95 -9.54
N VAL A 68 -0.94 -3.82 -10.37
CA VAL A 68 -0.24 -2.56 -10.54
C VAL A 68 -0.69 -1.86 -11.84
N ARG A 69 -1.56 -0.87 -11.71
CA ARG A 69 -2.11 -0.15 -12.87
C ARG A 69 -1.91 1.36 -12.75
N SER A 70 -1.71 2.02 -13.90
CA SER A 70 -1.61 3.48 -13.95
C SER A 70 -3.01 4.12 -13.84
N ALA A 71 -3.15 5.08 -12.93
CA ALA A 71 -4.45 5.70 -12.67
C ALA A 71 -4.49 7.19 -13.02
N ASP A 72 -3.80 8.01 -12.22
CA ASP A 72 -3.83 9.47 -12.40
C ASP A 72 -2.85 9.92 -13.50
N TYR A 73 -2.58 11.22 -13.57
CA TYR A 73 -1.66 11.79 -14.58
C TYR A 73 -0.24 11.19 -14.45
N GLY A 74 -0.02 10.05 -15.08
CA GLY A 74 1.31 9.43 -15.10
C GLY A 74 1.73 8.84 -13.74
N THR A 75 0.77 8.36 -12.95
CA THR A 75 1.07 7.75 -11.65
C THR A 75 0.39 6.37 -11.51
N GLN A 76 1.08 5.44 -10.86
CA GLN A 76 0.56 4.09 -10.63
C GLN A 76 -0.03 3.94 -9.22
N CYS A 77 -0.81 2.88 -9.02
CA CYS A 77 -1.37 2.55 -7.70
C CYS A 77 -1.52 1.05 -7.51
N PHE A 78 -1.46 0.59 -6.27
CA PHE A 78 -1.70 -0.83 -5.94
C PHE A 78 -3.19 -1.10 -5.76
N TRP A 79 -3.77 -1.89 -6.66
CA TRP A 79 -5.20 -2.21 -6.63
C TRP A 79 -5.48 -3.48 -5.81
N ILE A 80 -6.38 -3.37 -4.84
CA ILE A 80 -6.79 -4.50 -4.01
C ILE A 80 -7.88 -5.34 -4.71
N LEU A 81 -7.49 -6.50 -5.25
CA LEU A 81 -8.46 -7.38 -5.89
C LEU A 81 -9.12 -8.33 -4.88
N ARG A 82 -10.34 -7.99 -4.47
CA ARG A 82 -11.13 -8.86 -3.60
C ARG A 82 -11.47 -10.18 -4.30
N THR A 83 -11.67 -11.25 -3.54
CA THR A 83 -12.18 -12.51 -4.09
C THR A 83 -13.54 -12.28 -4.76
N ASP A 84 -14.28 -11.33 -4.20
CA ASP A 84 -15.56 -10.85 -4.75
C ASP A 84 -15.40 -10.34 -6.20
N GLY A 85 -14.22 -9.81 -6.53
CA GLY A 85 -13.98 -9.26 -7.87
C GLY A 85 -13.77 -7.75 -7.86
N SER A 86 -14.48 -7.04 -6.99
CA SER A 86 -14.34 -5.58 -6.86
C SER A 86 -12.92 -5.17 -6.42
N GLU A 87 -12.43 -4.05 -6.96
CA GLU A 87 -11.08 -3.56 -6.65
C GLU A 87 -11.10 -2.18 -5.99
N GLU A 88 -10.02 -1.84 -5.28
CA GLU A 88 -9.89 -0.54 -4.62
C GLU A 88 -8.41 -0.09 -4.64
N ARG A 89 -8.17 1.20 -4.89
CA ARG A 89 -6.81 1.72 -5.01
C ARG A 89 -6.37 2.54 -3.78
N PHE A 90 -5.54 1.95 -2.93
CA PHE A 90 -5.07 2.65 -1.73
C PHE A 90 -3.76 3.42 -1.98
N SER A 91 -3.73 4.69 -1.58
CA SER A 91 -2.52 5.51 -1.72
C SER A 91 -1.54 5.26 -0.58
N TYR A 92 -0.49 4.48 -0.88
CA TYR A 92 0.54 4.14 0.10
C TYR A 92 1.20 5.39 0.74
N LYS A 93 1.25 6.50 0.00
CA LYS A 93 1.89 7.73 0.49
C LYS A 93 0.95 8.54 1.41
N LYS A 94 -0.35 8.43 1.20
CA LYS A 94 -1.35 9.07 2.08
C LYS A 94 -1.40 8.37 3.45
N CYS A 95 -0.77 7.20 3.54
CA CYS A 95 -0.80 6.39 4.76
C CYS A 95 0.25 6.87 5.77
N VAL A 96 0.10 8.13 6.19
CA VAL A 96 0.96 8.71 7.23
C VAL A 96 0.10 9.35 8.33
N LEU A 97 -0.26 10.63 8.13
CA LEU A 97 -1.12 11.41 9.04
C LEU A 97 -1.59 12.67 8.32
N GLU A 98 -2.68 13.27 8.77
CA GLU A 98 -3.13 14.56 8.23
C GLU A 98 -2.47 15.72 8.98
N HIS A 99 -1.62 16.47 8.28
CA HIS A 99 -0.84 17.55 8.89
C HIS A 99 -1.74 18.56 9.64
N HIS A 100 -1.33 18.93 10.85
CA HIS A 100 -2.11 19.85 11.70
C HIS A 100 -2.44 21.17 10.97
N HIS A 101 -3.64 21.69 11.24
CA HIS A 101 -4.18 22.83 10.49
C HIS A 101 -3.74 24.19 11.09
N HIS A 102 -3.47 25.15 10.20
CA HIS A 102 -3.11 26.52 10.63
C HIS A 102 -4.37 27.39 10.87
N HIS A 103 -5.52 26.73 11.08
CA HIS A 103 -6.78 27.45 11.32
C HIS A 103 -6.92 27.84 12.79
N HIS A 104 -6.58 29.08 13.12
CA HIS A 104 -6.73 29.60 14.48
C HIS A 104 -8.09 30.29 14.66
N MET A 1 6.98 2.77 26.43
CA MET A 1 8.01 3.82 26.21
C MET A 1 7.57 4.84 25.16
N ALA A 2 6.89 4.37 24.12
CA ALA A 2 6.39 5.23 23.03
C ALA A 2 7.50 6.09 22.41
N LYS A 3 8.26 5.51 21.48
CA LYS A 3 9.35 6.22 20.80
C LYS A 3 9.24 6.09 19.27
N ALA A 4 9.86 7.02 18.55
CA ALA A 4 9.91 6.97 17.09
C ALA A 4 10.92 5.93 16.61
N GLN A 5 10.44 4.94 15.85
CA GLN A 5 11.28 3.85 15.37
C GLN A 5 10.92 3.45 13.92
N PRO A 6 11.82 2.75 13.21
CA PRO A 6 11.57 2.29 11.83
C PRO A 6 10.23 1.55 11.65
N ILE A 7 9.49 1.95 10.61
CA ILE A 7 8.20 1.32 10.29
C ILE A 7 8.43 -0.04 9.61
N GLU A 8 8.14 -1.12 10.34
CA GLU A 8 8.35 -2.48 9.83
C GLU A 8 7.09 -3.01 9.11
N ILE A 9 7.24 -3.38 7.83
CA ILE A 9 6.14 -3.92 7.03
C ILE A 9 6.57 -5.18 6.27
N ALA A 10 5.95 -6.32 6.58
CA ALA A 10 6.20 -7.59 5.87
C ALA A 10 7.67 -8.05 5.96
N GLY A 11 8.37 -7.65 7.02
CA GLY A 11 9.77 -8.02 7.20
C GLY A 11 10.75 -6.94 6.74
N HIS A 12 10.21 -5.82 6.26
CA HIS A 12 11.04 -4.71 5.78
C HIS A 12 10.85 -3.47 6.66
N GLU A 13 11.87 -3.09 7.42
CA GLU A 13 11.79 -1.91 8.29
C GLU A 13 12.28 -0.65 7.56
N PHE A 14 11.53 0.45 7.72
CA PHE A 14 11.88 1.73 7.09
C PHE A 14 12.18 2.81 8.15
N ALA A 15 13.41 3.32 8.15
CA ALA A 15 13.88 4.27 9.19
C ALA A 15 12.96 5.51 9.32
N ARG A 16 12.28 5.87 8.24
CA ARG A 16 11.37 7.04 8.24
C ARG A 16 10.08 6.74 7.46
N LYS A 17 9.02 7.45 7.81
CA LYS A 17 7.68 7.27 7.20
C LYS A 17 7.76 7.27 5.66
N ALA A 18 8.45 8.27 5.11
CA ALA A 18 8.56 8.46 3.66
C ALA A 18 9.31 7.31 2.96
N ASP A 19 10.17 6.61 3.70
CA ASP A 19 10.99 5.53 3.11
C ASP A 19 10.09 4.38 2.62
N ALA A 20 9.02 4.09 3.37
CA ALA A 20 8.04 3.09 2.97
C ALA A 20 7.33 3.50 1.68
N LEU A 21 7.02 4.79 1.57
CA LEU A 21 6.39 5.35 0.37
C LEU A 21 7.34 5.25 -0.83
N ALA A 22 8.62 5.48 -0.59
CA ALA A 22 9.66 5.36 -1.62
C ALA A 22 9.75 3.92 -2.15
N PHE A 23 9.67 2.94 -1.24
CA PHE A 23 9.68 1.51 -1.60
C PHE A 23 8.47 1.16 -2.49
N MET A 24 7.27 1.52 -2.03
CA MET A 24 6.05 1.30 -2.81
C MET A 24 6.10 1.95 -4.20
N LYS A 25 6.93 2.98 -4.36
CA LYS A 25 7.19 3.54 -5.70
C LYS A 25 8.04 2.57 -6.53
N VAL A 26 9.14 2.08 -5.96
CA VAL A 26 10.05 1.14 -6.64
C VAL A 26 9.29 -0.08 -7.17
N MET A 27 8.59 -0.77 -6.28
CA MET A 27 7.78 -1.93 -6.65
C MET A 27 6.71 -1.57 -7.71
N LEU A 28 6.15 -0.36 -7.58
CA LEU A 28 5.14 0.12 -8.54
C LEU A 28 5.73 0.38 -9.93
N ASN A 29 6.95 0.93 -9.96
CA ASN A 29 7.64 1.24 -11.21
C ASN A 29 8.26 -0.03 -11.83
N ARG A 30 8.39 -1.07 -11.01
CA ARG A 30 8.85 -2.39 -11.47
C ARG A 30 7.83 -3.03 -12.43
N TYR A 31 6.54 -2.86 -12.13
CA TYR A 31 5.48 -3.45 -12.97
C TYR A 31 4.98 -2.47 -14.04
N ARG A 32 4.32 -3.01 -15.05
CA ARG A 32 3.67 -2.19 -16.08
C ARG A 32 2.15 -2.09 -15.79
N PRO A 33 1.42 -1.14 -16.40
CA PRO A 33 -0.02 -0.93 -16.12
C PRO A 33 -0.94 -2.10 -16.53
N GLY A 34 -0.38 -3.29 -16.68
CA GLY A 34 -1.20 -4.47 -16.97
C GLY A 34 -0.71 -5.73 -16.26
N ASP A 35 0.23 -5.57 -15.32
CA ASP A 35 0.79 -6.72 -14.60
C ASP A 35 0.11 -6.96 -13.24
N ILE A 36 0.28 -8.16 -12.69
CA ILE A 36 -0.22 -8.51 -11.36
C ILE A 36 0.93 -8.54 -10.35
N VAL A 37 0.72 -7.90 -9.20
CA VAL A 37 1.74 -7.84 -8.16
C VAL A 37 2.12 -9.25 -7.66
N SER A 38 3.39 -9.60 -7.80
CA SER A 38 3.88 -10.93 -7.41
C SER A 38 3.70 -11.22 -5.91
N THR A 39 3.99 -12.44 -5.50
CA THR A 39 3.74 -12.92 -4.14
C THR A 39 4.41 -12.05 -3.06
N VAL A 40 5.73 -11.86 -3.16
CA VAL A 40 6.48 -11.08 -2.17
C VAL A 40 5.95 -9.65 -2.05
N ASP A 41 5.99 -8.91 -3.17
CA ASP A 41 5.47 -7.54 -3.23
C ASP A 41 4.01 -7.47 -2.75
N GLY A 42 3.22 -8.48 -3.10
CA GLY A 42 1.84 -8.56 -2.65
C GLY A 42 1.72 -8.69 -1.13
N ALA A 43 2.51 -9.58 -0.55
CA ALA A 43 2.53 -9.76 0.92
C ALA A 43 2.78 -8.43 1.64
N PHE A 44 3.66 -7.61 1.05
CA PHE A 44 3.94 -6.26 1.57
C PHE A 44 2.68 -5.38 1.51
N LEU A 45 2.04 -5.35 0.33
CA LEU A 45 0.80 -4.57 0.14
C LEU A 45 -0.32 -5.03 1.08
N VAL A 46 -0.36 -6.33 1.39
CA VAL A 46 -1.34 -6.85 2.35
C VAL A 46 -1.21 -6.16 3.72
N GLU A 47 0.01 -6.14 4.25
CA GLU A 47 0.28 -5.48 5.54
C GLU A 47 0.07 -3.97 5.44
N ALA A 48 0.48 -3.39 4.30
CA ALA A 48 0.27 -1.96 4.04
C ALA A 48 -1.23 -1.61 4.10
N LEU A 49 -2.06 -2.51 3.58
CA LEU A 49 -3.52 -2.37 3.67
C LEU A 49 -3.99 -2.56 5.12
N LYS A 50 -3.65 -3.70 5.71
CA LYS A 50 -4.09 -4.08 7.08
C LYS A 50 -3.82 -2.97 8.11
N ARG A 51 -2.70 -2.25 7.98
CA ARG A 51 -2.32 -1.22 8.95
C ARG A 51 -3.24 0.02 8.86
N HIS A 52 -4.23 -0.03 7.98
CA HIS A 52 -5.27 1.01 7.90
C HIS A 52 -6.51 0.60 8.72
N PRO A 53 -7.05 1.51 9.54
CA PRO A 53 -8.17 1.22 10.47
C PRO A 53 -9.47 0.78 9.75
N ASP A 54 -9.52 0.96 8.43
CA ASP A 54 -10.70 0.58 7.64
C ASP A 54 -10.36 -0.43 6.53
N ALA A 55 -9.31 -1.21 6.75
CA ALA A 55 -8.92 -2.25 5.80
C ALA A 55 -9.89 -3.44 5.85
N THR A 56 -10.11 -3.96 7.06
CA THR A 56 -11.00 -5.13 7.28
C THR A 56 -12.33 -5.03 6.51
N SER A 57 -12.97 -3.86 6.56
CA SER A 57 -14.25 -3.63 5.84
C SER A 57 -14.11 -3.90 4.34
N LYS A 58 -12.95 -3.54 3.77
CA LYS A 58 -12.71 -3.70 2.34
C LYS A 58 -11.85 -4.95 2.03
N ILE A 59 -11.57 -5.75 3.05
CA ILE A 59 -10.91 -7.06 2.86
C ILE A 59 -11.97 -8.14 2.62
N GLY A 60 -13.01 -8.12 3.46
CA GLY A 60 -14.17 -9.01 3.28
C GLY A 60 -13.83 -10.50 3.24
N PRO A 61 -14.11 -11.19 2.10
CA PRO A 61 -13.94 -12.65 1.97
C PRO A 61 -12.46 -13.09 1.85
N GLY A 62 -11.55 -12.12 1.78
CA GLY A 62 -10.12 -12.47 1.70
C GLY A 62 -9.43 -11.83 0.50
N VAL A 63 -8.09 -11.89 0.49
CA VAL A 63 -7.28 -11.29 -0.58
C VAL A 63 -7.08 -12.25 -1.77
N ARG A 64 -7.59 -11.86 -2.94
CA ARG A 64 -7.34 -12.61 -4.17
C ARG A 64 -5.93 -12.27 -4.70
N ASN A 65 -5.71 -11.00 -5.02
CA ASN A 65 -4.37 -10.49 -5.36
C ASN A 65 -4.36 -8.96 -5.45
N PHE A 66 -3.23 -8.40 -5.88
CA PHE A 66 -3.12 -6.96 -6.13
C PHE A 66 -2.75 -6.71 -7.61
N GLU A 67 -3.48 -5.81 -8.25
CA GLU A 67 -3.26 -5.52 -9.67
C GLU A 67 -2.58 -4.14 -9.87
N VAL A 68 -1.72 -4.06 -10.89
CA VAL A 68 -1.06 -2.81 -11.24
C VAL A 68 -1.77 -2.18 -12.46
N ARG A 69 -2.68 -1.25 -12.20
CA ARG A 69 -3.53 -0.69 -13.26
C ARG A 69 -3.08 0.74 -13.65
N SER A 70 -3.47 1.16 -14.87
CA SER A 70 -3.07 2.47 -15.42
C SER A 70 -3.48 3.65 -14.52
N ALA A 71 -2.67 4.70 -14.53
CA ALA A 71 -2.96 5.92 -13.77
C ALA A 71 -2.51 7.19 -14.53
N ASP A 72 -3.31 8.25 -14.45
CA ASP A 72 -3.03 9.50 -15.17
C ASP A 72 -1.77 10.22 -14.62
N TYR A 73 -1.27 9.74 -13.50
CA TYR A 73 -0.13 10.38 -12.81
C TYR A 73 1.22 10.00 -13.45
N GLY A 74 1.18 9.36 -14.62
CA GLY A 74 2.40 8.90 -15.27
C GLY A 74 2.83 7.52 -14.80
N THR A 75 2.60 7.24 -13.52
CA THR A 75 2.85 5.91 -12.95
C THR A 75 1.59 5.03 -13.03
N GLN A 76 1.55 3.95 -12.24
CA GLN A 76 0.36 3.10 -12.16
C GLN A 76 -0.27 3.18 -10.76
N CYS A 77 -1.25 2.33 -10.49
CA CYS A 77 -1.89 2.27 -9.16
C CYS A 77 -2.16 0.83 -8.73
N PHE A 78 -2.06 0.57 -7.43
CA PHE A 78 -2.35 -0.76 -6.87
C PHE A 78 -3.85 -0.94 -6.61
N TRP A 79 -4.41 -2.04 -7.10
CA TRP A 79 -5.82 -2.36 -6.91
C TRP A 79 -6.03 -3.61 -6.04
N ILE A 80 -6.96 -3.51 -5.11
CA ILE A 80 -7.31 -4.60 -4.20
C ILE A 80 -8.37 -5.53 -4.83
N LEU A 81 -7.94 -6.70 -5.28
CA LEU A 81 -8.86 -7.69 -5.85
C LEU A 81 -9.46 -8.59 -4.76
N ARG A 82 -10.78 -8.71 -4.75
CA ARG A 82 -11.49 -9.56 -3.79
C ARG A 82 -11.94 -10.87 -4.44
N THR A 83 -11.90 -11.96 -3.69
CA THR A 83 -12.37 -13.27 -4.19
C THR A 83 -13.82 -13.19 -4.69
N ASP A 84 -14.62 -12.35 -4.03
CA ASP A 84 -15.99 -12.09 -4.43
C ASP A 84 -16.09 -11.60 -5.88
N GLY A 85 -15.44 -10.48 -6.19
CA GLY A 85 -15.50 -9.90 -7.53
C GLY A 85 -15.38 -8.38 -7.53
N SER A 86 -15.86 -7.74 -6.47
CA SER A 86 -15.79 -6.27 -6.35
C SER A 86 -14.37 -5.80 -6.00
N GLU A 87 -13.70 -5.12 -6.93
CA GLU A 87 -12.35 -4.60 -6.67
C GLU A 87 -12.39 -3.14 -6.15
N GLU A 88 -11.35 -2.77 -5.40
CA GLU A 88 -11.24 -1.43 -4.81
C GLU A 88 -9.81 -0.90 -4.95
N ARG A 89 -9.63 0.42 -4.86
CA ARG A 89 -8.29 1.04 -4.94
C ARG A 89 -7.93 1.72 -3.61
N PHE A 90 -6.62 1.88 -3.36
CA PHE A 90 -6.16 2.59 -2.17
C PHE A 90 -4.93 3.47 -2.47
N SER A 91 -5.04 4.77 -2.21
CA SER A 91 -3.92 5.70 -2.40
C SER A 91 -2.87 5.51 -1.30
N TYR A 92 -1.83 4.72 -1.60
CA TYR A 92 -0.79 4.38 -0.63
C TYR A 92 -0.12 5.63 -0.02
N LYS A 93 -0.10 6.74 -0.76
CA LYS A 93 0.53 7.98 -0.28
C LYS A 93 -0.29 8.66 0.83
N LYS A 94 -1.60 8.37 0.88
CA LYS A 94 -2.46 8.89 1.96
C LYS A 94 -2.47 7.94 3.17
N CYS A 95 -1.29 7.77 3.76
CA CYS A 95 -1.14 6.95 4.97
C CYS A 95 -0.11 7.56 5.94
N VAL A 96 0.27 8.81 5.68
CA VAL A 96 1.29 9.49 6.48
C VAL A 96 0.70 10.08 7.78
N LEU A 97 0.25 11.33 7.72
CA LEU A 97 -0.26 12.05 8.90
C LEU A 97 -1.33 13.07 8.52
N GLU A 98 -2.22 13.35 9.46
CA GLU A 98 -3.21 14.42 9.31
C GLU A 98 -2.91 15.55 10.33
N HIS A 99 -1.97 16.42 9.95
CA HIS A 99 -1.47 17.47 10.86
C HIS A 99 -2.13 18.83 10.59
N HIS A 100 -2.67 19.46 11.63
CA HIS A 100 -3.38 20.76 11.49
C HIS A 100 -2.40 21.95 11.33
N HIS A 101 -1.37 21.76 10.53
CA HIS A 101 -0.41 22.82 10.22
C HIS A 101 0.45 22.36 9.03
N HIS A 102 0.14 22.88 7.84
CA HIS A 102 0.76 22.40 6.60
C HIS A 102 2.18 22.96 6.39
N HIS A 103 2.89 22.34 5.45
CA HIS A 103 4.21 22.81 5.05
C HIS A 103 4.09 23.79 3.87
N HIS A 104 5.23 24.31 3.40
CA HIS A 104 5.24 25.20 2.23
C HIS A 104 6.11 24.62 1.09
#